data_3QN3
#
_entry.id   3QN3
#
_cell.length_a   120.470
_cell.length_b   148.886
_cell.length_c   234.719
_cell.angle_alpha   90.000
_cell.angle_beta   90.000
_cell.angle_gamma   90.000
#
_symmetry.space_group_name_H-M   'I 2 2 2'
#
loop_
_entity.id
_entity.type
_entity.pdbx_description
1 polymer Enolase
2 non-polymer 'MAGNESIUM ION'
3 non-polymer (4S)-2-METHYL-2,4-PENTANEDIOL
4 non-polymer GLYCEROL
5 non-polymer 'SULFATE ION'
6 water water
#
_entity_poly.entity_id   1
_entity_poly.type   'polypeptide(L)'
_entity_poly.pdbx_seq_one_letter_code
;SNAMLVIEDVRAYEVLDSRGNPTVKAEVTLSDGSVGAAIVPSGASTGSKEALELRDNDERFGGKGVLKAVANVNETIADE
ILGLDAFNQTQLDDTLRELDGTNNYSNLGANATLGVSMATARAAAAALGMPLYRYLGGANASILPVPMCNIINGGAHANN
NVDFQEFMIMPFGFTSFKEALRSVCEIYAILKKELANSGHSTALGDEGGFAPNLANNTEPIDLLMTCIKKAGYENRVKIA
LDVASTEFFKDGKYHMEGKAFSSEALIERYVELCAKYPICSIEDGLAENDFEGWIKLTEKLGNKIQLVGDDLFVTNEDIL
REGIIKKMANAVLIKPNQIGTITQTMRTVRLAQRNNYKCVMSHRSGESEDAFIADFAVALNTGQIKTGALARGERTAKYN
RLLEIEFESDEYLGEKL
;
_entity_poly.pdbx_strand_id   A,B,C,D
#
loop_
_chem_comp.id
_chem_comp.type
_chem_comp.name
_chem_comp.formula
GOL non-polymer GLYCEROL 'C3 H8 O3'
MG non-polymer 'MAGNESIUM ION' 'Mg 2'
MPD non-polymer (4S)-2-METHYL-2,4-PENTANEDIOL 'C6 H14 O2'
SO4 non-polymer 'SULFATE ION' 'O4 S -2'
#
# COMPACT_ATOMS: atom_id res chain seq x y z
N ALA A 3 -15.42 35.75 -7.61
CA ALA A 3 -15.83 34.34 -7.38
C ALA A 3 -15.03 33.72 -6.21
N MET A 4 -15.74 33.08 -5.29
CA MET A 4 -15.11 32.49 -4.10
C MET A 4 -14.22 31.33 -4.61
N LEU A 5 -14.82 30.19 -4.93
CA LEU A 5 -14.13 29.11 -5.60
C LEU A 5 -14.56 29.05 -7.07
N VAL A 6 -13.70 28.47 -7.89
CA VAL A 6 -14.06 28.31 -9.28
C VAL A 6 -13.92 26.84 -9.71
N ILE A 7 -14.53 26.52 -10.83
CA ILE A 7 -14.42 25.21 -11.42
C ILE A 7 -13.04 25.12 -12.02
N GLU A 8 -12.31 24.10 -11.59
CA GLU A 8 -10.92 23.91 -11.97
C GLU A 8 -10.71 22.75 -12.91
N ASP A 9 -11.56 21.73 -12.83
CA ASP A 9 -11.44 20.57 -13.70
C ASP A 9 -12.81 19.92 -13.86
N VAL A 10 -13.07 19.47 -15.08
CA VAL A 10 -14.28 18.74 -15.40
C VAL A 10 -13.88 17.51 -16.20
N ARG A 11 -14.39 16.35 -15.80
CA ARG A 11 -14.18 15.16 -16.60
C ARG A 11 -15.34 14.21 -16.50
N ALA A 12 -15.41 13.32 -17.49
CA ALA A 12 -16.38 12.24 -17.47
C ALA A 12 -15.75 10.92 -18.01
N TYR A 13 -16.42 9.82 -17.74
CA TYR A 13 -16.06 8.52 -18.25
C TYR A 13 -17.32 7.62 -18.28
N GLU A 14 -17.23 6.54 -19.04
CA GLU A 14 -18.28 5.56 -19.13
C GLU A 14 -18.32 4.65 -17.89
N VAL A 15 -19.47 4.52 -17.27
CA VAL A 15 -19.76 3.53 -16.24
C VAL A 15 -21.02 2.76 -16.67
N LEU A 16 -21.50 1.86 -15.80
CA LEU A 16 -22.69 1.06 -16.12
C LEU A 16 -23.88 1.47 -15.27
N ASP A 17 -25.06 1.56 -15.87
CA ASP A 17 -26.27 1.75 -15.14
C ASP A 17 -26.75 0.40 -14.59
N SER A 18 -27.86 0.41 -13.84
CA SER A 18 -28.34 -0.77 -13.12
C SER A 18 -28.90 -1.88 -14.01
N ARG A 19 -29.03 -1.64 -15.32
CA ARG A 19 -29.46 -2.67 -16.25
C ARG A 19 -28.31 -3.18 -17.10
N GLY A 20 -27.10 -2.71 -16.82
CA GLY A 20 -25.96 -3.15 -17.60
C GLY A 20 -25.71 -2.38 -18.86
N ASN A 21 -26.32 -1.20 -19.00
CA ASN A 21 -26.02 -0.34 -20.16
C ASN A 21 -25.05 0.77 -19.76
N PRO A 22 -24.19 1.23 -20.67
CA PRO A 22 -23.34 2.35 -20.34
C PRO A 22 -24.09 3.63 -20.02
N THR A 23 -23.51 4.47 -19.19
CA THR A 23 -24.02 5.80 -18.90
C THR A 23 -22.84 6.67 -18.43
N VAL A 24 -23.12 7.93 -18.18
CA VAL A 24 -22.07 8.91 -17.93
C VAL A 24 -21.91 9.12 -16.44
N LYS A 25 -20.66 9.05 -16.00
CA LYS A 25 -20.26 9.58 -14.72
C LYS A 25 -19.36 10.75 -14.95
N ALA A 26 -19.68 11.85 -14.27
CA ALA A 26 -18.95 13.12 -14.36
C ALA A 26 -18.37 13.46 -13.02
N GLU A 27 -17.27 14.21 -13.03
CA GLU A 27 -16.53 14.56 -11.83
C GLU A 27 -16.01 15.97 -12.05
N VAL A 28 -16.26 16.81 -11.04
CA VAL A 28 -15.88 18.25 -11.08
C VAL A 28 -15.01 18.57 -9.88
N THR A 29 -13.86 19.20 -10.15
CA THR A 29 -12.93 19.58 -9.11
C THR A 29 -12.87 21.08 -9.06
N LEU A 30 -12.92 21.62 -7.86
CA LEU A 30 -12.90 23.08 -7.69
C LEU A 30 -11.52 23.56 -7.30
N SER A 31 -11.33 24.88 -7.29
CA SER A 31 -10.04 25.51 -6.98
C SER A 31 -9.52 25.37 -5.55
N ASP A 32 -10.30 24.82 -4.63
CA ASP A 32 -9.78 24.44 -3.31
C ASP A 32 -9.44 22.94 -3.26
N GLY A 33 -9.64 22.24 -4.37
CA GLY A 33 -9.47 20.79 -4.44
C GLY A 33 -10.69 19.96 -4.08
N SER A 34 -11.83 20.58 -3.81
CA SER A 34 -13.03 19.80 -3.44
C SER A 34 -13.50 19.09 -4.71
N VAL A 35 -13.92 17.84 -4.55
CA VAL A 35 -14.41 17.06 -5.67
C VAL A 35 -15.88 16.64 -5.46
N GLY A 36 -16.66 16.71 -6.53
CA GLY A 36 -18.01 16.19 -6.58
C GLY A 36 -18.16 15.29 -7.80
N ALA A 37 -18.94 14.22 -7.68
CA ALA A 37 -19.17 13.32 -8.84
C ALA A 37 -20.63 12.97 -8.91
N ALA A 38 -21.10 12.59 -10.08
CA ALA A 38 -22.47 12.13 -10.22
C ALA A 38 -22.60 11.20 -11.37
N ILE A 39 -23.55 10.29 -11.26
CA ILE A 39 -23.87 9.38 -12.35
C ILE A 39 -25.26 9.71 -12.83
N VAL A 40 -25.42 9.74 -14.15
CA VAL A 40 -26.66 10.03 -14.81
C VAL A 40 -27.44 8.73 -15.11
N PRO A 41 -28.75 8.71 -14.73
CA PRO A 41 -29.63 7.62 -15.12
C PRO A 41 -29.96 7.69 -16.59
N SER A 42 -30.47 6.58 -17.13
CA SER A 42 -30.70 6.44 -18.56
CA SER A 42 -30.65 6.53 -18.57
C SER A 42 -31.95 7.17 -19.01
N GLY A 43 -31.94 7.69 -20.25
CA GLY A 43 -33.05 8.50 -20.77
C GLY A 43 -33.46 8.01 -22.15
N ALA A 44 -33.81 8.94 -23.03
CA ALA A 44 -34.20 8.60 -24.38
C ALA A 44 -33.23 9.31 -25.31
N SER A 45 -32.79 8.60 -26.34
CA SER A 45 -31.89 9.14 -27.32
C SER A 45 -32.64 9.52 -28.59
N THR A 46 -33.92 9.17 -28.67
CA THR A 46 -34.80 9.60 -29.74
C THR A 46 -36.12 10.11 -29.12
N GLY A 47 -36.92 10.80 -29.94
CA GLY A 47 -38.19 11.40 -29.49
C GLY A 47 -38.21 12.90 -29.67
N SER A 48 -39.40 13.48 -29.74
CA SER A 48 -39.56 14.83 -30.26
C SER A 48 -39.98 15.84 -29.20
N LYS A 49 -40.15 15.36 -27.97
CA LYS A 49 -40.65 16.17 -26.84
C LYS A 49 -39.58 16.36 -25.74
N GLU A 50 -38.94 15.25 -25.36
CA GLU A 50 -37.97 15.10 -24.25
C GLU A 50 -36.54 15.61 -24.55
N ALA A 51 -35.74 15.96 -23.51
CA ALA A 51 -34.30 16.22 -23.71
C ALA A 51 -33.64 14.89 -24.08
N LEU A 52 -32.77 14.91 -25.06
CA LEU A 52 -32.23 13.68 -25.57
C LEU A 52 -30.87 13.34 -25.00
N GLU A 53 -30.68 12.07 -24.69
CA GLU A 53 -29.35 11.58 -24.36
C GLU A 53 -28.67 11.11 -25.64
N LEU A 54 -27.36 11.31 -25.68
CA LEU A 54 -26.54 10.89 -26.78
C LEU A 54 -26.04 9.44 -26.56
N ARG A 55 -26.21 8.64 -27.61
CA ARG A 55 -25.73 7.30 -27.68
C ARG A 55 -24.87 7.20 -28.94
N ASP A 56 -23.87 6.32 -28.90
CA ASP A 56 -22.93 6.23 -29.99
C ASP A 56 -23.45 5.48 -31.20
N ASN A 57 -24.38 4.54 -30.96
CA ASN A 57 -24.96 3.72 -32.00
CA ASN A 57 -24.96 3.72 -32.00
C ASN A 57 -23.87 3.03 -32.83
N ASP A 58 -22.84 2.51 -32.16
CA ASP A 58 -21.81 1.76 -32.88
C ASP A 58 -21.80 0.31 -32.36
N GLU A 59 -20.79 -0.45 -32.75
CA GLU A 59 -20.68 -1.86 -32.44
CA GLU A 59 -20.74 -1.88 -32.44
C GLU A 59 -20.56 -2.17 -30.94
N ARG A 60 -20.18 -1.17 -30.14
CA ARG A 60 -19.99 -1.40 -28.67
C ARG A 60 -21.31 -1.43 -27.93
N PHE A 61 -21.44 -2.36 -26.99
CA PHE A 61 -22.57 -2.34 -26.07
C PHE A 61 -23.92 -2.25 -26.81
N GLY A 62 -24.03 -2.92 -27.95
CA GLY A 62 -25.26 -2.92 -28.75
C GLY A 62 -25.75 -1.55 -29.19
N GLY A 63 -24.85 -0.61 -29.42
CA GLY A 63 -25.28 0.71 -29.88
C GLY A 63 -25.42 1.75 -28.78
N LYS A 64 -25.15 1.35 -27.54
CA LYS A 64 -25.48 2.15 -26.41
C LYS A 64 -24.27 2.75 -25.66
N GLY A 65 -23.11 2.81 -26.31
CA GLY A 65 -21.95 3.48 -25.75
C GLY A 65 -22.28 4.95 -25.57
N VAL A 66 -21.58 5.60 -24.63
CA VAL A 66 -21.76 7.01 -24.33
C VAL A 66 -20.43 7.76 -24.46
N LEU A 67 -19.57 7.28 -25.32
CA LEU A 67 -18.28 7.94 -25.54
C LEU A 67 -18.40 9.35 -26.14
N LYS A 68 -19.40 9.60 -26.99
CA LYS A 68 -19.62 10.98 -27.51
C LYS A 68 -20.08 11.95 -26.41
N ALA A 69 -21.00 11.51 -25.55
CA ALA A 69 -21.40 12.30 -24.41
C ALA A 69 -20.18 12.61 -23.53
N VAL A 70 -19.38 11.59 -23.28
CA VAL A 70 -18.19 11.68 -22.38
C VAL A 70 -17.19 12.66 -23.02
N ALA A 71 -16.95 12.50 -24.31
CA ALA A 71 -16.11 13.49 -25.01
C ALA A 71 -16.68 14.92 -24.92
N ASN A 72 -18.00 15.06 -25.02
CA ASN A 72 -18.62 16.35 -24.85
C ASN A 72 -18.34 16.96 -23.47
N VAL A 73 -18.26 16.13 -22.42
CA VAL A 73 -17.87 16.70 -21.12
C VAL A 73 -16.41 17.09 -21.10
N ASN A 74 -15.57 16.17 -21.56
CA ASN A 74 -14.10 16.34 -21.46
C ASN A 74 -13.53 17.48 -22.31
N GLU A 75 -14.17 17.75 -23.44
CA GLU A 75 -13.68 18.73 -24.39
C GLU A 75 -14.56 19.98 -24.37
N THR A 76 -15.79 19.86 -24.90
CA THR A 76 -16.61 21.02 -25.15
C THR A 76 -17.09 21.71 -23.89
N ILE A 77 -17.64 20.95 -22.94
CA ILE A 77 -18.16 21.56 -21.73
C ILE A 77 -17.00 22.08 -20.93
N ALA A 78 -15.98 21.24 -20.72
CA ALA A 78 -14.83 21.64 -19.92
C ALA A 78 -14.28 22.96 -20.36
N ASP A 79 -14.09 23.12 -21.67
CA ASP A 79 -13.50 24.30 -22.19
C ASP A 79 -14.31 25.52 -21.84
N GLU A 80 -15.62 25.36 -21.83
CA GLU A 80 -16.51 26.47 -21.55
C GLU A 80 -16.63 26.78 -20.07
N ILE A 81 -16.64 25.79 -19.18
CA ILE A 81 -17.01 26.10 -17.77
C ILE A 81 -15.81 26.25 -16.83
N LEU A 82 -14.60 25.98 -17.30
CA LEU A 82 -13.45 26.12 -16.44
C LEU A 82 -13.37 27.61 -16.08
N GLY A 83 -13.28 27.91 -14.78
CA GLY A 83 -13.15 29.30 -14.32
C GLY A 83 -14.45 29.96 -13.88
N LEU A 84 -15.58 29.30 -14.12
CA LEU A 84 -16.87 29.80 -13.60
C LEU A 84 -16.98 29.62 -12.06
N ASP A 85 -17.72 30.53 -11.45
CA ASP A 85 -18.00 30.55 -10.00
C ASP A 85 -18.67 29.21 -9.66
N ALA A 86 -18.00 28.43 -8.81
CA ALA A 86 -18.54 27.15 -8.31
C ALA A 86 -19.95 27.23 -7.72
N PHE A 87 -20.31 28.40 -7.20
CA PHE A 87 -21.52 28.53 -6.35
C PHE A 87 -22.74 29.05 -7.07
N ASN A 88 -22.53 29.50 -8.32
CA ASN A 88 -23.59 30.04 -9.13
C ASN A 88 -24.10 28.92 -10.05
N GLN A 89 -24.90 28.05 -9.45
CA GLN A 89 -25.53 26.95 -10.16
C GLN A 89 -26.34 27.39 -11.39
N THR A 90 -27.09 28.49 -11.24
CA THR A 90 -27.96 28.97 -12.27
C THR A 90 -27.14 29.41 -13.47
N GLN A 91 -26.06 30.17 -13.26
CA GLN A 91 -25.12 30.52 -14.32
C GLN A 91 -24.47 29.31 -14.96
N LEU A 92 -24.14 28.30 -14.16
CA LEU A 92 -23.56 27.07 -14.74
C LEU A 92 -24.58 26.44 -15.68
N ASP A 93 -25.78 26.24 -15.18
CA ASP A 93 -26.81 25.54 -15.95
C ASP A 93 -27.26 26.31 -17.19
N ASP A 94 -27.29 27.64 -17.08
CA ASP A 94 -27.65 28.48 -18.18
C ASP A 94 -26.54 28.45 -19.24
N THR A 95 -25.27 28.47 -18.81
CA THR A 95 -24.16 28.29 -19.71
C THR A 95 -24.22 26.96 -20.47
N LEU A 96 -24.58 25.90 -19.77
CA LEU A 96 -24.73 24.59 -20.45
C LEU A 96 -25.81 24.69 -21.54
N ARG A 97 -26.97 25.28 -21.24
CA ARG A 97 -28.07 25.38 -22.18
CA ARG A 97 -28.06 25.36 -22.19
C ARG A 97 -27.66 26.15 -23.43
N GLU A 98 -26.95 27.28 -23.22
CA GLU A 98 -26.47 28.15 -24.28
C GLU A 98 -25.40 27.51 -25.13
N LEU A 99 -24.46 26.85 -24.46
CA LEU A 99 -23.44 26.08 -25.14
C LEU A 99 -24.09 25.03 -26.05
N ASP A 100 -25.09 24.31 -25.53
CA ASP A 100 -25.82 23.35 -26.31
C ASP A 100 -26.53 23.99 -27.48
N GLY A 101 -27.30 25.04 -27.19
CA GLY A 101 -27.94 25.83 -28.23
C GLY A 101 -29.25 25.31 -28.82
N THR A 102 -29.68 24.13 -28.43
CA THR A 102 -30.94 23.55 -28.91
C THR A 102 -31.96 23.67 -27.78
N ASN A 103 -33.19 23.28 -28.06
CA ASN A 103 -34.21 23.24 -27.02
C ASN A 103 -34.40 21.85 -26.40
N ASN A 104 -33.52 20.91 -26.75
CA ASN A 104 -33.60 19.55 -26.20
C ASN A 104 -32.25 18.86 -26.00
N TYR A 105 -31.20 19.64 -25.82
CA TYR A 105 -29.85 19.08 -25.62
C TYR A 105 -29.41 18.08 -26.71
N SER A 106 -29.82 18.33 -27.97
CA SER A 106 -29.46 17.40 -29.03
C SER A 106 -28.08 17.70 -29.61
N ASN A 107 -27.38 18.69 -29.09
CA ASN A 107 -25.95 18.84 -29.35
C ASN A 107 -25.10 18.09 -28.29
N LEU A 108 -25.01 18.67 -27.07
CA LEU A 108 -24.17 18.13 -25.97
C LEU A 108 -24.64 16.79 -25.45
N GLY A 109 -25.94 16.63 -25.39
CA GLY A 109 -26.60 15.47 -24.92
C GLY A 109 -26.91 15.71 -23.46
N ALA A 110 -28.11 15.40 -23.06
CA ALA A 110 -28.57 15.63 -21.69
C ALA A 110 -27.87 14.78 -20.67
N ASN A 111 -27.37 13.62 -21.11
CA ASN A 111 -26.49 12.80 -20.27
C ASN A 111 -25.13 13.46 -19.99
N ALA A 112 -24.64 14.30 -20.90
CA ALA A 112 -23.44 15.11 -20.67
C ALA A 112 -23.77 16.27 -19.74
N THR A 113 -24.90 16.95 -19.94
CA THR A 113 -25.11 18.19 -19.18
C THR A 113 -25.58 17.87 -17.74
N LEU A 114 -26.45 16.89 -17.57
CA LEU A 114 -26.95 16.62 -16.19
C LEU A 114 -25.84 16.25 -15.26
N GLY A 115 -24.94 15.42 -15.73
CA GLY A 115 -23.87 14.93 -14.88
C GLY A 115 -22.97 16.02 -14.38
N VAL A 116 -22.66 16.95 -15.25
CA VAL A 116 -21.86 18.10 -14.86
C VAL A 116 -22.57 19.02 -13.93
N SER A 117 -23.87 19.25 -14.21
CA SER A 117 -24.77 20.02 -13.35
C SER A 117 -24.84 19.42 -11.94
N MET A 118 -25.04 18.11 -11.88
CA MET A 118 -25.05 17.44 -10.57
C MET A 118 -23.71 17.43 -9.83
N ALA A 119 -22.65 17.17 -10.57
CA ALA A 119 -21.31 17.00 -10.03
C ALA A 119 -20.84 18.35 -9.48
N THR A 120 -21.18 19.46 -10.15
CA THR A 120 -20.77 20.78 -9.68
C THR A 120 -21.48 21.09 -8.35
N ALA A 121 -22.76 20.81 -8.26
CA ALA A 121 -23.50 20.97 -7.00
C ALA A 121 -22.92 20.17 -5.85
N ARG A 122 -22.58 18.89 -6.07
CA ARG A 122 -21.92 18.10 -5.06
C ARG A 122 -20.55 18.67 -4.70
N ALA A 123 -19.82 19.23 -5.66
CA ALA A 123 -18.51 19.74 -5.35
C ALA A 123 -18.61 21.01 -4.52
N ALA A 124 -19.56 21.89 -4.85
CA ALA A 124 -19.83 23.10 -4.06
C ALA A 124 -20.29 22.72 -2.61
N ALA A 125 -21.19 21.76 -2.47
CA ALA A 125 -21.63 21.36 -1.14
C ALA A 125 -20.44 20.83 -0.32
N ALA A 126 -19.58 20.03 -0.97
CA ALA A 126 -18.39 19.49 -0.31
C ALA A 126 -17.45 20.61 0.11
N ALA A 127 -17.19 21.59 -0.77
CA ALA A 127 -16.32 22.70 -0.37
C ALA A 127 -16.85 23.36 0.94
N LEU A 128 -18.17 23.45 1.09
CA LEU A 128 -18.76 24.13 2.22
C LEU A 128 -18.93 23.21 3.45
N GLY A 129 -18.59 21.93 3.32
CA GLY A 129 -18.83 20.96 4.38
C GLY A 129 -20.31 20.74 4.57
N MET A 130 -21.15 20.97 3.55
CA MET A 130 -22.61 20.85 3.72
CA MET A 130 -22.59 20.78 3.78
C MET A 130 -23.21 19.66 2.96
N PRO A 131 -24.20 19.00 3.54
CA PRO A 131 -24.91 17.97 2.81
C PRO A 131 -25.60 18.55 1.57
N LEU A 132 -25.66 17.76 0.53
CA LEU A 132 -26.22 18.17 -0.77
C LEU A 132 -27.62 18.85 -0.61
N TYR A 133 -28.48 18.28 0.24
CA TYR A 133 -29.86 18.76 0.33
C TYR A 133 -29.86 20.15 0.93
N ARG A 134 -28.91 20.46 1.82
CA ARG A 134 -28.78 21.80 2.39
CA ARG A 134 -28.80 21.80 2.38
C ARG A 134 -28.25 22.76 1.32
N TYR A 135 -27.35 22.30 0.48
CA TYR A 135 -26.85 23.14 -0.59
C TYR A 135 -27.91 23.53 -1.59
N LEU A 136 -28.77 22.57 -1.92
CA LEU A 136 -29.83 22.77 -2.87
C LEU A 136 -31.02 23.55 -2.30
N GLY A 137 -31.37 23.33 -1.02
CA GLY A 137 -32.56 23.96 -0.47
C GLY A 137 -32.48 24.68 0.87
N GLY A 138 -31.26 24.76 1.42
CA GLY A 138 -30.96 25.60 2.51
C GLY A 138 -31.56 25.04 3.80
N ALA A 139 -31.60 25.86 4.81
CA ALA A 139 -32.23 25.51 6.09
C ALA A 139 -33.75 25.26 5.89
N ASN A 140 -34.32 25.66 4.74
CA ASN A 140 -35.73 25.38 4.49
C ASN A 140 -35.96 23.94 3.95
N ALA A 141 -34.92 23.25 3.47
CA ALA A 141 -35.00 21.79 3.17
C ALA A 141 -35.40 21.00 4.40
N SER A 142 -36.54 20.33 4.40
CA SER A 142 -37.04 19.76 5.66
CA SER A 142 -37.15 19.82 5.65
C SER A 142 -37.88 18.47 5.55
N ILE A 143 -38.68 18.35 4.51
CA ILE A 143 -39.65 17.29 4.37
C ILE A 143 -39.06 16.01 3.75
N LEU A 144 -39.06 14.97 4.55
CA LEU A 144 -38.80 13.58 4.06
C LEU A 144 -40.01 13.09 3.27
N PRO A 145 -39.77 12.62 2.04
CA PRO A 145 -40.93 12.45 1.20
C PRO A 145 -41.61 11.11 1.43
N VAL A 146 -42.88 11.04 1.09
CA VAL A 146 -43.60 9.78 1.16
C VAL A 146 -43.23 9.04 -0.11
N PRO A 147 -42.72 7.81 0.01
CA PRO A 147 -42.38 7.06 -1.18
C PRO A 147 -43.59 6.34 -1.78
N MET A 148 -43.63 6.31 -3.12
CA MET A 148 -44.49 5.39 -3.84
C MET A 148 -43.62 4.29 -4.46
N CYS A 149 -43.82 3.06 -3.98
CA CYS A 149 -42.96 1.89 -4.23
C CYS A 149 -43.51 0.84 -5.23
N ASN A 150 -42.90 0.70 -6.42
CA ASN A 150 -43.40 -0.13 -7.52
C ASN A 150 -43.10 -1.59 -7.26
N ILE A 151 -44.02 -2.29 -6.61
CA ILE A 151 -43.73 -3.69 -6.24
C ILE A 151 -44.38 -4.79 -7.09
N ILE A 152 -45.34 -4.45 -7.94
CA ILE A 152 -45.88 -5.38 -8.96
C ILE A 152 -45.91 -4.64 -10.30
N ASN A 153 -45.41 -5.27 -11.36
CA ASN A 153 -45.28 -4.66 -12.71
C ASN A 153 -46.26 -5.21 -13.76
N GLY A 154 -46.61 -4.42 -14.76
CA GLY A 154 -47.37 -4.88 -15.91
C GLY A 154 -46.99 -4.08 -17.17
N GLY A 155 -47.82 -4.20 -18.21
CA GLY A 155 -47.71 -3.32 -19.37
C GLY A 155 -46.46 -3.61 -20.16
N ALA A 156 -45.75 -2.55 -20.54
CA ALA A 156 -44.43 -2.67 -21.19
C ALA A 156 -43.33 -3.22 -20.25
N HIS A 157 -43.57 -3.17 -18.93
CA HIS A 157 -42.62 -3.65 -17.90
C HIS A 157 -42.70 -5.17 -17.61
N ALA A 158 -43.46 -5.91 -18.41
CA ALA A 158 -43.56 -7.34 -18.22
C ALA A 158 -44.18 -8.00 -19.42
N ASN A 159 -44.30 -9.32 -19.37
CA ASN A 159 -45.07 -10.04 -20.37
CA ASN A 159 -45.07 -10.05 -20.38
C ASN A 159 -46.19 -10.84 -19.73
N ASN A 160 -47.23 -10.11 -19.36
CA ASN A 160 -48.39 -10.70 -18.76
C ASN A 160 -49.63 -10.15 -19.48
N ASN A 161 -50.80 -10.37 -18.90
CA ASN A 161 -52.05 -9.85 -19.43
CA ASN A 161 -52.03 -9.83 -19.46
C ASN A 161 -52.42 -8.57 -18.69
N VAL A 162 -51.47 -7.99 -17.95
CA VAL A 162 -51.74 -6.80 -17.15
C VAL A 162 -51.42 -5.54 -17.98
N ASP A 163 -52.38 -4.63 -18.08
CA ASP A 163 -52.24 -3.43 -18.93
C ASP A 163 -51.44 -2.31 -18.26
N PHE A 164 -51.69 -2.08 -16.97
CA PHE A 164 -51.07 -1.00 -16.23
C PHE A 164 -49.64 -1.39 -15.96
N GLN A 165 -48.77 -0.39 -15.83
CA GLN A 165 -47.34 -0.60 -15.76
C GLN A 165 -46.84 -0.78 -14.34
N GLU A 166 -47.24 0.08 -13.41
CA GLU A 166 -46.69 0.06 -12.05
C GLU A 166 -47.78 0.01 -10.98
N PHE A 167 -47.66 -0.89 -10.01
CA PHE A 167 -48.58 -1.00 -8.88
C PHE A 167 -47.79 -0.70 -7.61
N MET A 168 -48.16 0.38 -6.92
CA MET A 168 -47.32 1.00 -5.88
C MET A 168 -48.04 1.11 -4.54
N ILE A 169 -47.25 1.06 -3.48
CA ILE A 169 -47.77 1.25 -2.14
C ILE A 169 -47.06 2.50 -1.57
N MET A 170 -47.83 3.25 -0.78
CA MET A 170 -47.46 4.57 -0.29
C MET A 170 -47.83 4.60 1.21
N PRO A 171 -46.82 4.67 2.11
CA PRO A 171 -47.04 4.62 3.56
C PRO A 171 -47.33 5.99 4.16
N PHE A 172 -48.60 6.34 4.14
CA PHE A 172 -49.07 7.62 4.67
C PHE A 172 -49.25 7.63 6.20
N GLY A 173 -49.73 6.53 6.75
CA GLY A 173 -50.18 6.51 8.16
C GLY A 173 -49.07 6.30 9.16
N PHE A 174 -48.13 7.24 9.20
CA PHE A 174 -46.93 7.16 10.03
C PHE A 174 -46.38 8.52 10.41
N THR A 175 -45.71 8.62 11.54
CA THR A 175 -45.18 9.89 12.01
C THR A 175 -43.69 9.99 11.79
N SER A 176 -43.06 8.88 11.39
CA SER A 176 -41.65 8.93 10.99
C SER A 176 -41.40 8.22 9.66
N PHE A 177 -40.38 8.71 8.99
CA PHE A 177 -39.97 8.10 7.73
C PHE A 177 -39.44 6.66 7.96
N LYS A 178 -38.60 6.46 8.97
CA LYS A 178 -38.06 5.13 9.30
CA LYS A 178 -38.08 5.13 9.27
C LYS A 178 -39.19 4.09 9.47
N GLU A 179 -40.29 4.47 10.12
CA GLU A 179 -41.40 3.53 10.34
C GLU A 179 -42.23 3.31 9.06
N ALA A 180 -42.40 4.38 8.29
CA ALA A 180 -42.99 4.30 6.93
C ALA A 180 -42.22 3.34 6.07
N LEU A 181 -40.91 3.46 6.08
CA LEU A 181 -40.07 2.59 5.21
C LEU A 181 -40.12 1.12 5.69
N ARG A 182 -40.01 0.91 6.99
CA ARG A 182 -40.22 -0.43 7.54
C ARG A 182 -41.50 -1.10 7.04
N SER A 183 -42.62 -0.38 7.03
CA SER A 183 -43.87 -0.94 6.59
C SER A 183 -43.82 -1.43 5.16
N VAL A 184 -43.26 -0.62 4.26
CA VAL A 184 -43.21 -1.08 2.87
C VAL A 184 -42.26 -2.27 2.69
N CYS A 185 -41.18 -2.31 3.50
CA CYS A 185 -40.23 -3.43 3.47
C CYS A 185 -40.88 -4.71 3.94
N GLU A 186 -41.61 -4.62 5.06
CA GLU A 186 -42.38 -5.77 5.57
C GLU A 186 -43.45 -6.26 4.59
N ILE A 187 -44.18 -5.34 3.98
CA ILE A 187 -45.18 -5.72 2.99
C ILE A 187 -44.54 -6.38 1.75
N TYR A 188 -43.45 -5.80 1.26
CA TYR A 188 -42.65 -6.41 0.17
C TYR A 188 -42.19 -7.86 0.48
N ALA A 189 -41.76 -8.13 1.71
CA ALA A 189 -41.28 -9.45 2.11
C ALA A 189 -42.46 -10.43 2.13
N ILE A 190 -43.63 -9.91 2.49
CA ILE A 190 -44.80 -10.75 2.61
C ILE A 190 -45.28 -11.13 1.23
N LEU A 191 -45.32 -10.14 0.34
CA LEU A 191 -45.60 -10.36 -1.06
C LEU A 191 -44.63 -11.37 -1.68
N LYS A 192 -43.34 -11.20 -1.44
CA LYS A 192 -42.34 -12.16 -1.95
C LYS A 192 -42.72 -13.61 -1.55
N LYS A 193 -43.05 -13.79 -0.28
CA LYS A 193 -43.44 -15.09 0.22
CA LYS A 193 -43.49 -15.09 0.26
C LYS A 193 -44.79 -15.58 -0.39
N GLU A 194 -45.78 -14.70 -0.52
CA GLU A 194 -47.04 -15.11 -1.14
C GLU A 194 -46.79 -15.60 -2.57
N LEU A 195 -45.99 -14.84 -3.32
CA LEU A 195 -45.68 -15.21 -4.70
C LEU A 195 -45.03 -16.59 -4.78
N ALA A 196 -44.02 -16.80 -3.95
CA ALA A 196 -43.29 -18.07 -3.93
C ALA A 196 -44.21 -19.23 -3.63
N ASN A 197 -45.11 -19.08 -2.66
CA ASN A 197 -46.01 -20.18 -2.26
C ASN A 197 -47.09 -20.49 -3.27
N SER A 198 -47.39 -19.51 -4.10
CA SER A 198 -48.38 -19.60 -5.14
C SER A 198 -47.77 -19.92 -6.51
N GLY A 199 -46.52 -20.41 -6.52
CA GLY A 199 -45.92 -20.92 -7.74
C GLY A 199 -45.50 -19.86 -8.74
N HIS A 200 -45.38 -18.60 -8.31
CA HIS A 200 -44.81 -17.54 -9.15
C HIS A 200 -43.30 -17.39 -8.90
N SER A 201 -42.61 -16.87 -9.90
CA SER A 201 -41.21 -16.50 -9.80
C SER A 201 -41.06 -15.33 -8.79
N THR A 202 -39.99 -15.35 -8.03
CA THR A 202 -39.65 -14.21 -7.18
C THR A 202 -38.49 -13.40 -7.74
N ALA A 203 -38.14 -13.66 -8.99
CA ALA A 203 -37.15 -12.90 -9.72
C ALA A 203 -37.69 -11.49 -10.02
N LEU A 204 -36.79 -10.51 -10.15
CA LEU A 204 -37.18 -9.09 -10.15
C LEU A 204 -37.12 -8.39 -11.51
N GLY A 205 -38.03 -7.43 -11.70
CA GLY A 205 -37.96 -6.53 -12.83
C GLY A 205 -36.98 -5.39 -12.52
N ASP A 206 -36.86 -4.50 -13.50
CA ASP A 206 -35.86 -3.47 -13.50
C ASP A 206 -35.83 -2.62 -12.23
N GLU A 207 -37.00 -2.42 -11.64
CA GLU A 207 -37.15 -1.53 -10.48
C GLU A 207 -37.28 -2.27 -9.18
N GLY A 208 -37.02 -3.56 -9.21
CA GLY A 208 -36.99 -4.37 -7.97
C GLY A 208 -38.33 -5.01 -7.63
N GLY A 209 -39.35 -4.73 -8.44
CA GLY A 209 -40.68 -5.31 -8.25
C GLY A 209 -40.80 -6.68 -8.93
N PHE A 210 -41.92 -7.36 -8.70
CA PHE A 210 -42.19 -8.68 -9.31
C PHE A 210 -43.07 -8.56 -10.56
N ALA A 211 -42.94 -9.45 -11.53
CA ALA A 211 -43.81 -9.42 -12.73
C ALA A 211 -44.58 -10.73 -12.95
N PRO A 212 -45.41 -11.12 -12.00
CA PRO A 212 -46.15 -12.37 -12.19
C PRO A 212 -47.13 -12.31 -13.39
N ASN A 213 -47.38 -13.47 -14.02
CA ASN A 213 -48.29 -13.55 -15.18
CA ASN A 213 -48.28 -13.56 -15.16
C ASN A 213 -49.74 -13.50 -14.74
N LEU A 214 -50.15 -12.37 -14.18
CA LEU A 214 -51.50 -12.22 -13.65
C LEU A 214 -52.55 -11.93 -14.74
N ALA A 215 -53.81 -12.11 -14.36
CA ALA A 215 -54.94 -12.14 -15.30
C ALA A 215 -55.36 -10.77 -15.83
N ASN A 216 -55.33 -9.73 -14.97
CA ASN A 216 -55.98 -8.45 -15.28
C ASN A 216 -55.40 -7.29 -14.44
N ASN A 217 -56.10 -6.16 -14.35
CA ASN A 217 -55.55 -4.99 -13.68
C ASN A 217 -55.95 -4.88 -12.21
N THR A 218 -56.92 -5.69 -11.78
CA THR A 218 -57.35 -5.62 -10.39
C THR A 218 -56.71 -6.71 -9.54
N GLU A 219 -56.39 -7.86 -10.12
CA GLU A 219 -55.67 -8.93 -9.40
C GLU A 219 -54.41 -8.32 -8.69
N PRO A 220 -53.61 -7.51 -9.41
CA PRO A 220 -52.47 -6.95 -8.73
C PRO A 220 -52.85 -6.08 -7.54
N ILE A 221 -53.94 -5.30 -7.66
CA ILE A 221 -54.37 -4.45 -6.55
C ILE A 221 -54.81 -5.30 -5.35
N ASP A 222 -55.63 -6.33 -5.62
CA ASP A 222 -56.09 -7.25 -4.58
C ASP A 222 -54.93 -7.85 -3.81
N LEU A 223 -53.89 -8.24 -4.53
CA LEU A 223 -52.68 -8.80 -3.93
C LEU A 223 -51.99 -7.78 -3.00
N LEU A 224 -51.84 -6.54 -3.47
CA LEU A 224 -51.29 -5.50 -2.61
C LEU A 224 -52.13 -5.36 -1.34
N MET A 225 -53.46 -5.31 -1.48
CA MET A 225 -54.37 -5.17 -0.33
C MET A 225 -54.23 -6.31 0.71
N THR A 226 -54.14 -7.53 0.21
CA THR A 226 -53.93 -8.71 1.05
C THR A 226 -52.64 -8.58 1.83
N CYS A 227 -51.57 -8.24 1.12
CA CYS A 227 -50.26 -8.11 1.74
C CYS A 227 -50.18 -6.95 2.73
N ILE A 228 -50.85 -5.83 2.43
CA ILE A 228 -50.91 -4.70 3.36
C ILE A 228 -51.55 -5.16 4.68
N LYS A 229 -52.69 -5.85 4.59
CA LYS A 229 -53.45 -6.28 5.77
C LYS A 229 -52.69 -7.35 6.55
N LYS A 230 -52.19 -8.34 5.83
CA LYS A 230 -51.38 -9.41 6.47
C LYS A 230 -50.19 -8.84 7.24
N ALA A 231 -49.58 -7.77 6.70
CA ALA A 231 -48.46 -7.09 7.38
C ALA A 231 -48.88 -6.29 8.59
N GLY A 232 -50.15 -6.00 8.73
CA GLY A 232 -50.65 -5.29 9.91
C GLY A 232 -50.76 -3.78 9.68
N TYR A 233 -50.81 -3.36 8.41
CA TYR A 233 -50.87 -1.93 8.11
C TYR A 233 -52.07 -1.48 7.30
N GLU A 234 -53.17 -2.25 7.38
CA GLU A 234 -54.49 -1.85 6.84
C GLU A 234 -54.83 -0.40 7.22
N ASN A 235 -55.22 0.37 6.21
CA ASN A 235 -55.53 1.80 6.34
C ASN A 235 -54.34 2.74 6.44
N ARG A 236 -53.13 2.23 6.62
CA ARG A 236 -51.98 3.10 6.80
C ARG A 236 -51.18 3.20 5.54
N VAL A 237 -51.47 2.32 4.57
CA VAL A 237 -50.74 2.28 3.31
C VAL A 237 -51.72 2.30 2.16
N LYS A 238 -51.53 3.23 1.22
CA LYS A 238 -52.46 3.38 0.12
C LYS A 238 -51.81 2.93 -1.17
N ILE A 239 -52.56 2.96 -2.28
CA ILE A 239 -52.10 2.41 -3.54
C ILE A 239 -51.93 3.55 -4.53
N ALA A 240 -50.86 3.50 -5.31
CA ALA A 240 -50.71 4.43 -6.39
C ALA A 240 -50.54 3.59 -7.63
N LEU A 241 -50.92 4.13 -8.77
CA LEU A 241 -50.77 3.43 -10.05
C LEU A 241 -50.03 4.29 -11.08
N ASP A 242 -49.20 3.66 -11.91
CA ASP A 242 -48.83 4.25 -13.21
C ASP A 242 -49.44 3.40 -14.30
N VAL A 243 -50.38 3.98 -15.01
CA VAL A 243 -51.12 3.29 -16.04
C VAL A 243 -50.31 3.31 -17.34
N ALA A 244 -49.54 4.36 -17.53
CA ALA A 244 -48.73 4.52 -18.75
C ALA A 244 -49.60 4.25 -20.00
N SER A 245 -50.71 4.95 -20.05
CA SER A 245 -51.79 4.68 -20.96
C SER A 245 -51.42 5.00 -22.41
N THR A 246 -50.37 5.81 -22.62
CA THR A 246 -49.87 6.05 -23.99
C THR A 246 -49.49 4.76 -24.72
N GLU A 247 -49.17 3.73 -23.95
CA GLU A 247 -48.67 2.46 -24.48
C GLU A 247 -49.80 1.65 -25.10
N PHE A 248 -51.06 1.95 -24.79
CA PHE A 248 -52.15 1.22 -25.38
C PHE A 248 -53.18 2.11 -26.05
N PHE A 249 -52.74 3.31 -26.39
CA PHE A 249 -53.59 4.28 -27.03
C PHE A 249 -53.37 4.21 -28.53
N LYS A 250 -54.41 3.88 -29.27
CA LYS A 250 -54.31 3.74 -30.73
C LYS A 250 -55.68 3.99 -31.38
N ASP A 251 -55.69 4.78 -32.46
CA ASP A 251 -56.91 5.16 -33.19
C ASP A 251 -57.93 5.87 -32.31
N GLY A 252 -57.45 6.65 -31.35
CA GLY A 252 -58.36 7.37 -30.47
C GLY A 252 -58.93 6.53 -29.33
N LYS A 253 -58.57 5.24 -29.27
CA LYS A 253 -59.10 4.36 -28.23
C LYS A 253 -58.01 3.73 -27.37
N TYR A 254 -58.39 3.33 -26.17
CA TYR A 254 -57.46 2.69 -25.25
C TYR A 254 -57.77 1.22 -25.28
N HIS A 255 -56.78 0.40 -25.60
CA HIS A 255 -56.96 -1.01 -25.80
C HIS A 255 -56.43 -1.78 -24.60
N MET A 256 -57.33 -2.08 -23.68
CA MET A 256 -57.04 -2.74 -22.42
C MET A 256 -58.24 -3.61 -21.96
N GLU A 257 -57.95 -4.65 -21.17
CA GLU A 257 -58.96 -5.56 -20.60
C GLU A 257 -59.80 -6.22 -21.72
N GLY A 258 -59.16 -6.46 -22.87
CA GLY A 258 -59.83 -7.00 -24.06
C GLY A 258 -60.95 -6.10 -24.59
N LYS A 259 -60.78 -4.79 -24.45
CA LYS A 259 -61.76 -3.81 -24.93
C LYS A 259 -61.09 -2.64 -25.67
N ALA A 260 -61.92 -1.77 -26.23
CA ALA A 260 -61.48 -0.55 -26.79
C ALA A 260 -62.29 0.55 -26.11
N PHE A 261 -61.66 1.21 -25.13
CA PHE A 261 -62.31 2.29 -24.37
C PHE A 261 -62.12 3.66 -25.01
N SER A 262 -63.18 4.46 -25.05
CA SER A 262 -63.04 5.89 -25.30
C SER A 262 -62.38 6.55 -24.06
N SER A 263 -61.97 7.81 -24.17
CA SER A 263 -61.43 8.53 -23.00
C SER A 263 -62.46 8.61 -21.88
N GLU A 264 -63.72 8.83 -22.26
CA GLU A 264 -64.82 8.98 -21.29
C GLU A 264 -65.01 7.68 -20.50
N ALA A 265 -65.07 6.58 -21.24
CA ALA A 265 -65.22 5.26 -20.64
C ALA A 265 -64.04 4.94 -19.70
N LEU A 266 -62.82 5.28 -20.11
CA LEU A 266 -61.64 4.99 -19.24
C LEU A 266 -61.69 5.78 -17.93
N ILE A 267 -62.18 7.01 -18.01
CA ILE A 267 -62.36 7.82 -16.81
C ILE A 267 -63.33 7.17 -15.83
N GLU A 268 -64.48 6.71 -16.32
CA GLU A 268 -65.46 6.14 -15.42
CA GLU A 268 -65.50 6.08 -15.47
C GLU A 268 -64.92 4.82 -14.85
N ARG A 269 -64.13 4.10 -15.61
CA ARG A 269 -63.39 2.96 -15.04
C ARG A 269 -62.52 3.41 -13.86
N TYR A 270 -61.75 4.50 -14.00
CA TYR A 270 -60.97 5.00 -12.85
C TYR A 270 -61.86 5.42 -11.67
N VAL A 271 -63.02 6.01 -11.95
CA VAL A 271 -63.96 6.34 -10.85
C VAL A 271 -64.35 5.06 -10.05
N GLU A 272 -64.72 4.01 -10.79
CA GLU A 272 -65.01 2.66 -10.25
CA GLU A 272 -65.04 2.70 -10.20
C GLU A 272 -63.88 2.18 -9.33
N LEU A 273 -62.71 2.06 -9.93
CA LEU A 273 -61.53 1.56 -9.22
C LEU A 273 -61.29 2.32 -7.90
N CYS A 274 -61.36 3.64 -7.99
CA CYS A 274 -61.14 4.52 -6.85
C CYS A 274 -62.23 4.42 -5.79
N ALA A 275 -63.47 4.13 -6.20
CA ALA A 275 -64.54 3.81 -5.26
C ALA A 275 -64.33 2.50 -4.50
N LYS A 276 -63.79 1.49 -5.18
CA LYS A 276 -63.59 0.16 -4.57
C LYS A 276 -62.31 0.07 -3.73
N TYR A 277 -61.22 0.72 -4.15
CA TYR A 277 -59.91 0.52 -3.53
C TYR A 277 -59.32 1.86 -3.04
N PRO A 278 -58.40 1.81 -2.06
CA PRO A 278 -57.77 3.05 -1.58
C PRO A 278 -56.60 3.55 -2.48
N ILE A 279 -56.91 3.79 -3.75
CA ILE A 279 -56.01 4.37 -4.73
C ILE A 279 -55.97 5.84 -4.48
N CYS A 280 -54.78 6.39 -4.21
CA CYS A 280 -54.65 7.81 -3.92
C CYS A 280 -54.02 8.59 -5.08
N SER A 281 -53.55 7.91 -6.12
CA SER A 281 -52.80 8.56 -7.17
C SER A 281 -52.80 7.70 -8.41
N ILE A 282 -52.97 8.33 -9.55
CA ILE A 282 -52.93 7.65 -10.82
C ILE A 282 -52.09 8.51 -11.75
N GLU A 283 -51.06 7.90 -12.34
CA GLU A 283 -50.14 8.52 -13.28
C GLU A 283 -50.44 8.08 -14.72
N ASP A 284 -50.42 9.08 -15.63
CA ASP A 284 -50.77 8.90 -17.05
C ASP A 284 -52.02 8.01 -17.25
N GLY A 285 -53.12 8.40 -16.61
CA GLY A 285 -54.40 7.74 -16.77
C GLY A 285 -54.91 7.84 -18.17
N LEU A 286 -54.53 8.93 -18.82
CA LEU A 286 -54.80 9.14 -20.22
C LEU A 286 -53.53 9.49 -20.99
N ALA A 287 -53.65 9.43 -22.32
CA ALA A 287 -52.47 9.46 -23.18
C ALA A 287 -51.83 10.84 -23.24
N GLU A 288 -50.55 10.84 -23.57
CA GLU A 288 -49.73 12.07 -23.58
C GLU A 288 -50.29 13.14 -24.54
N ASN A 289 -51.12 12.74 -25.51
CA ASN A 289 -51.71 13.72 -26.44
C ASN A 289 -53.23 13.78 -26.42
N ASP A 290 -53.84 13.13 -25.43
CA ASP A 290 -55.30 13.15 -25.27
C ASP A 290 -55.69 14.32 -24.37
N PHE A 291 -55.62 15.51 -24.93
CA PHE A 291 -55.72 16.72 -24.13
C PHE A 291 -57.14 16.89 -23.58
N GLU A 292 -58.13 16.72 -24.46
CA GLU A 292 -59.53 16.74 -24.06
CA GLU A 292 -59.54 16.74 -24.07
C GLU A 292 -59.84 15.75 -22.94
N GLY A 293 -59.34 14.52 -23.07
CA GLY A 293 -59.49 13.51 -22.04
C GLY A 293 -58.96 13.95 -20.69
N TRP A 294 -57.76 14.55 -20.70
CA TRP A 294 -57.11 15.00 -19.46
C TRP A 294 -57.94 16.08 -18.77
N ILE A 295 -58.52 16.96 -19.57
CA ILE A 295 -59.37 18.03 -19.00
C ILE A 295 -60.55 17.41 -18.25
N LYS A 296 -61.25 16.48 -18.93
CA LYS A 296 -62.35 15.78 -18.32
C LYS A 296 -61.96 14.93 -17.09
N LEU A 297 -60.86 14.19 -17.20
CA LEU A 297 -60.37 13.39 -16.07
C LEU A 297 -60.10 14.29 -14.87
N THR A 298 -59.42 15.40 -15.11
CA THR A 298 -59.06 16.30 -14.00
C THR A 298 -60.30 16.88 -13.34
N GLU A 299 -61.29 17.29 -14.15
CA GLU A 299 -62.59 17.73 -13.59
C GLU A 299 -63.26 16.64 -12.78
N LYS A 300 -63.24 15.42 -13.32
CA LYS A 300 -63.95 14.32 -12.72
C LYS A 300 -63.32 13.82 -11.39
N LEU A 301 -61.99 13.68 -11.32
CA LEU A 301 -61.36 13.11 -10.12
C LEU A 301 -60.34 14.02 -9.44
N GLY A 302 -60.03 15.17 -10.05
CA GLY A 302 -58.94 16.02 -9.59
C GLY A 302 -59.00 16.50 -8.16
N ASN A 303 -60.17 16.39 -7.57
CA ASN A 303 -60.43 16.87 -6.21
CA ASN A 303 -60.40 16.87 -6.21
C ASN A 303 -60.44 15.73 -5.22
N LYS A 304 -60.44 14.51 -5.74
CA LYS A 304 -60.50 13.34 -4.92
C LYS A 304 -59.12 12.68 -4.85
N ILE A 305 -58.41 12.64 -5.98
CA ILE A 305 -57.15 11.94 -6.05
C ILE A 305 -56.10 12.71 -6.81
N GLN A 306 -54.86 12.28 -6.61
CA GLN A 306 -53.73 12.87 -7.30
C GLN A 306 -53.67 12.27 -8.70
N LEU A 307 -53.54 13.14 -9.70
CA LEU A 307 -53.41 12.78 -11.12
C LEU A 307 -52.07 13.28 -11.63
N VAL A 308 -51.11 12.36 -11.83
CA VAL A 308 -49.72 12.72 -12.17
C VAL A 308 -49.47 12.69 -13.66
N GLY A 309 -48.96 13.79 -14.21
CA GLY A 309 -48.39 13.75 -15.57
C GLY A 309 -46.94 13.28 -15.57
N ASP A 310 -46.66 12.22 -16.33
CA ASP A 310 -45.30 11.77 -16.59
C ASP A 310 -45.04 12.07 -18.07
N ASP A 311 -45.50 11.20 -18.97
CA ASP A 311 -45.33 11.42 -20.39
C ASP A 311 -46.03 12.69 -20.83
N LEU A 312 -47.10 13.08 -20.13
CA LEU A 312 -47.82 14.30 -20.45
C LEU A 312 -46.93 15.53 -20.36
N PHE A 313 -46.03 15.58 -19.39
CA PHE A 313 -45.28 16.83 -19.12
C PHE A 313 -43.78 16.75 -19.38
N VAL A 314 -43.21 15.55 -19.29
CA VAL A 314 -41.77 15.27 -19.46
C VAL A 314 -40.84 16.26 -18.72
N THR A 315 -41.18 16.58 -17.48
CA THR A 315 -40.41 17.48 -16.64
C THR A 315 -40.16 18.83 -17.32
N ASN A 316 -41.00 19.18 -18.27
CA ASN A 316 -40.75 20.35 -19.09
C ASN A 316 -41.62 21.53 -18.65
N GLU A 317 -40.97 22.62 -18.30
CA GLU A 317 -41.64 23.81 -17.74
C GLU A 317 -42.72 24.39 -18.66
N ASP A 318 -42.37 24.54 -19.95
CA ASP A 318 -43.32 25.03 -20.95
C ASP A 318 -44.53 24.15 -21.14
N ILE A 319 -44.32 22.83 -21.22
CA ILE A 319 -45.40 21.91 -21.41
C ILE A 319 -46.23 21.91 -20.14
N LEU A 320 -45.58 21.94 -18.97
CA LEU A 320 -46.34 22.03 -17.74
C LEU A 320 -47.15 23.31 -17.67
N ARG A 321 -46.58 24.43 -18.11
CA ARG A 321 -47.28 25.71 -18.03
CA ARG A 321 -47.28 25.71 -18.03
C ARG A 321 -48.61 25.64 -18.76
N GLU A 322 -48.58 25.11 -19.98
CA GLU A 322 -49.80 24.93 -20.77
C GLU A 322 -50.82 24.01 -20.08
N GLY A 323 -50.33 22.91 -19.51
CA GLY A 323 -51.14 22.03 -18.71
C GLY A 323 -51.86 22.71 -17.57
N ILE A 324 -51.16 23.54 -16.82
CA ILE A 324 -51.77 24.33 -15.75
C ILE A 324 -52.88 25.24 -16.30
N ILE A 325 -52.55 25.95 -17.36
CA ILE A 325 -53.48 26.84 -17.99
C ILE A 325 -54.73 26.07 -18.44
N LYS A 326 -54.58 24.91 -19.09
CA LYS A 326 -55.71 24.09 -19.52
C LYS A 326 -56.29 23.21 -18.44
N LYS A 327 -55.79 23.27 -17.19
CA LYS A 327 -56.33 22.43 -16.12
C LYS A 327 -56.25 20.92 -16.43
N MET A 328 -55.08 20.47 -16.85
CA MET A 328 -54.79 19.05 -17.02
C MET A 328 -53.88 18.58 -15.87
N ALA A 329 -54.31 17.53 -15.17
CA ALA A 329 -53.58 16.91 -14.05
C ALA A 329 -53.54 17.80 -12.83
N ASN A 330 -53.05 17.25 -11.71
CA ASN A 330 -52.71 18.10 -10.54
C ASN A 330 -51.36 17.73 -9.91
N ALA A 331 -50.52 17.04 -10.66
CA ALA A 331 -49.21 16.61 -10.18
C ALA A 331 -48.30 16.31 -11.38
N VAL A 332 -47.00 16.38 -11.13
CA VAL A 332 -45.98 16.18 -12.12
C VAL A 332 -44.84 15.31 -11.55
N LEU A 333 -44.53 14.26 -12.30
CA LEU A 333 -43.35 13.45 -12.07
C LEU A 333 -42.09 14.25 -12.55
N ILE A 334 -41.08 14.24 -11.69
CA ILE A 334 -39.84 15.01 -11.94
C ILE A 334 -38.67 14.07 -12.17
N LYS A 335 -38.24 14.03 -13.43
CA LYS A 335 -37.11 13.23 -13.85
C LYS A 335 -35.99 14.16 -14.38
N PRO A 336 -34.98 14.45 -13.54
CA PRO A 336 -34.03 15.47 -13.92
C PRO A 336 -33.36 15.24 -15.28
N ASN A 337 -33.02 13.99 -15.60
CA ASN A 337 -32.33 13.74 -16.83
C ASN A 337 -33.20 13.94 -18.06
N GLN A 338 -34.52 14.05 -17.87
CA GLN A 338 -35.48 14.34 -18.94
C GLN A 338 -35.38 15.76 -19.44
N ILE A 339 -34.92 16.63 -18.55
CA ILE A 339 -34.84 18.04 -18.84
C ILE A 339 -33.38 18.53 -18.93
N GLY A 340 -32.43 17.92 -18.22
CA GLY A 340 -31.00 18.07 -18.52
C GLY A 340 -30.05 18.87 -17.60
N THR A 341 -30.58 19.72 -16.71
CA THR A 341 -29.80 20.36 -15.67
C THR A 341 -30.64 20.41 -14.36
N ILE A 342 -29.98 20.63 -13.23
CA ILE A 342 -30.62 20.84 -11.91
CA ILE A 342 -30.74 20.75 -11.99
C ILE A 342 -31.50 22.09 -11.88
N THR A 343 -30.96 23.20 -12.38
CA THR A 343 -31.71 24.46 -12.46
C THR A 343 -33.02 24.29 -13.29
N GLN A 344 -32.94 23.75 -14.50
CA GLN A 344 -34.15 23.48 -15.29
C GLN A 344 -35.10 22.57 -14.52
N THR A 345 -34.56 21.63 -13.76
CA THR A 345 -35.44 20.81 -12.93
C THR A 345 -36.12 21.68 -11.85
N MET A 346 -35.36 22.47 -11.13
CA MET A 346 -35.90 23.34 -10.11
C MET A 346 -36.95 24.33 -10.65
N ARG A 347 -36.77 24.83 -11.88
CA ARG A 347 -37.74 25.73 -12.50
CA ARG A 347 -37.74 25.74 -12.48
C ARG A 347 -39.09 25.02 -12.69
N THR A 348 -39.05 23.75 -13.14
CA THR A 348 -40.27 22.99 -13.34
C THR A 348 -40.93 22.77 -11.98
N VAL A 349 -40.13 22.41 -10.99
CA VAL A 349 -40.73 22.20 -9.62
C VAL A 349 -41.34 23.50 -9.09
N ARG A 350 -40.64 24.63 -9.25
CA ARG A 350 -41.14 25.87 -8.69
C ARG A 350 -42.46 26.26 -9.39
N LEU A 351 -42.52 26.12 -10.70
CA LEU A 351 -43.77 26.41 -11.41
C LEU A 351 -44.94 25.55 -10.89
N ALA A 352 -44.70 24.28 -10.68
CA ALA A 352 -45.71 23.34 -10.23
C ALA A 352 -46.17 23.79 -8.84
N GLN A 353 -45.22 24.00 -7.95
CA GLN A 353 -45.54 24.36 -6.57
C GLN A 353 -46.20 25.73 -6.45
N ARG A 354 -45.96 26.69 -7.35
CA ARG A 354 -46.67 27.97 -7.33
C ARG A 354 -48.12 27.82 -7.80
N ASN A 355 -48.46 26.70 -8.42
CA ASN A 355 -49.77 26.53 -9.06
C ASN A 355 -50.54 25.32 -8.59
N ASN A 356 -50.31 24.97 -7.34
CA ASN A 356 -51.03 23.89 -6.69
C ASN A 356 -50.88 22.51 -7.35
N TYR A 357 -49.74 22.24 -8.00
CA TYR A 357 -49.46 20.90 -8.51
C TYR A 357 -48.44 20.22 -7.58
N LYS A 358 -48.70 19.00 -7.14
CA LYS A 358 -47.68 18.28 -6.37
C LYS A 358 -46.56 17.77 -7.29
N CYS A 359 -45.36 17.64 -6.76
CA CYS A 359 -44.19 17.11 -7.48
C CYS A 359 -43.76 15.80 -6.88
N VAL A 360 -43.54 14.83 -7.76
CA VAL A 360 -43.04 13.51 -7.38
C VAL A 360 -41.64 13.35 -7.96
N MET A 361 -40.61 13.44 -7.13
CA MET A 361 -39.22 13.24 -7.59
C MET A 361 -39.01 11.80 -8.02
N SER A 362 -38.49 11.57 -9.22
CA SER A 362 -38.53 10.24 -9.79
C SER A 362 -37.21 9.65 -10.26
N HIS A 363 -37.10 8.32 -10.09
CA HIS A 363 -36.05 7.51 -10.67
C HIS A 363 -36.33 7.28 -12.16
N ARG A 364 -35.36 6.64 -12.82
CA ARG A 364 -35.57 6.07 -14.13
C ARG A 364 -35.43 4.53 -14.04
N SER A 365 -35.86 3.83 -15.10
CA SER A 365 -35.66 2.38 -15.27
C SER A 365 -34.20 1.96 -15.13
N GLY A 366 -33.34 2.68 -15.86
CA GLY A 366 -31.90 2.58 -15.77
C GLY A 366 -31.36 3.59 -14.77
N GLU A 367 -31.10 3.14 -13.56
CA GLU A 367 -30.58 3.93 -12.50
C GLU A 367 -29.12 3.56 -12.20
N SER A 368 -28.57 4.20 -11.15
CA SER A 368 -27.28 3.85 -10.63
C SER A 368 -27.36 3.92 -9.09
N GLU A 369 -26.21 3.62 -8.49
CA GLU A 369 -25.95 3.79 -7.08
C GLU A 369 -25.95 5.27 -6.62
N ASP A 370 -26.08 6.21 -7.57
CA ASP A 370 -26.14 7.65 -7.22
C ASP A 370 -27.48 7.97 -6.56
N ALA A 371 -27.46 8.51 -5.33
CA ALA A 371 -28.67 8.89 -4.60
C ALA A 371 -29.07 10.37 -4.68
N PHE A 372 -28.69 11.06 -5.76
CA PHE A 372 -28.92 12.49 -5.85
C PHE A 372 -30.39 12.84 -5.64
N ILE A 373 -31.29 12.06 -6.22
CA ILE A 373 -32.71 12.40 -6.20
C ILE A 373 -33.26 12.32 -4.77
N ALA A 374 -32.63 11.56 -3.88
CA ALA A 374 -33.08 11.56 -2.49
C ALA A 374 -32.86 12.95 -1.89
N ASP A 375 -31.63 13.47 -1.99
CA ASP A 375 -31.36 14.79 -1.45
C ASP A 375 -32.22 15.84 -2.16
N PHE A 376 -32.40 15.68 -3.48
CA PHE A 376 -33.12 16.65 -4.29
C PHE A 376 -34.59 16.69 -3.80
N ALA A 377 -35.17 15.53 -3.53
CA ALA A 377 -36.55 15.49 -3.03
C ALA A 377 -36.68 16.28 -1.73
N VAL A 378 -35.74 16.08 -0.80
CA VAL A 378 -35.73 16.85 0.47
C VAL A 378 -35.44 18.34 0.22
N ALA A 379 -34.48 18.64 -0.67
CA ALA A 379 -34.07 20.03 -0.90
C ALA A 379 -35.27 20.86 -1.30
N LEU A 380 -36.11 20.28 -2.18
CA LEU A 380 -37.23 20.99 -2.74
C LEU A 380 -38.55 20.75 -2.03
N ASN A 381 -38.51 20.06 -0.89
CA ASN A 381 -39.70 19.73 -0.14
C ASN A 381 -40.81 19.15 -1.03
N THR A 382 -40.45 18.23 -1.91
CA THR A 382 -41.43 17.69 -2.84
C THR A 382 -42.54 16.99 -2.08
N GLY A 383 -42.21 16.33 -0.98
CA GLY A 383 -43.18 15.56 -0.20
C GLY A 383 -43.48 14.16 -0.73
N GLN A 384 -43.00 13.85 -1.93
CA GLN A 384 -43.15 12.54 -2.53
C GLN A 384 -41.93 12.18 -3.37
N ILE A 385 -41.64 10.89 -3.43
CA ILE A 385 -40.58 10.34 -4.27
C ILE A 385 -41.08 9.01 -4.83
N LYS A 386 -40.60 8.70 -6.05
CA LYS A 386 -40.85 7.44 -6.71
C LYS A 386 -39.49 6.88 -7.08
N THR A 387 -39.06 5.92 -6.29
CA THR A 387 -37.70 5.43 -6.45
C THR A 387 -37.51 3.89 -6.35
N GLY A 388 -38.58 3.16 -6.65
CA GLY A 388 -38.50 1.72 -6.82
C GLY A 388 -39.01 0.87 -5.68
N ALA A 389 -38.97 -0.43 -5.92
CA ALA A 389 -39.27 -1.42 -4.89
C ALA A 389 -38.14 -1.34 -3.86
N LEU A 390 -38.27 -2.15 -2.81
CA LEU A 390 -37.36 -2.19 -1.70
C LEU A 390 -36.30 -3.27 -1.89
N ALA A 391 -35.73 -3.33 -3.11
CA ALA A 391 -34.64 -4.24 -3.43
C ALA A 391 -33.98 -3.70 -4.69
N ARG A 392 -32.75 -4.17 -4.93
CA ARG A 392 -31.80 -3.64 -5.93
C ARG A 392 -31.15 -2.37 -5.41
N GLY A 393 -29.82 -2.39 -5.39
CA GLY A 393 -29.02 -1.38 -4.78
C GLY A 393 -29.24 0.01 -5.37
N GLU A 394 -29.54 0.12 -6.68
CA GLU A 394 -29.81 1.41 -7.28
C GLU A 394 -31.08 2.05 -6.75
N ARG A 395 -31.92 1.27 -6.06
CA ARG A 395 -33.16 1.75 -5.44
C ARG A 395 -32.96 1.91 -3.97
N THR A 396 -32.43 0.89 -3.33
CA THR A 396 -32.16 0.97 -1.88
C THR A 396 -31.11 2.03 -1.50
N ALA A 397 -30.24 2.43 -2.44
CA ALA A 397 -29.30 3.55 -2.16
C ALA A 397 -30.07 4.85 -1.84
N LYS A 398 -31.20 5.07 -2.54
CA LYS A 398 -32.00 6.29 -2.30
C LYS A 398 -32.68 6.24 -0.93
N TYR A 399 -33.25 5.11 -0.57
CA TYR A 399 -33.93 4.92 0.70
C TYR A 399 -32.94 5.08 1.82
N ASN A 400 -31.75 4.52 1.65
CA ASN A 400 -30.67 4.64 2.62
C ASN A 400 -30.19 6.09 2.80
N ARG A 401 -30.01 6.79 1.71
CA ARG A 401 -29.70 8.22 1.81
C ARG A 401 -30.79 8.99 2.56
N LEU A 402 -32.07 8.70 2.27
CA LEU A 402 -33.15 9.29 3.03
C LEU A 402 -33.08 8.93 4.55
N LEU A 403 -32.69 7.70 4.88
CA LEU A 403 -32.50 7.31 6.32
C LEU A 403 -31.37 8.11 6.98
N GLU A 404 -30.37 8.49 6.19
CA GLU A 404 -29.27 9.33 6.71
C GLU A 404 -29.75 10.76 6.86
N ILE A 405 -30.45 11.30 5.87
CA ILE A 405 -30.92 12.67 5.98
C ILE A 405 -31.83 12.80 7.25
N GLU A 406 -32.62 11.78 7.52
CA GLU A 406 -33.54 11.76 8.69
C GLU A 406 -32.90 12.02 10.05
N PHE A 407 -31.61 11.69 10.19
CA PHE A 407 -30.83 12.01 11.42
C PHE A 407 -30.62 13.53 11.63
N GLU A 408 -30.74 14.31 10.58
CA GLU A 408 -30.59 15.76 10.64
C GLU A 408 -31.94 16.45 10.46
N SER A 409 -32.80 15.98 9.56
CA SER A 409 -34.16 16.51 9.49
C SER A 409 -35.16 15.39 9.43
N ASP A 410 -36.00 15.27 10.45
CA ASP A 410 -36.83 14.08 10.57
C ASP A 410 -38.30 14.32 10.27
N GLU A 411 -38.62 15.48 9.73
CA GLU A 411 -40.00 15.81 9.48
C GLU A 411 -40.60 14.95 8.36
N TYR A 412 -41.59 14.17 8.74
CA TYR A 412 -42.35 13.35 7.79
C TYR A 412 -43.78 13.80 7.94
N LEU A 413 -44.38 14.23 6.85
CA LEU A 413 -45.73 14.75 6.89
C LEU A 413 -46.72 13.63 7.06
N GLY A 414 -46.56 12.57 6.30
CA GLY A 414 -47.49 11.46 6.35
C GLY A 414 -48.85 11.93 5.90
N GLU A 415 -49.81 11.87 6.82
CA GLU A 415 -51.19 12.34 6.56
C GLU A 415 -51.46 13.85 6.86
N LYS A 416 -50.51 14.53 7.49
CA LYS A 416 -50.67 15.93 7.87
C LYS A 416 -50.70 16.86 6.68
N LEU A 417 -51.44 17.96 6.80
CA LEU A 417 -51.48 19.01 5.78
C LEU A 417 -50.15 19.80 5.61
N ALA B 3 0.73 9.83 17.78
CA ALA B 3 -0.22 9.45 16.70
C ALA B 3 -0.57 10.70 15.89
N MET B 4 -0.64 10.52 14.56
CA MET B 4 -0.83 11.65 13.64
C MET B 4 -2.29 12.17 13.66
N LEU B 5 -3.26 11.23 13.62
CA LEU B 5 -4.69 11.48 13.79
C LEU B 5 -5.25 10.35 14.65
N VAL B 6 -6.30 10.64 15.39
CA VAL B 6 -6.97 9.58 16.14
C VAL B 6 -8.46 9.51 15.82
N ILE B 7 -9.07 8.40 16.20
CA ILE B 7 -10.48 8.22 16.04
C ILE B 7 -11.20 9.13 17.00
N GLU B 8 -12.05 10.01 16.50
CA GLU B 8 -12.72 11.00 17.34
CA GLU B 8 -12.71 11.00 17.35
C GLU B 8 -14.17 10.62 17.57
N ASP B 9 -14.83 10.05 16.56
CA ASP B 9 -16.25 9.61 16.73
C ASP B 9 -16.57 8.35 15.91
N VAL B 10 -17.39 7.47 16.47
CA VAL B 10 -17.87 6.35 15.69
C VAL B 10 -19.33 6.10 15.89
N ARG B 11 -20.04 5.91 14.79
CA ARG B 11 -21.46 5.68 14.86
CA ARG B 11 -21.50 5.84 14.74
C ARG B 11 -21.92 4.65 13.85
N ALA B 12 -23.07 4.05 14.15
CA ALA B 12 -23.72 3.14 13.20
C ALA B 12 -25.25 3.38 13.17
N TYR B 13 -25.90 2.96 12.09
CA TYR B 13 -27.33 2.98 11.96
C TYR B 13 -27.78 1.90 10.99
N GLU B 14 -29.10 1.65 10.95
CA GLU B 14 -29.70 0.62 10.11
C GLU B 14 -29.94 1.16 8.71
N VAL B 15 -29.53 0.44 7.69
CA VAL B 15 -29.82 0.81 6.29
C VAL B 15 -30.37 -0.48 5.66
N LEU B 16 -30.67 -0.45 4.38
CA LEU B 16 -31.17 -1.61 3.66
C LEU B 16 -30.12 -2.22 2.74
N ASP B 17 -30.05 -3.56 2.71
CA ASP B 17 -29.25 -4.26 1.73
C ASP B 17 -30.03 -4.46 0.41
N SER B 18 -29.45 -5.15 -0.55
CA SER B 18 -30.01 -5.15 -1.91
C SER B 18 -31.18 -6.11 -2.05
N ARG B 19 -31.51 -6.84 -0.98
CA ARG B 19 -32.71 -7.69 -0.93
C ARG B 19 -33.80 -7.10 -0.08
N GLY B 20 -33.50 -5.94 0.50
CA GLY B 20 -34.48 -5.25 1.28
C GLY B 20 -34.49 -5.63 2.74
N ASN B 21 -33.43 -6.30 3.18
CA ASN B 21 -33.23 -6.59 4.60
C ASN B 21 -32.27 -5.56 5.24
N PRO B 22 -32.43 -5.32 6.56
CA PRO B 22 -31.56 -4.39 7.25
C PRO B 22 -30.13 -4.88 7.27
N THR B 23 -29.22 -3.92 7.33
CA THR B 23 -27.84 -4.21 7.63
C THR B 23 -27.20 -2.96 8.26
N VAL B 24 -25.93 -3.06 8.59
CA VAL B 24 -25.26 -2.03 9.33
C VAL B 24 -24.48 -1.13 8.41
N LYS B 25 -24.68 0.19 8.59
CA LYS B 25 -23.75 1.18 8.11
C LYS B 25 -23.02 1.86 9.26
N ALA B 26 -21.71 1.98 9.13
CA ALA B 26 -20.87 2.60 10.15
C ALA B 26 -20.14 3.81 9.58
N GLU B 27 -19.85 4.72 10.48
CA GLU B 27 -19.27 6.00 10.07
C GLU B 27 -18.27 6.35 11.18
N VAL B 28 -17.04 6.62 10.75
CA VAL B 28 -15.96 6.97 11.68
C VAL B 28 -15.41 8.33 11.32
N THR B 29 -15.26 9.16 12.32
CA THR B 29 -14.74 10.52 12.14
C THR B 29 -13.42 10.59 12.88
N LEU B 30 -12.41 11.11 12.18
CA LEU B 30 -11.08 11.37 12.79
C LEU B 30 -10.91 12.77 13.38
N SER B 31 -9.77 13.02 14.03
CA SER B 31 -9.52 14.28 14.69
C SER B 31 -9.28 15.48 13.79
N ASP B 32 -9.02 15.28 12.49
CA ASP B 32 -8.94 16.38 11.51
C ASP B 32 -10.30 16.64 10.90
N GLY B 33 -11.33 15.87 11.30
CA GLY B 33 -12.66 15.97 10.69
C GLY B 33 -12.88 15.11 9.45
N SER B 34 -11.90 14.30 9.07
CA SER B 34 -12.09 13.34 7.96
C SER B 34 -13.10 12.26 8.40
N VAL B 35 -14.03 11.93 7.50
CA VAL B 35 -15.09 10.96 7.74
C VAL B 35 -14.91 9.81 6.74
N GLY B 36 -15.10 8.61 7.24
CA GLY B 36 -15.23 7.47 6.37
C GLY B 36 -16.44 6.65 6.75
N ALA B 37 -17.03 5.97 5.77
CA ALA B 37 -18.20 5.14 6.09
C ALA B 37 -18.26 3.89 5.27
N ALA B 38 -19.03 2.92 5.73
CA ALA B 38 -19.08 1.67 5.03
C ALA B 38 -20.33 0.87 5.39
N ILE B 39 -20.82 0.06 4.45
CA ILE B 39 -22.04 -0.73 4.62
C ILE B 39 -21.58 -2.19 4.56
N VAL B 40 -22.03 -2.94 5.53
CA VAL B 40 -21.71 -4.31 5.66
C VAL B 40 -22.73 -5.14 4.86
N PRO B 41 -22.26 -5.99 3.97
CA PRO B 41 -23.21 -6.95 3.41
C PRO B 41 -23.71 -7.98 4.46
N SER B 42 -24.82 -8.65 4.13
CA SER B 42 -25.44 -9.65 5.01
CA SER B 42 -25.41 -9.60 5.05
C SER B 42 -24.73 -10.97 4.95
N GLY B 43 -24.56 -11.62 6.11
CA GLY B 43 -23.94 -12.94 6.26
C GLY B 43 -24.82 -13.98 6.95
N ALA B 44 -24.37 -14.54 8.08
CA ALA B 44 -25.05 -15.65 8.72
C ALA B 44 -25.09 -15.42 10.23
N SER B 45 -26.27 -15.59 10.83
CA SER B 45 -26.48 -15.30 12.25
C SER B 45 -26.41 -16.54 13.13
N THR B 46 -26.41 -17.72 12.49
CA THR B 46 -26.15 -19.00 13.15
C THR B 46 -25.08 -19.82 12.39
N GLY B 47 -24.62 -20.89 13.03
CA GLY B 47 -23.56 -21.70 12.48
C GLY B 47 -22.30 -21.71 13.34
N SER B 48 -21.61 -22.84 13.29
CA SER B 48 -20.49 -23.13 14.16
C SER B 48 -19.13 -22.97 13.46
N LYS B 49 -19.10 -22.35 12.28
CA LYS B 49 -17.84 -22.23 11.53
C LYS B 49 -17.52 -20.76 11.24
N GLU B 50 -18.48 -20.11 10.60
CA GLU B 50 -18.46 -18.71 10.23
C GLU B 50 -18.49 -17.73 11.40
N ALA B 51 -17.98 -16.52 11.16
CA ALA B 51 -18.21 -15.41 12.09
C ALA B 51 -19.68 -14.98 11.98
N LEU B 52 -20.30 -14.72 13.10
CA LEU B 52 -21.73 -14.52 13.11
C LEU B 52 -22.10 -13.06 13.08
N GLU B 53 -23.15 -12.75 12.31
CA GLU B 53 -23.75 -11.41 12.32
C GLU B 53 -24.85 -11.41 13.36
N LEU B 54 -25.00 -10.32 14.11
CA LEU B 54 -26.12 -10.16 15.05
C LEU B 54 -27.40 -9.70 14.34
N ARG B 55 -28.47 -10.44 14.58
CA ARG B 55 -29.83 -10.07 14.16
C ARG B 55 -30.74 -9.99 15.40
N ASP B 56 -31.73 -9.13 15.37
CA ASP B 56 -32.54 -8.86 16.55
C ASP B 56 -33.58 -9.94 16.84
N ASN B 57 -34.07 -10.62 15.81
CA ASN B 57 -35.13 -11.62 15.99
C ASN B 57 -36.32 -11.09 16.78
N ASP B 58 -36.82 -9.91 16.40
CA ASP B 58 -38.04 -9.42 17.00
C ASP B 58 -39.04 -9.12 15.88
N GLU B 59 -40.07 -8.37 16.21
CA GLU B 59 -41.19 -8.16 15.29
CA GLU B 59 -41.20 -8.12 15.30
C GLU B 59 -40.81 -7.33 14.05
N ARG B 60 -39.75 -6.54 14.14
CA ARG B 60 -39.31 -5.68 13.01
C ARG B 60 -38.68 -6.47 11.88
N PHE B 61 -39.06 -6.17 10.64
CA PHE B 61 -38.39 -6.70 9.44
C PHE B 61 -38.23 -8.24 9.45
N GLY B 62 -39.22 -8.94 9.99
CA GLY B 62 -39.26 -10.39 10.03
C GLY B 62 -38.15 -11.00 10.86
N GLY B 63 -37.78 -10.33 11.94
CA GLY B 63 -36.70 -10.79 12.82
C GLY B 63 -35.32 -10.42 12.35
N LYS B 64 -35.22 -9.60 11.32
CA LYS B 64 -33.94 -9.32 10.73
C LYS B 64 -33.34 -7.92 11.04
N GLY B 65 -33.94 -7.20 12.01
CA GLY B 65 -33.36 -5.92 12.40
C GLY B 65 -31.92 -6.05 12.89
N VAL B 66 -31.11 -4.98 12.76
CA VAL B 66 -29.72 -4.99 13.22
C VAL B 66 -29.49 -3.93 14.31
N LEU B 67 -30.52 -3.68 15.11
CA LEU B 67 -30.41 -2.63 16.13
C LEU B 67 -29.41 -2.95 17.19
N LYS B 68 -29.23 -4.22 17.54
CA LYS B 68 -28.24 -4.58 18.58
C LYS B 68 -26.79 -4.43 18.02
N ALA B 69 -26.58 -4.89 16.79
CA ALA B 69 -25.31 -4.62 16.11
C ALA B 69 -25.03 -3.13 16.14
N VAL B 70 -26.01 -2.34 15.73
CA VAL B 70 -25.88 -0.88 15.73
C VAL B 70 -25.54 -0.39 17.16
N ALA B 71 -26.24 -0.88 18.19
CA ALA B 71 -25.91 -0.50 19.56
C ALA B 71 -24.48 -0.85 19.93
N ASN B 72 -24.04 -2.03 19.53
CA ASN B 72 -22.72 -2.44 19.91
C ASN B 72 -21.66 -1.48 19.30
N VAL B 73 -21.91 -0.94 18.10
CA VAL B 73 -21.00 0.04 17.58
C VAL B 73 -21.07 1.34 18.35
N ASN B 74 -22.29 1.84 18.60
CA ASN B 74 -22.47 3.19 19.16
C ASN B 74 -22.02 3.26 20.63
N GLU B 75 -22.13 2.13 21.35
CA GLU B 75 -21.76 2.07 22.78
CA GLU B 75 -21.76 2.08 22.77
C GLU B 75 -20.44 1.34 23.05
N THR B 76 -20.43 0.01 22.92
CA THR B 76 -19.26 -0.82 23.30
C THR B 76 -18.01 -0.54 22.48
N ILE B 77 -18.16 -0.49 21.17
CA ILE B 77 -16.98 -0.31 20.34
C ILE B 77 -16.51 1.13 20.48
N ALA B 78 -17.41 2.08 20.26
CA ALA B 78 -17.13 3.51 20.45
C ALA B 78 -16.25 3.72 21.67
N ASP B 79 -16.71 3.25 22.83
CA ASP B 79 -16.03 3.47 24.10
C ASP B 79 -14.62 2.92 24.11
N GLU B 80 -14.41 1.81 23.42
CA GLU B 80 -13.13 1.17 23.36
C GLU B 80 -12.17 1.79 22.34
N ILE B 81 -12.65 2.28 21.19
CA ILE B 81 -11.71 2.75 20.12
C ILE B 81 -11.50 4.26 19.97
N LEU B 82 -12.26 5.10 20.65
CA LEU B 82 -12.05 6.55 20.50
C LEU B 82 -10.65 6.85 21.04
N GLY B 83 -9.83 7.59 20.31
CA GLY B 83 -8.50 7.92 20.77
C GLY B 83 -7.39 6.99 20.26
N LEU B 84 -7.74 5.90 19.59
CA LEU B 84 -6.75 5.06 18.96
C LEU B 84 -6.21 5.75 17.68
N ASP B 85 -4.95 5.49 17.37
CA ASP B 85 -4.29 5.92 16.13
C ASP B 85 -5.10 5.49 14.91
N ALA B 86 -5.59 6.47 14.15
CA ALA B 86 -6.38 6.25 12.91
C ALA B 86 -5.71 5.34 11.88
N PHE B 87 -4.39 5.39 11.83
CA PHE B 87 -3.60 4.75 10.81
C PHE B 87 -3.09 3.34 11.15
N ASN B 88 -3.32 2.87 12.39
CA ASN B 88 -2.87 1.56 12.78
C ASN B 88 -4.08 0.63 12.68
N GLN B 89 -4.28 0.11 11.49
CA GLN B 89 -5.41 -0.73 11.19
C GLN B 89 -5.37 -2.04 11.95
N THR B 90 -4.15 -2.57 12.15
CA THR B 90 -3.94 -3.81 12.81
C THR B 90 -4.30 -3.68 14.30
N GLN B 91 -3.87 -2.60 14.95
CA GLN B 91 -4.25 -2.34 16.32
C GLN B 91 -5.78 -2.17 16.48
N LEU B 92 -6.42 -1.44 15.58
CA LEU B 92 -7.88 -1.26 15.65
C LEU B 92 -8.53 -2.66 15.50
N ASP B 93 -8.12 -3.42 14.47
CA ASP B 93 -8.75 -4.72 14.26
C ASP B 93 -8.51 -5.71 15.42
N ASP B 94 -7.30 -5.70 16.01
CA ASP B 94 -6.98 -6.60 17.12
C ASP B 94 -7.72 -6.20 18.38
N THR B 95 -7.94 -4.90 18.55
CA THR B 95 -8.77 -4.37 19.63
C THR B 95 -10.22 -4.83 19.51
N LEU B 96 -10.78 -4.76 18.30
CA LEU B 96 -12.11 -5.30 18.04
C LEU B 96 -12.17 -6.78 18.42
N ARG B 97 -11.18 -7.57 18.00
CA ARG B 97 -11.19 -9.01 18.31
CA ARG B 97 -11.20 -9.01 18.31
C ARG B 97 -11.16 -9.27 19.82
N GLU B 98 -10.26 -8.56 20.51
CA GLU B 98 -10.10 -8.72 21.93
CA GLU B 98 -10.08 -8.66 21.95
C GLU B 98 -11.34 -8.29 22.75
N LEU B 99 -11.97 -7.19 22.35
CA LEU B 99 -13.20 -6.72 22.97
C LEU B 99 -14.33 -7.73 22.77
N ASP B 100 -14.49 -8.25 21.56
CA ASP B 100 -15.48 -9.30 21.34
C ASP B 100 -15.21 -10.50 22.26
N GLY B 101 -13.97 -10.97 22.28
CA GLY B 101 -13.56 -12.04 23.23
C GLY B 101 -13.97 -13.45 22.86
N THR B 102 -14.57 -13.64 21.68
CA THR B 102 -14.93 -14.98 21.18
C THR B 102 -14.07 -15.21 19.93
N ASN B 103 -14.24 -16.36 19.28
CA ASN B 103 -13.48 -16.71 18.08
C ASN B 103 -14.34 -16.60 16.80
N ASN B 104 -15.53 -16.03 16.92
CA ASN B 104 -16.48 -15.93 15.82
C ASN B 104 -17.35 -14.68 15.92
N TYR B 105 -16.86 -13.65 16.60
CA TYR B 105 -17.62 -12.40 16.82
C TYR B 105 -19.07 -12.61 17.26
N SER B 106 -19.29 -13.60 18.11
CA SER B 106 -20.68 -13.90 18.55
C SER B 106 -21.16 -12.91 19.61
N ASN B 107 -20.26 -12.09 20.15
CA ASN B 107 -20.62 -11.01 21.07
C ASN B 107 -20.94 -9.71 20.41
N LEU B 108 -20.01 -9.13 19.66
CA LEU B 108 -20.25 -7.83 19.07
C LEU B 108 -21.07 -7.96 17.79
N GLY B 109 -20.88 -9.08 17.11
CA GLY B 109 -21.40 -9.33 15.78
C GLY B 109 -20.47 -8.84 14.67
N ALA B 110 -20.21 -9.70 13.70
CA ALA B 110 -19.32 -9.38 12.58
C ALA B 110 -19.82 -8.21 11.74
N ASN B 111 -21.14 -8.02 11.70
CA ASN B 111 -21.78 -6.82 11.13
C ASN B 111 -21.44 -5.51 11.88
N ALA B 112 -21.22 -5.56 13.18
CA ALA B 112 -20.67 -4.44 13.93
C ALA B 112 -19.16 -4.20 13.66
N THR B 113 -18.36 -5.26 13.64
CA THR B 113 -16.92 -5.11 13.62
C THR B 113 -16.47 -4.75 12.18
N LEU B 114 -17.04 -5.38 11.16
CA LEU B 114 -16.53 -5.13 9.80
C LEU B 114 -16.85 -3.71 9.38
N GLY B 115 -18.03 -3.23 9.68
CA GLY B 115 -18.39 -1.88 9.26
C GLY B 115 -17.42 -0.86 9.84
N VAL B 116 -17.13 -0.99 11.13
CA VAL B 116 -16.17 -0.10 11.82
C VAL B 116 -14.74 -0.23 11.27
N SER B 117 -14.33 -1.46 10.98
CA SER B 117 -13.05 -1.78 10.39
C SER B 117 -12.90 -1.11 8.99
N MET B 118 -13.90 -1.29 8.11
CA MET B 118 -13.88 -0.65 6.78
C MET B 118 -14.02 0.88 6.85
N ALA B 119 -14.87 1.35 7.74
CA ALA B 119 -15.13 2.77 7.87
C ALA B 119 -13.85 3.49 8.32
N THR B 120 -13.11 2.90 9.28
CA THR B 120 -11.87 3.52 9.76
C THR B 120 -10.83 3.65 8.64
N ALA B 121 -10.70 2.60 7.82
CA ALA B 121 -9.76 2.54 6.73
C ALA B 121 -10.08 3.62 5.69
N ARG B 122 -11.35 3.75 5.33
CA ARG B 122 -11.79 4.80 4.45
C ARG B 122 -11.53 6.19 5.01
N ALA B 123 -11.70 6.37 6.30
CA ALA B 123 -11.50 7.65 6.95
C ALA B 123 -10.03 8.02 6.91
N ALA B 124 -9.19 7.04 7.19
CA ALA B 124 -7.74 7.17 7.09
C ALA B 124 -7.32 7.54 5.65
N ALA B 125 -7.80 6.80 4.67
CA ALA B 125 -7.46 7.11 3.27
C ALA B 125 -7.90 8.54 2.92
N ALA B 126 -9.10 8.96 3.37
CA ALA B 126 -9.63 10.32 3.11
C ALA B 126 -8.73 11.39 3.68
N ALA B 127 -8.28 11.19 4.90
CA ALA B 127 -7.42 12.14 5.57
C ALA B 127 -6.08 12.31 4.86
N LEU B 128 -5.64 11.29 4.16
CA LEU B 128 -4.41 11.36 3.39
C LEU B 128 -4.68 11.84 1.96
N GLY B 129 -5.94 11.93 1.57
CA GLY B 129 -6.27 12.25 0.18
C GLY B 129 -5.92 11.14 -0.77
N MET B 130 -5.93 9.93 -0.24
CA MET B 130 -5.53 8.79 -1.06
CA MET B 130 -5.48 8.72 -0.95
C MET B 130 -6.69 7.83 -1.30
N PRO B 131 -6.72 7.25 -2.50
CA PRO B 131 -7.73 6.22 -2.77
C PRO B 131 -7.59 5.03 -1.82
N LEU B 132 -8.70 4.38 -1.54
CA LEU B 132 -8.72 3.32 -0.58
C LEU B 132 -7.75 2.17 -0.97
N TYR B 133 -7.76 1.80 -2.23
CA TYR B 133 -6.89 0.72 -2.61
C TYR B 133 -5.41 1.09 -2.40
N ARG B 134 -5.04 2.38 -2.47
CA ARG B 134 -3.65 2.76 -2.19
C ARG B 134 -3.36 2.72 -0.67
N TYR B 135 -4.35 3.05 0.14
CA TYR B 135 -4.19 2.97 1.57
C TYR B 135 -3.98 1.53 2.01
N LEU B 136 -4.69 0.59 1.41
CA LEU B 136 -4.68 -0.79 1.84
C LEU B 136 -3.50 -1.56 1.29
N GLY B 137 -3.05 -1.23 0.06
CA GLY B 137 -2.03 -1.97 -0.65
C GLY B 137 -0.86 -1.16 -1.24
N GLY B 138 -0.83 0.14 -1.00
CA GLY B 138 0.33 0.94 -1.29
C GLY B 138 0.47 1.09 -2.82
N ALA B 139 1.61 1.60 -3.26
CA ALA B 139 2.00 1.69 -4.68
C ALA B 139 2.07 0.32 -5.37
N ASN B 140 2.29 -0.73 -4.58
CA ASN B 140 2.25 -2.09 -5.13
C ASN B 140 0.86 -2.53 -5.56
N ALA B 141 -0.20 -1.88 -5.07
CA ALA B 141 -1.59 -2.18 -5.52
C ALA B 141 -1.78 -1.87 -6.99
N SER B 142 -1.99 -2.89 -7.81
CA SER B 142 -1.91 -2.64 -9.24
C SER B 142 -2.94 -3.40 -10.11
N ILE B 143 -3.23 -4.65 -9.79
CA ILE B 143 -3.87 -5.55 -10.73
C ILE B 143 -5.38 -5.37 -10.72
N LEU B 144 -5.96 -5.06 -11.86
CA LEU B 144 -7.44 -5.09 -11.96
C LEU B 144 -7.87 -6.57 -12.16
N PRO B 145 -8.84 -7.02 -11.33
CA PRO B 145 -9.16 -8.43 -11.31
C PRO B 145 -9.97 -8.88 -12.51
N VAL B 146 -9.77 -10.13 -12.95
CA VAL B 146 -10.60 -10.78 -13.92
C VAL B 146 -11.87 -11.13 -13.15
N PRO B 147 -13.02 -10.60 -13.58
CA PRO B 147 -14.25 -10.95 -12.90
C PRO B 147 -14.81 -12.30 -13.37
N MET B 148 -15.46 -13.00 -12.46
CA MET B 148 -16.31 -14.14 -12.81
C MET B 148 -17.77 -13.74 -12.52
N CYS B 149 -18.56 -13.73 -13.58
CA CYS B 149 -19.86 -13.07 -13.62
C CYS B 149 -21.00 -14.09 -13.71
N ASN B 150 -21.72 -14.24 -12.60
CA ASN B 150 -22.79 -15.22 -12.44
C ASN B 150 -24.06 -14.85 -13.17
N ILE B 151 -24.22 -15.34 -14.40
CA ILE B 151 -25.32 -14.88 -15.19
C ILE B 151 -26.44 -15.94 -15.36
N ILE B 152 -26.16 -17.20 -15.05
CA ILE B 152 -27.19 -18.22 -14.98
C ILE B 152 -27.12 -18.94 -13.64
N ASN B 153 -28.26 -19.03 -12.97
CA ASN B 153 -28.37 -19.54 -11.62
C ASN B 153 -29.13 -20.88 -11.58
N GLY B 154 -28.79 -21.70 -10.61
CA GLY B 154 -29.56 -22.88 -10.31
C GLY B 154 -29.43 -23.20 -8.85
N GLY B 155 -29.69 -24.46 -8.52
CA GLY B 155 -29.54 -24.96 -7.16
C GLY B 155 -30.56 -24.38 -6.21
N ALA B 156 -30.09 -24.09 -5.00
CA ALA B 156 -30.86 -23.33 -4.00
C ALA B 156 -31.10 -21.86 -4.42
N HIS B 157 -30.30 -21.34 -5.37
CA HIS B 157 -30.44 -19.95 -5.89
C HIS B 157 -31.58 -19.76 -6.91
N ALA B 158 -32.36 -20.82 -7.13
CA ALA B 158 -33.42 -20.83 -8.11
C ALA B 158 -34.45 -21.81 -7.64
N ASN B 159 -35.49 -21.98 -8.45
CA ASN B 159 -36.37 -23.13 -8.33
C ASN B 159 -36.56 -23.77 -9.69
N ASN B 160 -35.47 -24.39 -10.16
CA ASN B 160 -35.43 -25.16 -11.42
C ASN B 160 -34.94 -26.59 -11.18
N ASN B 161 -34.53 -27.27 -12.26
CA ASN B 161 -33.91 -28.61 -12.21
C ASN B 161 -32.40 -28.59 -12.40
N VAL B 162 -31.81 -27.41 -12.22
CA VAL B 162 -30.39 -27.27 -12.36
C VAL B 162 -29.84 -27.45 -10.94
N ASP B 163 -28.88 -28.34 -10.76
CA ASP B 163 -28.30 -28.59 -9.44
C ASP B 163 -27.22 -27.57 -9.07
N PHE B 164 -26.40 -27.18 -10.03
CA PHE B 164 -25.30 -26.26 -9.76
C PHE B 164 -25.87 -24.86 -9.49
N GLN B 165 -25.18 -24.13 -8.60
CA GLN B 165 -25.68 -22.86 -8.10
C GLN B 165 -25.35 -21.67 -8.96
N GLU B 166 -24.11 -21.58 -9.45
CA GLU B 166 -23.68 -20.39 -10.19
C GLU B 166 -22.97 -20.76 -11.47
N PHE B 167 -23.41 -20.20 -12.58
CA PHE B 167 -22.75 -20.41 -13.86
C PHE B 167 -22.19 -19.09 -14.33
N MET B 168 -20.86 -18.99 -14.46
CA MET B 168 -20.18 -17.70 -14.60
C MET B 168 -19.38 -17.64 -15.86
N ILE B 169 -19.23 -16.43 -16.40
CA ILE B 169 -18.31 -16.22 -17.51
C ILE B 169 -17.12 -15.39 -17.01
N MET B 170 -15.94 -15.69 -17.51
CA MET B 170 -14.68 -15.06 -17.09
C MET B 170 -13.90 -14.61 -18.31
N PRO B 171 -13.72 -13.29 -18.47
CA PRO B 171 -13.07 -12.73 -19.65
C PRO B 171 -11.54 -12.55 -19.57
N PHE B 172 -10.82 -13.58 -20.00
CA PHE B 172 -9.38 -13.63 -19.94
C PHE B 172 -8.75 -13.02 -21.19
N GLY B 173 -9.37 -13.20 -22.34
CA GLY B 173 -8.72 -12.88 -23.63
C GLY B 173 -8.71 -11.43 -23.99
N PHE B 174 -8.26 -10.56 -23.06
CA PHE B 174 -8.26 -9.10 -23.25
C PHE B 174 -7.06 -8.47 -22.65
N THR B 175 -6.65 -7.33 -23.18
CA THR B 175 -5.52 -6.59 -22.61
C THR B 175 -5.94 -5.41 -21.78
N SER B 176 -7.23 -5.12 -21.70
CA SER B 176 -7.72 -4.13 -20.73
C SER B 176 -8.95 -4.60 -20.04
N PHE B 177 -9.09 -4.17 -18.78
CA PHE B 177 -10.26 -4.47 -17.98
C PHE B 177 -11.53 -3.94 -18.63
N LYS B 178 -11.53 -2.70 -19.13
CA LYS B 178 -12.76 -2.18 -19.72
CA LYS B 178 -12.75 -2.17 -19.72
C LYS B 178 -13.21 -3.00 -20.91
N GLU B 179 -12.28 -3.48 -21.74
CA GLU B 179 -12.68 -4.30 -22.90
C GLU B 179 -13.21 -5.66 -22.45
N ALA B 180 -12.62 -6.19 -21.38
CA ALA B 180 -13.09 -7.40 -20.70
C ALA B 180 -14.51 -7.20 -20.15
N LEU B 181 -14.72 -6.09 -19.46
CA LEU B 181 -16.03 -5.76 -18.91
C LEU B 181 -17.02 -5.61 -20.04
N ARG B 182 -16.65 -4.94 -21.13
CA ARG B 182 -17.53 -4.82 -22.27
C ARG B 182 -17.98 -6.18 -22.85
N SER B 183 -17.06 -7.15 -22.97
CA SER B 183 -17.38 -8.47 -23.52
C SER B 183 -18.44 -9.15 -22.68
N VAL B 184 -18.29 -9.17 -21.36
CA VAL B 184 -19.31 -9.81 -20.47
C VAL B 184 -20.66 -9.04 -20.49
N CYS B 185 -20.60 -7.73 -20.68
CA CYS B 185 -21.81 -6.95 -20.83
C CYS B 185 -22.52 -7.36 -22.11
N GLU B 186 -21.80 -7.45 -23.21
CA GLU B 186 -22.38 -7.83 -24.48
C GLU B 186 -22.94 -9.24 -24.47
N ILE B 187 -22.22 -10.17 -23.83
CA ILE B 187 -22.66 -11.54 -23.75
C ILE B 187 -23.95 -11.66 -22.92
N TYR B 188 -23.99 -10.96 -21.79
CA TYR B 188 -25.20 -10.91 -20.97
C TYR B 188 -26.41 -10.39 -21.75
N ALA B 189 -26.21 -9.31 -22.52
CA ALA B 189 -27.32 -8.76 -23.33
C ALA B 189 -27.87 -9.81 -24.32
N ILE B 190 -26.95 -10.54 -24.97
CA ILE B 190 -27.29 -11.56 -25.92
C ILE B 190 -28.03 -12.70 -25.24
N LEU B 191 -27.58 -13.10 -24.05
CA LEU B 191 -28.27 -14.13 -23.25
C LEU B 191 -29.69 -13.72 -22.90
N LYS B 192 -29.86 -12.47 -22.47
CA LYS B 192 -31.19 -11.94 -22.19
C LYS B 192 -32.15 -12.14 -23.37
N LYS B 193 -31.72 -11.71 -24.55
CA LYS B 193 -32.42 -11.89 -25.83
C LYS B 193 -32.74 -13.36 -26.16
N GLU B 194 -31.72 -14.22 -26.05
CA GLU B 194 -31.88 -15.65 -26.28
C GLU B 194 -32.96 -16.25 -25.40
N LEU B 195 -32.98 -15.83 -24.13
CA LEU B 195 -33.96 -16.30 -23.18
C LEU B 195 -35.36 -15.79 -23.55
N ALA B 196 -35.48 -14.46 -23.70
CA ALA B 196 -36.73 -13.85 -24.07
C ALA B 196 -37.33 -14.54 -25.30
N ASN B 197 -36.50 -14.80 -26.31
CA ASN B 197 -36.97 -15.35 -27.58
C ASN B 197 -37.36 -16.81 -27.51
N SER B 198 -36.97 -17.52 -26.46
CA SER B 198 -37.40 -18.90 -26.29
C SER B 198 -38.44 -18.97 -25.17
N GLY B 199 -39.07 -17.83 -24.85
CA GLY B 199 -40.12 -17.80 -23.84
C GLY B 199 -39.70 -18.02 -22.39
N HIS B 200 -38.45 -17.74 -22.06
CA HIS B 200 -38.03 -17.71 -20.65
C HIS B 200 -38.18 -16.31 -20.07
N SER B 201 -38.34 -16.26 -18.76
CA SER B 201 -38.32 -15.00 -18.02
C SER B 201 -36.96 -14.30 -18.19
N THR B 202 -36.97 -12.98 -18.34
CA THR B 202 -35.75 -12.17 -18.23
C THR B 202 -35.62 -11.47 -16.83
N ALA B 203 -36.49 -11.82 -15.88
CA ALA B 203 -36.39 -11.29 -14.50
C ALA B 203 -35.14 -11.82 -13.79
N LEU B 204 -34.61 -11.07 -12.83
CA LEU B 204 -33.29 -11.37 -12.26
C LEU B 204 -33.31 -11.94 -10.83
N GLY B 205 -32.36 -12.82 -10.52
CA GLY B 205 -32.12 -13.24 -9.12
C GLY B 205 -31.30 -12.20 -8.34
N ASP B 206 -30.92 -12.57 -7.12
CA ASP B 206 -30.29 -11.67 -6.19
C ASP B 206 -29.00 -11.03 -6.70
N GLU B 207 -28.29 -11.73 -7.59
CA GLU B 207 -27.00 -11.29 -8.08
C GLU B 207 -27.06 -10.82 -9.53
N GLY B 208 -28.26 -10.73 -10.10
CA GLY B 208 -28.42 -10.07 -11.41
C GLY B 208 -28.50 -11.01 -12.59
N GLY B 209 -28.42 -12.30 -12.31
CA GLY B 209 -28.40 -13.33 -13.33
C GLY B 209 -29.79 -13.91 -13.48
N PHE B 210 -29.96 -14.79 -14.45
CA PHE B 210 -31.25 -15.34 -14.82
C PHE B 210 -31.40 -16.74 -14.28
N ALA B 211 -32.63 -17.16 -13.99
CA ALA B 211 -32.89 -18.50 -13.43
C ALA B 211 -33.89 -19.28 -14.25
N PRO B 212 -33.60 -19.49 -15.55
CA PRO B 212 -34.58 -20.22 -16.37
C PRO B 212 -34.62 -21.69 -16.00
N ASN B 213 -35.76 -22.33 -16.23
CA ASN B 213 -35.95 -23.72 -15.88
C ASN B 213 -35.37 -24.65 -16.93
N LEU B 214 -34.06 -24.90 -16.83
CA LEU B 214 -33.39 -25.72 -17.82
C LEU B 214 -33.38 -27.16 -17.34
N ALA B 215 -32.93 -28.08 -18.18
CA ALA B 215 -33.10 -29.51 -17.98
C ALA B 215 -32.09 -30.17 -17.04
N ASN B 216 -30.90 -29.59 -16.95
CA ASN B 216 -29.77 -30.23 -16.31
C ASN B 216 -28.60 -29.24 -16.18
N ASN B 217 -27.43 -29.72 -15.83
CA ASN B 217 -26.34 -28.85 -15.50
C ASN B 217 -25.47 -28.50 -16.70
N THR B 218 -25.74 -29.13 -17.85
CA THR B 218 -24.93 -28.92 -19.04
C THR B 218 -25.62 -27.95 -19.97
N GLU B 219 -26.97 -27.96 -19.99
CA GLU B 219 -27.71 -26.95 -20.78
C GLU B 219 -27.27 -25.51 -20.48
N PRO B 220 -27.22 -25.11 -19.20
CA PRO B 220 -26.76 -23.74 -18.95
C PRO B 220 -25.35 -23.46 -19.53
N ILE B 221 -24.45 -24.45 -19.48
CA ILE B 221 -23.12 -24.29 -20.05
C ILE B 221 -23.22 -24.10 -21.57
N ASP B 222 -24.06 -24.89 -22.22
CA ASP B 222 -24.25 -24.81 -23.69
C ASP B 222 -24.78 -23.45 -24.09
N LEU B 223 -25.72 -22.96 -23.31
CA LEU B 223 -26.27 -21.64 -23.48
C LEU B 223 -25.17 -20.55 -23.33
N LEU B 224 -24.38 -20.61 -22.27
CA LEU B 224 -23.22 -19.69 -22.19
C LEU B 224 -22.30 -19.76 -23.42
N MET B 225 -21.96 -20.97 -23.86
CA MET B 225 -21.07 -21.15 -24.99
C MET B 225 -21.65 -20.49 -26.22
N THR B 226 -22.94 -20.68 -26.47
CA THR B 226 -23.50 -20.13 -27.72
C THR B 226 -23.60 -18.59 -27.63
N CYS B 227 -23.85 -18.03 -26.43
CA CYS B 227 -23.85 -16.58 -26.26
C CYS B 227 -22.49 -15.95 -26.40
N ILE B 228 -21.48 -16.63 -25.87
CA ILE B 228 -20.10 -16.22 -26.04
C ILE B 228 -19.75 -16.20 -27.52
N LYS B 229 -20.12 -17.25 -28.25
CA LYS B 229 -19.80 -17.30 -29.67
C LYS B 229 -20.59 -16.25 -30.47
N LYS B 230 -21.89 -16.14 -30.27
CA LYS B 230 -22.68 -15.09 -30.94
C LYS B 230 -22.18 -13.67 -30.67
N ALA B 231 -21.68 -13.40 -29.46
CA ALA B 231 -21.17 -12.07 -29.11
C ALA B 231 -19.85 -11.78 -29.79
N GLY B 232 -19.22 -12.84 -30.31
CA GLY B 232 -17.98 -12.71 -31.07
C GLY B 232 -16.74 -12.90 -30.22
N TYR B 233 -16.88 -13.53 -29.05
CA TYR B 233 -15.75 -13.70 -28.13
C TYR B 233 -15.27 -15.14 -27.93
N GLU B 234 -15.45 -16.00 -28.93
CA GLU B 234 -15.05 -17.39 -28.81
C GLU B 234 -13.58 -17.52 -28.43
N ASN B 235 -13.31 -18.35 -27.42
CA ASN B 235 -11.97 -18.65 -26.94
C ASN B 235 -11.36 -17.57 -26.03
N ARG B 236 -12.02 -16.41 -25.88
CA ARG B 236 -11.53 -15.29 -25.07
C ARG B 236 -12.26 -15.18 -23.74
N VAL B 237 -13.37 -15.92 -23.60
CA VAL B 237 -14.19 -15.93 -22.36
C VAL B 237 -14.39 -17.37 -21.97
N LYS B 238 -14.11 -17.70 -20.71
CA LYS B 238 -14.19 -19.06 -20.23
C LYS B 238 -15.29 -19.18 -19.17
N ILE B 239 -15.57 -20.41 -18.72
CA ILE B 239 -16.68 -20.68 -17.81
C ILE B 239 -16.14 -20.98 -16.45
N ALA B 240 -16.80 -20.49 -15.41
CA ALA B 240 -16.48 -20.88 -14.05
C ALA B 240 -17.77 -21.36 -13.42
N LEU B 241 -17.66 -22.33 -12.51
CA LEU B 241 -18.85 -22.85 -11.85
C LEU B 241 -18.73 -22.69 -10.35
N ASP B 242 -19.87 -22.41 -9.69
CA ASP B 242 -20.02 -22.68 -8.26
C ASP B 242 -21.05 -23.79 -8.11
N VAL B 243 -20.58 -24.98 -7.78
CA VAL B 243 -21.46 -26.11 -7.61
C VAL B 243 -22.23 -26.02 -6.28
N ALA B 244 -21.63 -25.41 -5.27
CA ALA B 244 -22.19 -25.43 -3.92
C ALA B 244 -22.68 -26.82 -3.56
N SER B 245 -21.77 -27.80 -3.61
CA SER B 245 -22.15 -29.19 -3.43
C SER B 245 -22.62 -29.58 -2.02
N THR B 246 -22.34 -28.74 -1.01
CA THR B 246 -22.87 -29.01 0.33
C THR B 246 -24.41 -29.01 0.36
N GLU B 247 -25.02 -28.24 -0.53
CA GLU B 247 -26.48 -28.14 -0.61
C GLU B 247 -27.17 -29.42 -1.05
N PHE B 248 -26.44 -30.39 -1.59
CA PHE B 248 -27.04 -31.66 -1.99
C PHE B 248 -26.24 -32.91 -1.59
N PHE B 249 -25.38 -32.76 -0.59
CA PHE B 249 -24.60 -33.83 0.00
C PHE B 249 -25.36 -34.37 1.21
N LYS B 250 -25.72 -35.66 1.15
CA LYS B 250 -26.43 -36.33 2.24
C LYS B 250 -26.04 -37.80 2.30
N ASP B 251 -25.63 -38.27 3.48
CA ASP B 251 -25.26 -39.68 3.72
C ASP B 251 -24.11 -40.22 2.89
N GLY B 252 -23.09 -39.39 2.68
CA GLY B 252 -21.90 -39.80 1.94
C GLY B 252 -22.09 -39.67 0.43
N LYS B 253 -23.26 -39.17 0.02
CA LYS B 253 -23.60 -39.13 -1.39
C LYS B 253 -24.06 -37.75 -1.84
N TYR B 254 -23.79 -37.45 -3.09
CA TYR B 254 -24.21 -36.20 -3.69
C TYR B 254 -25.40 -36.47 -4.62
N HIS B 255 -26.57 -35.91 -4.29
CA HIS B 255 -27.80 -36.16 -5.03
C HIS B 255 -28.10 -35.11 -6.10
N MET B 256 -27.75 -35.43 -7.34
CA MET B 256 -27.92 -34.53 -8.48
C MET B 256 -28.15 -35.31 -9.77
N GLU B 257 -28.77 -34.66 -10.75
CA GLU B 257 -29.03 -35.27 -12.06
C GLU B 257 -29.74 -36.64 -11.85
N GLY B 258 -30.77 -36.64 -11.00
CA GLY B 258 -31.52 -37.85 -10.64
C GLY B 258 -30.74 -39.05 -10.11
N LYS B 259 -29.49 -38.85 -9.69
CA LYS B 259 -28.64 -39.93 -9.20
C LYS B 259 -28.16 -39.64 -7.79
N ALA B 260 -27.57 -40.66 -7.16
CA ALA B 260 -26.82 -40.51 -5.93
C ALA B 260 -25.35 -40.80 -6.26
N PHE B 261 -24.51 -39.75 -6.27
CA PHE B 261 -23.11 -39.88 -6.68
C PHE B 261 -22.22 -40.08 -5.47
N SER B 262 -21.21 -40.94 -5.61
CA SER B 262 -20.10 -40.98 -4.66
C SER B 262 -19.14 -39.77 -4.92
N SER B 263 -18.26 -39.49 -3.95
CA SER B 263 -17.25 -38.45 -4.11
C SER B 263 -16.43 -38.70 -5.37
N GLU B 264 -15.97 -39.94 -5.53
CA GLU B 264 -15.07 -40.30 -6.64
C GLU B 264 -15.78 -40.19 -7.99
N ALA B 265 -17.07 -40.49 -7.99
CA ALA B 265 -17.88 -40.43 -9.20
C ALA B 265 -18.14 -38.98 -9.59
N LEU B 266 -18.45 -38.13 -8.63
CA LEU B 266 -18.60 -36.71 -8.92
C LEU B 266 -17.28 -36.10 -9.49
N ILE B 267 -16.16 -36.51 -8.94
CA ILE B 267 -14.88 -36.08 -9.47
C ILE B 267 -14.78 -36.45 -10.94
N GLU B 268 -15.13 -37.70 -11.28
CA GLU B 268 -15.06 -38.15 -12.67
CA GLU B 268 -15.09 -38.16 -12.68
C GLU B 268 -16.01 -37.32 -13.55
N ARG B 269 -17.16 -36.96 -12.99
CA ARG B 269 -18.08 -36.08 -13.70
C ARG B 269 -17.37 -34.72 -14.02
N TYR B 270 -16.62 -34.16 -13.09
CA TYR B 270 -15.92 -32.87 -13.35
C TYR B 270 -14.84 -32.99 -14.40
N VAL B 271 -14.19 -34.15 -14.45
CA VAL B 271 -13.14 -34.44 -15.42
C VAL B 271 -13.76 -34.44 -16.81
N GLU B 272 -14.93 -35.09 -16.88
CA GLU B 272 -15.73 -35.19 -18.10
C GLU B 272 -16.14 -33.82 -18.60
N LEU B 273 -16.77 -33.04 -17.72
CA LEU B 273 -17.16 -31.66 -18.05
C LEU B 273 -15.97 -30.80 -18.46
N CYS B 274 -14.87 -30.93 -17.75
CA CYS B 274 -13.70 -30.14 -18.06
C CYS B 274 -13.06 -30.53 -19.42
N ALA B 275 -13.25 -31.76 -19.86
CA ALA B 275 -12.75 -32.18 -21.16
C ALA B 275 -13.57 -31.61 -22.30
N LYS B 276 -14.88 -31.46 -22.07
CA LYS B 276 -15.80 -31.01 -23.11
C LYS B 276 -16.02 -29.49 -23.22
N TYR B 277 -15.89 -28.78 -22.09
CA TYR B 277 -16.16 -27.33 -22.04
C TYR B 277 -14.97 -26.59 -21.45
N PRO B 278 -14.78 -25.30 -21.83
CA PRO B 278 -13.70 -24.49 -21.30
C PRO B 278 -13.99 -23.98 -19.89
N ILE B 279 -14.11 -24.91 -18.96
CA ILE B 279 -14.28 -24.59 -17.57
C ILE B 279 -12.89 -24.32 -17.02
N CYS B 280 -12.66 -23.13 -16.44
CA CYS B 280 -11.36 -22.84 -15.83
C CYS B 280 -11.39 -22.95 -14.32
N SER B 281 -12.55 -23.05 -13.71
CA SER B 281 -12.64 -22.97 -12.25
C SER B 281 -13.88 -23.63 -11.69
N ILE B 282 -13.75 -24.29 -10.55
CA ILE B 282 -14.92 -24.89 -9.93
C ILE B 282 -14.87 -24.67 -8.45
N GLU B 283 -15.96 -24.13 -7.93
CA GLU B 283 -16.02 -23.77 -6.51
C GLU B 283 -16.89 -24.73 -5.79
N ASP B 284 -16.40 -25.24 -4.68
CA ASP B 284 -17.18 -26.16 -3.82
C ASP B 284 -17.74 -27.36 -4.59
N GLY B 285 -16.88 -27.96 -5.42
CA GLY B 285 -17.18 -29.18 -6.18
C GLY B 285 -17.49 -30.35 -5.29
N LEU B 286 -16.93 -30.31 -4.09
CA LEU B 286 -17.24 -31.30 -3.07
C LEU B 286 -17.57 -30.55 -1.80
N ALA B 287 -18.16 -31.29 -0.87
CA ALA B 287 -18.83 -30.66 0.28
C ALA B 287 -17.81 -30.19 1.32
N GLU B 288 -18.30 -29.35 2.22
CA GLU B 288 -17.45 -28.63 3.18
C GLU B 288 -16.80 -29.54 4.21
N ASN B 289 -17.36 -30.73 4.43
CA ASN B 289 -16.78 -31.69 5.36
C ASN B 289 -16.28 -32.99 4.68
N ASP B 290 -16.25 -33.01 3.35
CA ASP B 290 -15.80 -34.17 2.59
C ASP B 290 -14.29 -34.08 2.36
N PHE B 291 -13.55 -34.24 3.45
CA PHE B 291 -12.12 -33.89 3.44
C PHE B 291 -11.31 -34.81 2.55
N GLU B 292 -11.71 -36.08 2.57
CA GLU B 292 -11.06 -37.10 1.79
CA GLU B 292 -11.04 -37.09 1.76
C GLU B 292 -11.33 -36.84 0.29
N GLY B 293 -12.57 -36.48 -0.01
CA GLY B 293 -12.92 -36.19 -1.39
C GLY B 293 -12.14 -35.04 -2.00
N TRP B 294 -12.05 -33.94 -1.26
CA TRP B 294 -11.28 -32.76 -1.68
C TRP B 294 -9.82 -33.12 -1.95
N ILE B 295 -9.25 -33.96 -1.08
CA ILE B 295 -7.87 -34.37 -1.28
C ILE B 295 -7.72 -35.03 -2.66
N LYS B 296 -8.64 -35.96 -2.99
CA LYS B 296 -8.67 -36.63 -4.31
C LYS B 296 -8.96 -35.64 -5.46
N LEU B 297 -9.95 -34.78 -5.24
CA LEU B 297 -10.32 -33.78 -6.26
C LEU B 297 -9.08 -32.97 -6.70
N THR B 298 -8.31 -32.54 -5.71
CA THR B 298 -7.18 -31.64 -5.95
C THR B 298 -6.05 -32.34 -6.68
N GLU B 299 -5.79 -33.59 -6.30
CA GLU B 299 -4.83 -34.43 -7.03
C GLU B 299 -5.23 -34.58 -8.49
N LYS B 300 -6.51 -34.89 -8.74
CA LYS B 300 -6.93 -35.18 -10.12
C LYS B 300 -6.98 -33.97 -11.02
N LEU B 301 -7.45 -32.83 -10.49
CA LEU B 301 -7.68 -31.65 -11.32
C LEU B 301 -6.93 -30.38 -10.93
N GLY B 302 -6.27 -30.39 -9.77
CA GLY B 302 -5.64 -29.20 -9.23
C GLY B 302 -4.55 -28.55 -10.05
N ASN B 303 -3.90 -29.34 -10.91
CA ASN B 303 -2.94 -28.86 -11.91
CA ASN B 303 -2.95 -28.79 -11.87
C ASN B 303 -3.60 -28.46 -13.22
N LYS B 304 -4.88 -28.73 -13.38
CA LYS B 304 -5.57 -28.38 -14.65
C LYS B 304 -6.51 -27.17 -14.50
N ILE B 305 -7.21 -27.11 -13.37
CA ILE B 305 -8.18 -26.07 -13.20
C ILE B 305 -8.11 -25.52 -11.80
N GLN B 306 -8.71 -24.36 -11.64
CA GLN B 306 -8.81 -23.72 -10.35
C GLN B 306 -9.90 -24.44 -9.54
N LEU B 307 -9.61 -24.72 -8.27
CA LEU B 307 -10.54 -25.38 -7.38
C LEU B 307 -10.70 -24.51 -6.14
N VAL B 308 -11.85 -23.83 -6.01
CA VAL B 308 -12.04 -22.79 -5.02
C VAL B 308 -12.80 -23.31 -3.78
N GLY B 309 -12.21 -23.22 -2.60
CA GLY B 309 -12.97 -23.41 -1.38
C GLY B 309 -13.77 -22.17 -0.99
N ASP B 310 -15.09 -22.31 -0.83
CA ASP B 310 -15.99 -21.25 -0.28
C ASP B 310 -16.44 -21.73 1.10
N ASP B 311 -17.44 -22.59 1.15
CA ASP B 311 -17.88 -23.14 2.42
C ASP B 311 -16.78 -23.97 3.13
N LEU B 312 -15.82 -24.46 2.37
CA LEU B 312 -14.70 -25.22 2.93
C LEU B 312 -13.83 -24.41 3.89
N PHE B 313 -13.59 -23.13 3.55
CA PHE B 313 -12.61 -22.33 4.28
C PHE B 313 -13.21 -21.16 5.05
N VAL B 314 -14.41 -20.74 4.65
CA VAL B 314 -15.09 -19.58 5.21
C VAL B 314 -14.18 -18.38 5.56
N THR B 315 -13.29 -18.03 4.63
CA THR B 315 -12.37 -16.90 4.77
C THR B 315 -11.52 -16.96 6.04
N ASN B 316 -11.44 -18.14 6.63
CA ASN B 316 -10.79 -18.31 7.91
C ASN B 316 -9.35 -18.81 7.80
N GLU B 317 -8.43 -18.01 8.32
CA GLU B 317 -6.99 -18.27 8.23
C GLU B 317 -6.59 -19.67 8.75
N ASP B 318 -7.08 -20.05 9.93
CA ASP B 318 -6.75 -21.33 10.55
C ASP B 318 -7.31 -22.51 9.74
N ILE B 319 -8.53 -22.37 9.25
CA ILE B 319 -9.09 -23.47 8.49
C ILE B 319 -8.34 -23.58 7.16
N LEU B 320 -7.99 -22.44 6.57
CA LEU B 320 -7.23 -22.43 5.29
C LEU B 320 -5.86 -23.06 5.51
N ARG B 321 -5.23 -22.78 6.65
CA ARG B 321 -3.91 -23.35 6.93
C ARG B 321 -4.00 -24.86 6.89
N GLU B 322 -4.98 -25.45 7.57
CA GLU B 322 -5.09 -26.94 7.58
C GLU B 322 -5.35 -27.47 6.20
N GLY B 323 -6.18 -26.77 5.44
CA GLY B 323 -6.41 -27.12 4.05
C GLY B 323 -5.14 -27.12 3.22
N ILE B 324 -4.29 -26.11 3.42
CA ILE B 324 -3.04 -25.98 2.68
C ILE B 324 -2.17 -27.20 2.99
N ILE B 325 -2.06 -27.52 4.27
CA ILE B 325 -1.23 -28.62 4.74
C ILE B 325 -1.67 -29.98 4.15
N LYS B 326 -2.99 -30.23 4.14
CA LYS B 326 -3.56 -31.46 3.67
C LYS B 326 -3.86 -31.42 2.16
N LYS B 327 -3.46 -30.37 1.47
CA LYS B 327 -3.59 -30.31 0.01
C LYS B 327 -5.05 -30.38 -0.51
N MET B 328 -5.88 -29.52 0.03
CA MET B 328 -7.26 -29.36 -0.40
C MET B 328 -7.42 -28.04 -1.13
N ALA B 329 -7.88 -28.10 -2.40
CA ALA B 329 -8.15 -26.91 -3.21
C ALA B 329 -6.87 -26.20 -3.63
N ASN B 330 -7.01 -25.20 -4.48
CA ASN B 330 -5.88 -24.35 -4.81
C ASN B 330 -6.25 -22.85 -4.90
N ALA B 331 -7.43 -22.51 -4.37
CA ALA B 331 -7.95 -21.16 -4.36
C ALA B 331 -9.00 -21.03 -3.24
N VAL B 332 -9.19 -19.81 -2.74
CA VAL B 332 -10.10 -19.54 -1.62
C VAL B 332 -11.00 -18.30 -1.94
N LEU B 333 -12.28 -18.43 -1.74
CA LEU B 333 -13.17 -17.26 -1.85
C LEU B 333 -12.94 -16.36 -0.66
N ILE B 334 -12.87 -15.06 -0.87
CA ILE B 334 -12.64 -14.13 0.22
C ILE B 334 -13.88 -13.28 0.50
N LYS B 335 -14.56 -13.56 1.61
CA LYS B 335 -15.76 -12.81 1.97
C LYS B 335 -15.48 -12.12 3.30
N PRO B 336 -15.09 -10.83 3.25
CA PRO B 336 -14.61 -10.14 4.48
C PRO B 336 -15.56 -10.20 5.68
N ASN B 337 -16.87 -10.16 5.43
CA ASN B 337 -17.83 -10.15 6.54
C ASN B 337 -17.96 -11.50 7.22
N GLN B 338 -17.48 -12.52 6.54
CA GLN B 338 -17.45 -13.88 7.02
C GLN B 338 -16.41 -14.05 8.12
N ILE B 339 -15.44 -13.13 8.16
CA ILE B 339 -14.36 -13.19 9.12
C ILE B 339 -14.36 -11.99 10.10
N GLY B 340 -14.76 -10.80 9.65
CA GLY B 340 -15.17 -9.76 10.59
C GLY B 340 -14.37 -8.49 10.74
N THR B 341 -13.12 -8.51 10.28
CA THR B 341 -12.31 -7.29 10.16
C THR B 341 -11.47 -7.33 8.85
N ILE B 342 -10.99 -6.19 8.47
CA ILE B 342 -10.16 -6.05 7.25
CA ILE B 342 -10.20 -6.17 7.23
C ILE B 342 -8.78 -6.71 7.48
N THR B 343 -8.26 -6.57 8.71
CA THR B 343 -6.96 -7.16 9.03
C THR B 343 -7.00 -8.70 8.95
N GLN B 344 -8.04 -9.29 9.51
CA GLN B 344 -8.20 -10.76 9.48
C GLN B 344 -8.40 -11.22 8.05
N THR B 345 -9.07 -10.42 7.23
CA THR B 345 -9.20 -10.74 5.81
C THR B 345 -7.83 -10.76 5.12
N MET B 346 -7.06 -9.72 5.37
CA MET B 346 -5.70 -9.61 4.88
C MET B 346 -4.80 -10.75 5.28
N ARG B 347 -4.92 -11.20 6.53
CA ARG B 347 -4.16 -12.35 7.01
CA ARG B 347 -4.15 -12.35 7.00
C ARG B 347 -4.48 -13.59 6.19
N THR B 348 -5.76 -13.81 5.90
CA THR B 348 -6.15 -14.99 5.18
C THR B 348 -5.61 -14.88 3.78
N VAL B 349 -5.73 -13.70 3.20
CA VAL B 349 -5.20 -13.55 1.85
C VAL B 349 -3.66 -13.76 1.83
N ARG B 350 -2.93 -13.22 2.84
CA ARG B 350 -1.47 -13.32 2.78
C ARG B 350 -1.04 -14.78 2.90
N LEU B 351 -1.71 -15.52 3.78
CA LEU B 351 -1.47 -16.96 3.93
C LEU B 351 -1.67 -17.68 2.62
N ALA B 352 -2.75 -17.37 1.93
CA ALA B 352 -3.05 -18.07 0.74
C ALA B 352 -2.00 -17.77 -0.33
N GLN B 353 -1.65 -16.51 -0.45
CA GLN B 353 -0.71 -16.07 -1.49
C GLN B 353 0.74 -16.53 -1.23
N ARG B 354 1.12 -16.78 0.03
CA ARG B 354 2.40 -17.39 0.34
C ARG B 354 2.46 -18.87 0.02
N ASN B 355 1.32 -19.50 -0.20
CA ASN B 355 1.28 -20.95 -0.43
C ASN B 355 0.58 -21.34 -1.72
N ASN B 356 0.68 -20.49 -2.75
CA ASN B 356 0.21 -20.80 -4.10
C ASN B 356 -1.31 -21.00 -4.20
N TYR B 357 -2.09 -20.33 -3.34
CA TYR B 357 -3.56 -20.40 -3.43
C TYR B 357 -4.04 -19.06 -4.03
N LYS B 358 -4.86 -19.11 -5.08
CA LYS B 358 -5.39 -17.85 -5.61
C LYS B 358 -6.55 -17.38 -4.78
N CYS B 359 -6.73 -16.08 -4.69
CA CYS B 359 -7.81 -15.48 -3.89
C CYS B 359 -8.85 -14.83 -4.79
N VAL B 360 -10.11 -15.12 -4.53
CA VAL B 360 -11.19 -14.53 -5.29
C VAL B 360 -11.90 -13.62 -4.32
N MET B 361 -11.71 -12.30 -4.46
CA MET B 361 -12.46 -11.34 -3.67
C MET B 361 -13.96 -11.47 -3.99
N SER B 362 -14.77 -11.67 -2.96
CA SER B 362 -16.18 -12.01 -3.18
C SER B 362 -17.25 -11.11 -2.54
N HIS B 363 -18.34 -10.95 -3.30
CA HIS B 363 -19.59 -10.36 -2.80
C HIS B 363 -20.37 -11.38 -1.95
N ARG B 364 -21.47 -10.89 -1.37
CA ARG B 364 -22.54 -11.69 -0.79
C ARG B 364 -23.85 -11.49 -1.55
N SER B 365 -24.79 -12.40 -1.28
CA SER B 365 -26.09 -12.37 -1.93
C SER B 365 -26.81 -11.09 -1.61
N GLY B 366 -26.79 -10.73 -0.32
CA GLY B 366 -27.25 -9.42 0.13
C GLY B 366 -26.10 -8.40 0.18
N GLU B 367 -25.98 -7.65 -0.89
CA GLU B 367 -24.97 -6.61 -1.02
C GLU B 367 -25.51 -5.21 -0.74
N SER B 368 -24.70 -4.20 -0.98
CA SER B 368 -25.12 -2.82 -0.93
C SER B 368 -24.42 -2.11 -2.08
N GLU B 369 -24.76 -0.83 -2.19
CA GLU B 369 -24.08 0.16 -2.99
C GLU B 369 -22.57 0.39 -2.65
N ASP B 370 -22.11 -0.15 -1.52
CA ASP B 370 -20.73 0.01 -1.08
C ASP B 370 -19.83 -0.85 -1.96
N ALA B 371 -18.78 -0.24 -2.53
CA ALA B 371 -17.86 -0.94 -3.40
C ALA B 371 -16.52 -1.25 -2.77
N PHE B 372 -16.47 -1.35 -1.44
CA PHE B 372 -15.23 -1.69 -0.73
C PHE B 372 -14.43 -2.83 -1.40
N ILE B 373 -15.10 -3.91 -1.80
CA ILE B 373 -14.39 -5.09 -2.29
C ILE B 373 -13.74 -4.87 -3.66
N ALA B 374 -14.14 -3.87 -4.40
CA ALA B 374 -13.41 -3.53 -5.65
C ALA B 374 -12.01 -2.95 -5.28
N ASP B 375 -11.96 -2.02 -4.33
CA ASP B 375 -10.67 -1.53 -3.87
C ASP B 375 -9.85 -2.64 -3.21
N PHE B 376 -10.51 -3.48 -2.45
CA PHE B 376 -9.80 -4.51 -1.71
C PHE B 376 -9.12 -5.48 -2.67
N ALA B 377 -9.81 -5.85 -3.74
CA ALA B 377 -9.26 -6.80 -4.73
C ALA B 377 -8.01 -6.23 -5.36
N VAL B 378 -8.02 -4.91 -5.62
CA VAL B 378 -6.85 -4.25 -6.26
C VAL B 378 -5.76 -4.09 -5.22
N ALA B 379 -6.16 -3.73 -3.99
CA ALA B 379 -5.20 -3.49 -2.89
C ALA B 379 -4.34 -4.73 -2.68
N LEU B 380 -4.95 -5.90 -2.78
CA LEU B 380 -4.23 -7.14 -2.49
C LEU B 380 -3.82 -7.88 -3.72
N ASN B 381 -3.95 -7.24 -4.88
CA ASN B 381 -3.64 -7.91 -6.14
C ASN B 381 -4.23 -9.30 -6.25
N THR B 382 -5.50 -9.44 -5.88
CA THR B 382 -6.10 -10.79 -5.89
C THR B 382 -6.10 -11.37 -7.29
N GLY B 383 -6.31 -10.53 -8.30
CA GLY B 383 -6.29 -10.99 -9.71
C GLY B 383 -7.64 -11.51 -10.15
N GLN B 384 -8.51 -11.81 -9.18
CA GLN B 384 -9.88 -12.27 -9.43
C GLN B 384 -10.91 -11.63 -8.51
N ILE B 385 -12.12 -11.43 -9.05
CA ILE B 385 -13.25 -10.91 -8.25
C ILE B 385 -14.54 -11.61 -8.67
N LYS B 386 -15.37 -11.90 -7.68
CA LYS B 386 -16.71 -12.46 -7.95
C LYS B 386 -17.75 -11.50 -7.42
N THR B 387 -18.37 -10.73 -8.30
CA THR B 387 -19.22 -9.65 -7.79
C THR B 387 -20.51 -9.48 -8.57
N GLY B 388 -20.93 -10.53 -9.24
CA GLY B 388 -22.29 -10.64 -9.77
C GLY B 388 -22.43 -10.54 -11.28
N ALA B 389 -23.68 -10.61 -11.70
CA ALA B 389 -23.99 -10.33 -13.09
C ALA B 389 -23.80 -8.86 -13.36
N LEU B 390 -24.02 -8.50 -14.63
CA LEU B 390 -23.77 -7.17 -15.10
C LEU B 390 -25.04 -6.32 -15.04
N ALA B 391 -25.74 -6.41 -13.90
CA ALA B 391 -26.93 -5.67 -13.67
C ALA B 391 -27.22 -5.70 -12.18
N ARG B 392 -28.06 -4.77 -11.74
CA ARG B 392 -28.35 -4.45 -10.33
C ARG B 392 -27.21 -3.58 -9.74
N GLY B 393 -27.57 -2.39 -9.31
CA GLY B 393 -26.64 -1.41 -8.80
C GLY B 393 -25.67 -1.84 -7.74
N GLU B 394 -26.06 -2.78 -6.87
CA GLU B 394 -25.16 -3.30 -5.84
C GLU B 394 -24.06 -4.20 -6.41
N ARG B 395 -24.19 -4.58 -7.67
CA ARG B 395 -23.15 -5.29 -8.40
C ARG B 395 -22.44 -4.32 -9.31
N THR B 396 -23.18 -3.54 -10.07
CA THR B 396 -22.57 -2.59 -10.99
C THR B 396 -21.74 -1.49 -10.28
N ALA B 397 -22.06 -1.19 -9.02
CA ALA B 397 -21.21 -0.27 -8.22
C ALA B 397 -19.77 -0.78 -8.14
N LYS B 398 -19.58 -2.10 -8.04
CA LYS B 398 -18.25 -2.64 -7.97
C LYS B 398 -17.52 -2.52 -9.30
N TYR B 399 -18.19 -2.89 -10.37
CA TYR B 399 -17.58 -2.75 -11.69
C TYR B 399 -17.27 -1.32 -12.00
N ASN B 400 -18.16 -0.39 -11.61
CA ASN B 400 -17.93 1.04 -11.85
C ASN B 400 -16.72 1.55 -11.09
N ARG B 401 -16.56 1.07 -9.86
CA ARG B 401 -15.39 1.43 -9.07
C ARG B 401 -14.10 0.96 -9.75
N LEU B 402 -14.14 -0.22 -10.31
CA LEU B 402 -13.01 -0.79 -10.98
C LEU B 402 -12.74 0.04 -12.27
N LEU B 403 -13.78 0.46 -12.96
CA LEU B 403 -13.60 1.39 -14.12
C LEU B 403 -12.94 2.72 -13.72
N GLU B 404 -13.19 3.17 -12.48
CA GLU B 404 -12.54 4.38 -11.96
C GLU B 404 -11.08 4.14 -11.67
N ILE B 405 -10.82 3.07 -10.91
CA ILE B 405 -9.46 2.73 -10.53
C ILE B 405 -8.61 2.56 -11.84
N GLU B 406 -9.23 2.03 -12.90
CA GLU B 406 -8.53 1.81 -14.18
C GLU B 406 -7.86 3.06 -14.82
N PHE B 407 -8.37 4.27 -14.56
CA PHE B 407 -7.71 5.52 -15.00
C PHE B 407 -6.41 5.81 -14.28
N GLU B 408 -6.27 5.27 -13.09
CA GLU B 408 -5.07 5.46 -12.30
C GLU B 408 -4.12 4.28 -12.41
N SER B 409 -4.64 3.06 -12.46
CA SER B 409 -3.81 1.85 -12.66
CA SER B 409 -3.82 1.85 -12.63
C SER B 409 -4.58 0.92 -13.56
N ASP B 410 -4.04 0.71 -14.77
CA ASP B 410 -4.83 0.03 -15.75
C ASP B 410 -4.32 -1.39 -16.01
N GLU B 411 -3.54 -1.96 -15.08
CA GLU B 411 -2.97 -3.26 -15.31
C GLU B 411 -4.03 -4.40 -15.24
N TYR B 412 -4.21 -5.09 -16.35
CA TYR B 412 -5.05 -6.28 -16.41
C TYR B 412 -4.25 -7.47 -16.94
N LEU B 413 -4.15 -8.55 -16.17
CA LEU B 413 -3.35 -9.71 -16.57
C LEU B 413 -3.93 -10.47 -17.74
N GLY B 414 -5.25 -10.61 -17.75
CA GLY B 414 -5.92 -11.45 -18.76
C GLY B 414 -5.32 -12.84 -18.75
N GLU B 415 -4.79 -13.23 -19.88
CA GLU B 415 -4.17 -14.56 -20.00
C GLU B 415 -2.71 -14.62 -19.61
N LYS B 416 -2.14 -13.54 -19.09
CA LYS B 416 -0.71 -13.51 -18.82
C LYS B 416 -0.40 -14.11 -17.44
N LEU B 417 0.72 -14.80 -17.31
CA LEU B 417 1.17 -15.31 -16.00
C LEU B 417 1.40 -14.19 -14.94
N ALA C 3 -3.47 16.14 -10.09
CA ALA C 3 -2.32 15.88 -9.19
C ALA C 3 -2.44 16.70 -7.89
N MET C 4 -2.39 16.05 -6.72
CA MET C 4 -2.20 16.81 -5.47
C MET C 4 -0.82 17.53 -5.68
N LEU C 5 0.25 16.84 -5.31
CA LEU C 5 1.58 17.37 -5.36
C LEU C 5 2.24 16.95 -6.68
N VAL C 6 3.11 17.81 -7.17
CA VAL C 6 3.89 17.51 -8.37
C VAL C 6 5.38 17.56 -8.02
N ILE C 7 6.18 16.88 -8.80
CA ILE C 7 7.62 16.89 -8.66
C ILE C 7 8.04 18.30 -9.06
N GLU C 8 8.71 19.00 -8.15
CA GLU C 8 9.15 20.39 -8.40
CA GLU C 8 9.13 20.38 -8.39
C GLU C 8 10.62 20.48 -8.71
N ASP C 9 11.41 19.56 -8.17
CA ASP C 9 12.85 19.57 -8.38
C ASP C 9 13.46 18.16 -8.30
N VAL C 10 14.38 17.90 -9.23
CA VAL C 10 15.15 16.67 -9.21
C VAL C 10 16.66 16.97 -9.33
N ARG C 11 17.47 16.42 -8.44
CA ARG C 11 18.89 16.53 -8.70
C ARG C 11 19.65 15.33 -8.26
N ALA C 12 20.90 15.26 -8.74
CA ALA C 12 21.82 14.21 -8.30
C ALA C 12 23.23 14.75 -8.12
N TYR C 13 24.07 13.95 -7.49
CA TYR C 13 25.45 14.25 -7.20
C TYR C 13 26.17 12.92 -6.89
N GLU C 14 27.49 12.93 -7.02
CA GLU C 14 28.36 11.76 -6.80
C GLU C 14 28.58 11.58 -5.30
N VAL C 15 28.34 10.39 -4.81
CA VAL C 15 28.72 10.02 -3.45
C VAL C 15 29.57 8.75 -3.55
N LEU C 16 29.91 8.19 -2.41
CA LEU C 16 30.75 6.99 -2.33
C LEU C 16 29.94 5.81 -1.85
N ASP C 17 30.16 4.64 -2.45
CA ASP C 17 29.55 3.43 -1.98
C ASP C 17 30.43 2.82 -0.91
N SER C 18 29.97 1.71 -0.32
CA SER C 18 30.66 1.08 0.82
C SER C 18 32.03 0.46 0.50
N ARG C 19 32.43 0.48 -0.77
CA ARG C 19 33.74 0.00 -1.15
C ARG C 19 34.65 1.12 -1.59
N GLY C 20 34.21 2.36 -1.43
CA GLY C 20 35.00 3.49 -1.85
C GLY C 20 34.89 3.84 -3.33
N ASN C 21 33.92 3.32 -4.05
CA ASN C 21 33.70 3.79 -5.42
C ASN C 21 32.52 4.76 -5.55
N PRO C 22 32.55 5.64 -6.54
CA PRO C 22 31.43 6.55 -6.74
C PRO C 22 30.12 5.86 -7.06
N THR C 23 29.03 6.50 -6.69
CA THR C 23 27.71 6.09 -7.12
C THR C 23 26.82 7.32 -7.03
N VAL C 24 25.56 7.15 -7.43
CA VAL C 24 24.66 8.27 -7.62
C VAL C 24 23.76 8.41 -6.39
N LYS C 25 23.68 9.64 -5.87
CA LYS C 25 22.68 10.03 -4.89
C LYS C 25 21.73 10.95 -5.57
N ALA C 26 20.43 10.69 -5.41
CA ALA C 26 19.42 11.53 -6.03
C ALA C 26 18.53 12.12 -4.95
N GLU C 27 18.00 13.30 -5.24
CA GLU C 27 17.11 14.00 -4.35
C GLU C 27 15.98 14.61 -5.17
N VAL C 28 14.76 14.43 -4.70
CA VAL C 28 13.57 14.90 -5.36
C VAL C 28 12.76 15.72 -4.35
N THR C 29 12.39 16.92 -4.78
CA THR C 29 11.58 17.84 -4.02
C THR C 29 10.20 18.00 -4.66
N LEU C 30 9.17 17.96 -3.80
CA LEU C 30 7.78 18.11 -4.29
C LEU C 30 7.29 19.54 -4.05
N SER C 31 6.15 19.84 -4.66
CA SER C 31 5.55 21.20 -4.58
C SER C 31 5.04 21.63 -3.19
N ASP C 32 5.02 20.76 -2.20
CA ASP C 32 4.75 21.22 -0.83
C ASP C 32 6.07 21.45 -0.07
N GLY C 33 7.19 21.29 -0.76
CA GLY C 33 8.50 21.33 -0.12
C GLY C 33 9.07 20.00 0.40
N SER C 34 8.32 18.90 0.34
CA SER C 34 8.80 17.64 0.90
C SER C 34 9.94 17.12 0.03
N VAL C 35 10.95 16.55 0.70
CA VAL C 35 12.14 16.04 0.03
C VAL C 35 12.36 14.56 0.31
N GLY C 36 12.67 13.81 -0.72
CA GLY C 36 13.17 12.45 -0.61
C GLY C 36 14.51 12.31 -1.28
N ALA C 37 15.35 11.43 -0.73
CA ALA C 37 16.71 11.21 -1.26
C ALA C 37 16.97 9.74 -1.32
N ALA C 38 17.81 9.29 -2.22
CA ALA C 38 18.19 7.89 -2.24
C ALA C 38 19.55 7.69 -2.86
N ILE C 39 20.22 6.64 -2.42
CA ILE C 39 21.55 6.32 -2.92
C ILE C 39 21.45 4.94 -3.58
N VAL C 40 21.98 4.86 -4.78
CA VAL C 40 21.96 3.68 -5.58
C VAL C 40 23.19 2.76 -5.26
N PRO C 41 22.94 1.47 -5.00
CA PRO C 41 24.01 0.49 -4.93
C PRO C 41 24.65 0.27 -6.29
N SER C 42 25.85 -0.28 -6.33
CA SER C 42 26.56 -0.30 -7.60
CA SER C 42 26.60 -0.33 -7.58
C SER C 42 26.26 -1.58 -8.36
N GLY C 43 26.19 -1.47 -9.69
CA GLY C 43 25.83 -2.59 -10.58
C GLY C 43 26.89 -2.93 -11.63
N ALA C 44 26.49 -3.06 -12.89
CA ALA C 44 27.38 -3.50 -13.93
C ALA C 44 27.21 -2.56 -15.12
N SER C 45 28.32 -1.98 -15.59
CA SER C 45 28.32 -1.12 -16.76
C SER C 45 28.57 -1.89 -18.06
N THR C 46 28.80 -3.19 -17.96
CA THR C 46 28.77 -4.05 -19.16
C THR C 46 27.86 -5.27 -18.95
N GLY C 47 27.56 -5.94 -20.05
CA GLY C 47 26.79 -7.18 -19.98
C GLY C 47 25.60 -7.16 -20.92
N SER C 48 25.10 -8.35 -21.19
CA SER C 48 24.14 -8.58 -22.26
C SER C 48 22.72 -8.73 -21.72
N LYS C 49 22.60 -8.94 -20.41
CA LYS C 49 21.30 -9.24 -19.74
C LYS C 49 20.81 -8.14 -18.78
N GLU C 50 21.66 -7.77 -17.83
CA GLU C 50 21.42 -6.74 -16.80
C GLU C 50 21.18 -5.31 -17.29
N ALA C 51 20.41 -4.52 -16.52
CA ALA C 51 20.34 -3.07 -16.77
C ALA C 51 21.73 -2.47 -16.53
N LEU C 52 22.18 -1.61 -17.42
CA LEU C 52 23.52 -1.12 -17.32
C LEU C 52 23.61 0.13 -16.45
N GLU C 53 24.63 0.21 -15.59
CA GLU C 53 24.91 1.46 -14.89
C GLU C 53 25.95 2.20 -15.72
N LEU C 54 25.76 3.51 -15.88
CA LEU C 54 26.75 4.34 -16.59
C LEU C 54 27.92 4.71 -15.69
N ARG C 55 29.12 4.43 -16.19
CA ARG C 55 30.42 4.86 -15.63
C ARG C 55 31.10 5.70 -16.68
N ASP C 56 31.95 6.62 -16.22
CA ASP C 56 32.60 7.60 -17.04
C ASP C 56 33.81 7.05 -17.76
N ASN C 57 34.50 6.09 -17.15
CA ASN C 57 35.69 5.50 -17.76
C ASN C 57 36.73 6.56 -18.08
N ASP C 58 36.93 7.55 -17.20
CA ASP C 58 38.01 8.50 -17.42
C ASP C 58 39.08 8.34 -16.35
N GLU C 59 39.97 9.32 -16.21
CA GLU C 59 41.09 9.22 -15.30
CA GLU C 59 41.10 9.25 -15.29
C GLU C 59 40.69 9.33 -13.82
N ARG C 60 39.47 9.80 -13.53
CA ARG C 60 38.97 9.88 -12.14
C ARG C 60 38.48 8.56 -11.56
N PHE C 61 38.86 8.29 -10.31
CA PHE C 61 38.30 7.17 -9.61
C PHE C 61 38.51 5.83 -10.36
N GLY C 62 39.63 5.72 -11.07
CA GLY C 62 39.98 4.48 -11.82
C GLY C 62 38.96 4.06 -12.85
N GLY C 63 38.32 5.06 -13.48
CA GLY C 63 37.32 4.86 -14.54
C GLY C 63 35.89 4.69 -14.05
N LYS C 64 35.70 4.83 -12.73
CA LYS C 64 34.42 4.56 -12.07
C LYS C 64 33.59 5.81 -11.64
N GLY C 65 33.94 6.98 -12.16
CA GLY C 65 33.11 8.17 -11.96
C GLY C 65 31.71 7.98 -12.51
N VAL C 66 30.76 8.69 -11.94
CA VAL C 66 29.36 8.60 -12.37
C VAL C 66 28.81 9.98 -12.72
N LEU C 67 29.70 10.87 -13.17
CA LEU C 67 29.29 12.21 -13.57
C LEU C 67 28.31 12.23 -14.77
N LYS C 68 28.37 11.24 -15.66
CA LYS C 68 27.40 11.19 -16.76
C LYS C 68 26.01 10.75 -16.25
N ALA C 69 25.98 9.74 -15.41
CA ALA C 69 24.73 9.34 -14.72
C ALA C 69 24.12 10.57 -14.07
N VAL C 70 24.96 11.28 -13.34
CA VAL C 70 24.52 12.45 -12.56
C VAL C 70 23.95 13.53 -13.49
N ALA C 71 24.66 13.81 -14.56
CA ALA C 71 24.18 14.77 -15.55
C ALA C 71 22.84 14.33 -16.18
N ASN C 72 22.70 13.03 -16.48
CA ASN C 72 21.40 12.49 -16.92
C ASN C 72 20.25 12.75 -15.95
N VAL C 73 20.49 12.76 -14.65
CA VAL C 73 19.42 13.11 -13.72
C VAL C 73 19.17 14.62 -13.76
N ASN C 74 20.24 15.39 -13.65
CA ASN C 74 20.14 16.86 -13.51
C ASN C 74 19.54 17.57 -14.76
N GLU C 75 19.72 16.97 -15.92
CA GLU C 75 19.36 17.60 -17.22
C GLU C 75 18.23 16.86 -17.95
N THR C 76 18.47 15.64 -18.38
CA THR C 76 17.49 14.92 -19.16
C THR C 76 16.25 14.42 -18.40
N ILE C 77 16.45 13.78 -17.22
CA ILE C 77 15.35 13.27 -16.45
C ILE C 77 14.55 14.43 -15.87
N ALA C 78 15.24 15.34 -15.20
CA ALA C 78 14.63 16.53 -14.64
C ALA C 78 13.72 17.19 -15.63
N ASP C 79 14.23 17.44 -16.84
CA ASP C 79 13.49 18.14 -17.83
C ASP C 79 12.17 17.41 -18.09
N GLU C 80 12.20 16.08 -18.06
CA GLU C 80 11.03 15.32 -18.39
C GLU C 80 10.04 15.11 -17.24
N ILE C 81 10.50 14.99 -16.00
CA ILE C 81 9.56 14.60 -14.93
C ILE C 81 9.07 15.76 -14.09
N LEU C 82 9.64 16.95 -14.27
CA LEU C 82 9.11 18.09 -13.54
C LEU C 82 7.64 18.31 -13.89
N GLY C 83 6.80 18.48 -12.85
CA GLY C 83 5.36 18.67 -13.03
C GLY C 83 4.53 17.39 -13.00
N LEU C 84 5.16 16.21 -13.03
CA LEU C 84 4.41 14.96 -12.92
C LEU C 84 3.87 14.75 -11.48
N ASP C 85 2.75 14.06 -11.43
CA ASP C 85 1.99 13.73 -10.23
C ASP C 85 2.93 12.92 -9.30
N ALA C 86 3.27 13.51 -8.17
CA ALA C 86 4.14 12.86 -7.14
C ALA C 86 3.75 11.45 -6.76
N PHE C 87 2.45 11.18 -6.73
CA PHE C 87 1.94 9.95 -6.14
C PHE C 87 1.74 8.81 -7.16
N ASN C 88 1.96 9.10 -8.44
CA ASN C 88 1.83 8.08 -9.47
C ASN C 88 3.21 7.49 -9.82
N GLN C 89 3.62 6.57 -8.97
CA GLN C 89 4.90 5.88 -9.13
C GLN C 89 5.02 5.19 -10.47
N THR C 90 3.94 4.50 -10.89
CA THR C 90 3.95 3.76 -12.12
C THR C 90 4.14 4.69 -13.32
N GLN C 91 3.45 5.81 -13.38
CA GLN C 91 3.65 6.77 -14.45
C GLN C 91 5.08 7.35 -14.40
N LEU C 92 5.62 7.56 -13.21
CA LEU C 92 7.01 8.02 -13.09
C LEU C 92 7.95 7.00 -13.73
N ASP C 93 7.81 5.76 -13.32
CA ASP C 93 8.76 4.75 -13.76
C ASP C 93 8.60 4.41 -15.26
N ASP C 94 7.36 4.48 -15.78
CA ASP C 94 7.13 4.21 -17.17
C ASP C 94 7.66 5.34 -18.02
N THR C 95 7.59 6.56 -17.52
CA THR C 95 8.18 7.72 -18.12
C THR C 95 9.72 7.62 -18.17
N LEU C 96 10.33 7.18 -17.08
CA LEU C 96 11.80 6.93 -17.09
C LEU C 96 12.18 5.86 -18.14
N ARG C 97 11.37 4.80 -18.25
CA ARG C 97 11.67 3.73 -19.20
CA ARG C 97 11.61 3.72 -19.18
C ARG C 97 11.58 4.23 -20.63
N GLU C 98 10.54 5.02 -20.93
CA GLU C 98 10.30 5.56 -22.24
C GLU C 98 11.33 6.61 -22.62
N LEU C 99 11.66 7.48 -21.67
CA LEU C 99 12.71 8.47 -21.87
C LEU C 99 14.02 7.81 -22.24
N ASP C 100 14.36 6.73 -21.53
CA ASP C 100 15.53 5.92 -21.86
C ASP C 100 15.51 5.33 -23.28
N GLY C 101 14.44 4.58 -23.58
CA GLY C 101 14.21 4.12 -24.95
C GLY C 101 14.78 2.74 -25.31
N THR C 102 15.57 2.16 -24.42
CA THR C 102 16.26 0.88 -24.62
C THR C 102 15.64 -0.19 -23.71
N ASN C 103 16.13 -1.43 -23.82
CA ASN C 103 15.64 -2.52 -22.96
CA ASN C 103 15.63 -2.53 -22.96
C ASN C 103 16.47 -2.77 -21.70
N ASN C 104 17.49 -1.96 -21.47
CA ASN C 104 18.47 -2.17 -20.42
C ASN C 104 19.06 -0.89 -19.90
N TYR C 105 18.32 0.22 -20.00
CA TYR C 105 18.78 1.52 -19.54
C TYR C 105 20.15 1.92 -20.05
N SER C 106 20.50 1.53 -21.27
CA SER C 106 21.82 1.88 -21.75
C SER C 106 21.92 3.34 -22.24
N ASN C 107 20.83 4.11 -22.19
CA ASN C 107 20.92 5.53 -22.44
C ASN C 107 21.14 6.30 -21.15
N LEU C 108 20.14 6.28 -20.27
CA LEU C 108 20.15 7.11 -19.07
C LEU C 108 21.06 6.52 -18.01
N GLY C 109 21.11 5.19 -17.98
CA GLY C 109 21.85 4.47 -16.99
C GLY C 109 20.91 4.12 -15.85
N ALA C 110 20.95 2.88 -15.41
CA ALA C 110 20.12 2.40 -14.33
C ALA C 110 20.46 3.08 -13.03
N ASN C 111 21.69 3.56 -12.91
CA ASN C 111 22.11 4.29 -11.72
C ASN C 111 21.51 5.71 -11.71
N ALA C 112 21.13 6.25 -12.86
CA ALA C 112 20.38 7.51 -12.94
C ALA C 112 18.88 7.28 -12.65
N THR C 113 18.28 6.21 -13.18
CA THR C 113 16.84 6.06 -13.08
C THR C 113 16.45 5.50 -11.72
N LEU C 114 17.18 4.54 -11.18
CA LEU C 114 16.74 3.99 -9.87
C LEU C 114 16.74 5.02 -8.76
N GLY C 115 17.72 5.91 -8.73
CA GLY C 115 17.82 6.86 -7.65
C GLY C 115 16.65 7.82 -7.61
N VAL C 116 16.27 8.30 -8.76
CA VAL C 116 15.11 9.17 -8.91
C VAL C 116 13.83 8.42 -8.62
N SER C 117 13.76 7.16 -9.04
CA SER C 117 12.60 6.32 -8.78
C SER C 117 12.41 6.16 -7.26
N MET C 118 13.48 5.78 -6.56
CA MET C 118 13.44 5.65 -5.09
C MET C 118 13.20 6.99 -4.36
N ALA C 119 13.82 8.06 -4.88
CA ALA C 119 13.76 9.34 -4.20
C ALA C 119 12.37 9.91 -4.31
N THR C 120 11.71 9.70 -5.45
CA THR C 120 10.34 10.17 -5.57
C THR C 120 9.44 9.44 -4.57
N ALA C 121 9.59 8.13 -4.44
CA ALA C 121 8.83 7.36 -3.46
C ALA C 121 9.08 7.86 -2.04
N ARG C 122 10.33 8.14 -1.69
CA ARG C 122 10.59 8.68 -0.34
C ARG C 122 9.95 10.04 -0.15
N ALA C 123 9.97 10.86 -1.18
CA ALA C 123 9.37 12.20 -1.11
C ALA C 123 7.83 12.17 -0.97
N ALA C 124 7.18 11.30 -1.76
CA ALA C 124 5.76 11.12 -1.65
C ALA C 124 5.40 10.60 -0.22
N ALA C 125 6.15 9.63 0.29
CA ALA C 125 5.90 9.12 1.65
C ALA C 125 6.06 10.19 2.73
N ALA C 126 7.10 11.01 2.62
CA ALA C 126 7.37 12.13 3.57
C ALA C 126 6.21 13.10 3.48
N ALA C 127 5.77 13.43 2.27
CA ALA C 127 4.63 14.37 2.17
C ALA C 127 3.37 13.88 2.89
N LEU C 128 3.14 12.58 2.93
CA LEU C 128 1.94 12.01 3.52
C LEU C 128 2.15 11.71 5.02
N GLY C 129 3.33 12.03 5.54
CA GLY C 129 3.77 11.65 6.89
C GLY C 129 3.82 10.14 7.12
N MET C 130 4.11 9.38 6.08
CA MET C 130 3.98 7.91 6.09
CA MET C 130 4.00 7.92 6.23
C MET C 130 5.33 7.19 6.02
N PRO C 131 5.53 6.13 6.76
CA PRO C 131 6.77 5.39 6.49
C PRO C 131 6.82 4.78 5.08
N LEU C 132 8.01 4.72 4.49
CA LEU C 132 8.18 4.26 3.12
C LEU C 132 7.50 2.91 2.88
N TYR C 133 7.54 1.98 3.85
CA TYR C 133 7.01 0.64 3.61
C TYR C 133 5.51 0.71 3.48
N ARG C 134 4.87 1.64 4.20
CA ARG C 134 3.43 1.81 4.10
C ARG C 134 3.12 2.52 2.77
N TYR C 135 3.94 3.47 2.37
CA TYR C 135 3.76 4.05 1.03
C TYR C 135 3.78 2.99 -0.06
N LEU C 136 4.73 2.09 -0.01
CA LEU C 136 4.91 1.09 -1.06
C LEU C 136 3.93 -0.08 -0.96
N GLY C 137 3.54 -0.54 0.25
CA GLY C 137 2.68 -1.71 0.36
C GLY C 137 1.42 -1.59 1.21
N GLY C 138 1.12 -0.38 1.71
CA GLY C 138 -0.09 -0.08 2.31
C GLY C 138 -0.24 -0.76 3.68
N ALA C 139 -1.45 -0.79 4.15
CA ALA C 139 -1.77 -1.50 5.44
C ALA C 139 -1.44 -3.01 5.34
N ASN C 140 -1.36 -3.51 4.10
CA ASN C 140 -1.00 -4.92 3.89
C ASN C 140 0.49 -5.23 4.10
N ALA C 141 1.35 -4.21 4.13
CA ALA C 141 2.78 -4.40 4.40
C ALA C 141 2.94 -4.90 5.84
N SER C 142 3.45 -6.10 6.03
CA SER C 142 3.39 -6.66 7.38
CA SER C 142 3.30 -6.79 7.32
C SER C 142 4.56 -7.56 7.72
N ILE C 143 5.02 -8.40 6.80
CA ILE C 143 5.99 -9.42 7.20
C ILE C 143 7.41 -8.86 7.35
N LEU C 144 7.99 -9.00 8.53
CA LEU C 144 9.46 -8.75 8.71
C LEU C 144 10.26 -9.97 8.17
N PRO C 145 11.20 -9.76 7.24
CA PRO C 145 11.78 -10.94 6.59
C PRO C 145 12.75 -11.71 7.43
N VAL C 146 12.88 -13.00 7.07
CA VAL C 146 13.95 -13.81 7.60
C VAL C 146 15.18 -13.39 6.82
N PRO C 147 16.22 -12.97 7.53
CA PRO C 147 17.42 -12.64 6.84
C PRO C 147 18.28 -13.88 6.49
N MET C 148 18.99 -13.83 5.37
CA MET C 148 20.08 -14.76 5.16
C MET C 148 21.38 -13.94 5.18
N CYS C 149 22.22 -14.28 6.16
CA CYS C 149 23.43 -13.55 6.57
C CYS C 149 24.79 -14.18 6.17
N ASN C 150 25.50 -13.52 5.24
CA ASN C 150 26.69 -14.06 4.60
C ASN C 150 27.88 -13.85 5.51
N ILE C 151 28.18 -14.84 6.34
CA ILE C 151 29.26 -14.68 7.30
C ILE C 151 30.56 -15.41 6.98
N ILE C 152 30.57 -16.34 6.03
CA ILE C 152 31.84 -16.89 5.51
C ILE C 152 31.84 -16.77 4.00
N ASN C 153 32.93 -16.31 3.41
CA ASN C 153 33.02 -16.12 1.96
C ASN C 153 34.03 -17.05 1.24
N GLY C 154 33.81 -17.29 -0.05
CA GLY C 154 34.75 -18.00 -0.89
C GLY C 154 34.63 -17.56 -2.34
N GLY C 155 35.08 -18.41 -3.25
CA GLY C 155 34.92 -18.18 -4.70
C GLY C 155 35.61 -16.92 -5.20
N ALA C 156 34.89 -16.15 -6.02
CA ALA C 156 35.34 -14.84 -6.49
C ALA C 156 35.36 -13.75 -5.41
N HIS C 157 34.62 -13.95 -4.30
CA HIS C 157 34.67 -13.05 -3.12
C HIS C 157 35.79 -13.39 -2.13
N ALA C 158 36.81 -14.11 -2.59
CA ALA C 158 37.93 -14.43 -1.74
C ALA C 158 39.13 -14.93 -2.53
N ASN C 159 40.17 -15.25 -1.78
CA ASN C 159 41.37 -15.81 -2.32
C ASN C 159 41.67 -17.02 -1.46
N ASN C 160 40.99 -18.13 -1.74
CA ASN C 160 41.13 -19.38 -0.98
C ASN C 160 40.82 -20.61 -1.84
N ASN C 161 40.83 -21.79 -1.24
CA ASN C 161 40.42 -23.01 -1.94
C ASN C 161 38.90 -23.23 -2.00
N VAL C 162 38.12 -22.30 -1.46
CA VAL C 162 36.66 -22.43 -1.39
C VAL C 162 36.04 -21.97 -2.72
N ASP C 163 35.24 -22.87 -3.29
CA ASP C 163 34.60 -22.63 -4.58
C ASP C 163 33.31 -21.82 -4.47
N PHE C 164 32.50 -22.12 -3.45
CA PHE C 164 31.22 -21.45 -3.26
C PHE C 164 31.51 -20.02 -2.79
N GLN C 165 30.62 -19.11 -3.12
CA GLN C 165 30.82 -17.69 -2.90
C GLN C 165 30.29 -17.24 -1.53
N GLU C 166 29.10 -17.67 -1.12
CA GLU C 166 28.49 -17.18 0.16
C GLU C 166 27.94 -18.31 1.03
N PHE C 167 28.27 -18.26 2.33
CA PHE C 167 27.79 -19.25 3.29
C PHE C 167 27.02 -18.47 4.33
N MET C 168 25.71 -18.73 4.40
CA MET C 168 24.81 -17.86 5.13
C MET C 168 24.02 -18.59 6.21
N ILE C 169 23.66 -17.87 7.27
CA ILE C 169 22.78 -18.41 8.34
C ILE C 169 21.41 -17.71 8.27
N MET C 170 20.34 -18.47 8.51
CA MET C 170 18.95 -17.99 8.42
C MET C 170 18.25 -18.41 9.71
N PRO C 171 17.84 -17.43 10.52
CA PRO C 171 17.21 -17.69 11.81
C PRO C 171 15.72 -17.93 11.71
N PHE C 172 15.35 -19.18 11.49
CA PHE C 172 13.93 -19.53 11.35
C PHE C 172 13.19 -19.72 12.66
N GLY C 173 13.89 -20.18 13.68
CA GLY C 173 13.25 -20.72 14.88
C GLY C 173 12.95 -19.69 15.94
N PHE C 174 12.21 -18.65 15.58
CA PHE C 174 11.96 -17.50 16.47
C PHE C 174 10.58 -16.95 16.17
N THR C 175 9.98 -16.30 17.17
CA THR C 175 8.65 -15.69 17.06
C THR C 175 8.74 -14.15 16.87
N SER C 176 9.96 -13.60 17.00
CA SER C 176 10.20 -12.18 16.74
C SER C 176 11.47 -11.93 15.92
N PHE C 177 11.40 -10.88 15.13
CA PHE C 177 12.55 -10.51 14.33
C PHE C 177 13.77 -10.16 15.22
N LYS C 178 13.55 -9.40 16.29
CA LYS C 178 14.66 -8.93 17.12
CA LYS C 178 14.66 -8.93 17.10
C LYS C 178 15.44 -10.08 17.71
N GLU C 179 14.73 -11.14 18.14
CA GLU C 179 15.39 -12.30 18.73
C GLU C 179 16.13 -13.10 17.66
N ALA C 180 15.55 -13.17 16.48
CA ALA C 180 16.21 -13.81 15.34
C ALA C 180 17.50 -13.08 14.99
N LEU C 181 17.42 -11.77 14.99
CA LEU C 181 18.59 -10.94 14.70
C LEU C 181 19.65 -11.08 15.77
N ARG C 182 19.26 -11.09 17.04
CA ARG C 182 20.19 -11.31 18.11
C ARG C 182 20.93 -12.66 17.94
N SER C 183 20.19 -13.69 17.53
CA SER C 183 20.80 -14.99 17.38
C SER C 183 21.92 -14.94 16.35
N VAL C 184 21.70 -14.29 15.22
CA VAL C 184 22.74 -14.28 14.19
C VAL C 184 23.91 -13.37 14.58
N CYS C 185 23.64 -12.29 15.31
CA CYS C 185 24.71 -11.49 15.88
C CYS C 185 25.53 -12.30 16.87
N GLU C 186 24.84 -13.10 17.68
CA GLU C 186 25.54 -13.93 18.65
C GLU C 186 26.37 -15.02 17.98
N ILE C 187 25.86 -15.60 16.89
CA ILE C 187 26.58 -16.65 16.17
C ILE C 187 27.80 -16.07 15.48
N TYR C 188 27.63 -14.84 14.98
CA TYR C 188 28.69 -14.11 14.28
C TYR C 188 29.85 -13.81 15.23
N ALA C 189 29.56 -13.34 16.43
CA ALA C 189 30.61 -13.04 17.43
C ALA C 189 31.37 -14.28 17.84
N ILE C 190 30.67 -15.39 17.93
CA ILE C 190 31.29 -16.68 18.27
C ILE C 190 32.18 -17.17 17.12
N LEU C 191 31.74 -16.99 15.89
CA LEU C 191 32.55 -17.34 14.72
C LEU C 191 33.83 -16.53 14.72
N LYS C 192 33.72 -15.24 14.96
CA LYS C 192 34.89 -14.38 15.04
C LYS C 192 35.93 -14.91 16.04
N LYS C 193 35.50 -15.21 17.28
CA LYS C 193 36.38 -15.81 18.30
CA LYS C 193 36.37 -15.79 18.30
C LYS C 193 36.97 -17.14 17.86
N GLU C 194 36.14 -18.02 17.29
CA GLU C 194 36.64 -19.32 16.83
C GLU C 194 37.73 -19.09 15.80
N LEU C 195 37.50 -18.19 14.84
CA LEU C 195 38.50 -17.95 13.81
C LEU C 195 39.80 -17.41 14.42
N ALA C 196 39.69 -16.45 15.32
CA ALA C 196 40.87 -15.83 15.91
C ALA C 196 41.66 -16.85 16.74
N ASN C 197 40.96 -17.75 17.43
CA ASN C 197 41.65 -18.77 18.24
C ASN C 197 42.35 -19.80 17.44
N SER C 198 41.91 -20.02 16.20
CA SER C 198 42.57 -20.94 15.28
CA SER C 198 42.58 -20.95 15.32
C SER C 198 43.63 -20.23 14.44
N GLY C 199 43.99 -19.00 14.79
CA GLY C 199 44.98 -18.27 14.01
C GLY C 199 44.50 -17.70 12.67
N HIS C 200 43.20 -17.65 12.43
CA HIS C 200 42.71 -17.06 11.18
C HIS C 200 42.55 -15.55 11.33
N SER C 201 42.46 -14.84 10.21
CA SER C 201 42.21 -13.41 10.26
C SER C 201 40.74 -13.18 10.60
N THR C 202 40.49 -12.15 11.40
CA THR C 202 39.12 -11.67 11.64
C THR C 202 38.79 -10.39 10.86
N ALA C 203 39.60 -10.07 9.86
CA ALA C 203 39.33 -8.94 9.00
C ALA C 203 38.18 -9.30 8.05
N LEU C 204 37.49 -8.30 7.50
CA LEU C 204 36.20 -8.52 6.79
C LEU C 204 36.25 -8.33 5.28
N GLY C 205 35.49 -9.14 4.55
CA GLY C 205 35.16 -8.83 3.16
C GLY C 205 34.04 -7.80 2.99
N ASP C 206 33.66 -7.59 1.75
CA ASP C 206 32.80 -6.50 1.37
C ASP C 206 31.44 -6.49 2.09
N GLU C 207 30.92 -7.68 2.39
CA GLU C 207 29.62 -7.79 3.03
C GLU C 207 29.69 -8.02 4.52
N GLY C 208 30.87 -7.90 5.11
CA GLY C 208 31.02 -8.02 6.58
C GLY C 208 31.38 -9.41 7.11
N GLY C 209 31.47 -10.39 6.22
CA GLY C 209 31.83 -11.75 6.56
C GLY C 209 33.34 -11.99 6.53
N PHE C 210 33.78 -13.18 6.93
CA PHE C 210 35.20 -13.52 6.94
C PHE C 210 35.50 -14.46 5.80
N ALA C 211 36.76 -14.45 5.33
CA ALA C 211 37.21 -15.29 4.24
C ALA C 211 38.43 -16.09 4.65
N PRO C 212 38.31 -16.93 5.69
CA PRO C 212 39.43 -17.78 6.09
C PRO C 212 39.85 -18.76 4.98
N ASN C 213 41.12 -19.19 5.01
CA ASN C 213 41.65 -20.10 4.01
C ASN C 213 41.33 -21.52 4.40
N LEU C 214 40.14 -21.96 4.05
CA LEU C 214 39.66 -23.25 4.45
C LEU C 214 39.89 -24.21 3.28
N ALA C 215 39.75 -25.51 3.57
CA ALA C 215 40.21 -26.57 2.67
C ALA C 215 39.27 -26.83 1.51
N ASN C 216 37.98 -26.63 1.73
CA ASN C 216 36.97 -27.08 0.78
C ASN C 216 35.62 -26.38 1.00
N ASN C 217 34.58 -26.86 0.35
CA ASN C 217 33.28 -26.27 0.48
C ASN C 217 32.50 -26.78 1.68
N THR C 218 32.95 -27.81 2.38
CA THR C 218 32.17 -28.30 3.53
C THR C 218 32.71 -27.84 4.88
N GLU C 219 34.00 -27.61 5.00
CA GLU C 219 34.58 -26.98 6.20
C GLU C 219 33.87 -25.68 6.66
N PRO C 220 33.54 -24.76 5.73
CA PRO C 220 32.80 -23.56 6.18
C PRO C 220 31.43 -23.89 6.79
N ILE C 221 30.74 -24.88 6.22
CA ILE C 221 29.45 -25.33 6.74
C ILE C 221 29.63 -25.96 8.13
N ASP C 222 30.66 -26.83 8.27
CA ASP C 222 30.94 -27.47 9.55
C ASP C 222 31.19 -26.40 10.59
N LEU C 223 31.91 -25.34 10.23
CA LEU C 223 32.15 -24.22 11.13
C LEU C 223 30.87 -23.43 11.49
N LEU C 224 29.99 -23.24 10.52
CA LEU C 224 28.69 -22.60 10.82
C LEU C 224 27.88 -23.44 11.85
N MET C 225 27.79 -24.76 11.63
CA MET C 225 27.10 -25.67 12.57
C MET C 225 27.70 -25.61 13.98
N THR C 226 29.02 -25.58 14.06
CA THR C 226 29.68 -25.53 15.36
C THR C 226 29.29 -24.26 16.11
N CYS C 227 29.35 -23.13 15.40
CA CYS C 227 29.00 -21.84 15.99
C CYS C 227 27.51 -21.71 16.32
N ILE C 228 26.66 -22.26 15.45
CA ILE C 228 25.22 -22.32 15.73
C ILE C 228 25.04 -23.06 17.05
N LYS C 229 25.70 -24.20 17.21
CA LYS C 229 25.53 -25.01 18.44
C LYS C 229 26.09 -24.33 19.71
N LYS C 230 27.30 -23.78 19.64
CA LYS C 230 27.91 -23.11 20.82
C LYS C 230 27.10 -21.91 21.28
N ALA C 231 26.48 -21.21 20.33
CA ALA C 231 25.64 -20.04 20.63
C ALA C 231 24.33 -20.43 21.28
N GLY C 232 23.94 -21.70 21.16
CA GLY C 232 22.74 -22.18 21.84
C GLY C 232 21.55 -22.26 20.93
N TYR C 233 21.75 -22.15 19.63
CA TYR C 233 20.61 -22.11 18.73
C TYR C 233 20.47 -23.32 17.82
N GLU C 234 20.95 -24.49 18.26
CA GLU C 234 20.80 -25.73 17.47
C GLU C 234 19.36 -25.93 17.01
N ASN C 235 19.17 -26.32 15.75
CA ASN C 235 17.86 -26.61 15.17
C ASN C 235 17.05 -25.34 14.83
N ARG C 236 17.50 -24.18 15.27
CA ARG C 236 16.76 -22.92 15.05
C ARG C 236 17.33 -22.04 13.97
N VAL C 237 18.54 -22.33 13.52
CA VAL C 237 19.21 -21.56 12.49
C VAL C 237 19.64 -22.51 11.37
N LYS C 238 19.17 -22.22 10.16
CA LYS C 238 19.48 -23.05 9.02
C LYS C 238 20.55 -22.39 8.13
N ILE C 239 21.01 -23.13 7.14
CA ILE C 239 22.11 -22.70 6.28
C ILE C 239 21.65 -22.42 4.85
N ALA C 240 22.13 -21.32 4.28
CA ALA C 240 21.80 -21.01 2.89
C ALA C 240 23.10 -20.80 2.14
N LEU C 241 23.09 -21.12 0.84
CA LEU C 241 24.30 -21.04 0.05
C LEU C 241 24.13 -20.20 -1.19
N ASP C 242 25.18 -19.48 -1.55
CA ASP C 242 25.27 -18.89 -2.89
C ASP C 242 26.52 -19.46 -3.52
N VAL C 243 26.32 -20.38 -4.44
CA VAL C 243 27.39 -21.07 -5.12
C VAL C 243 27.99 -20.22 -6.22
N ALA C 244 27.19 -19.37 -6.84
CA ALA C 244 27.68 -18.50 -7.93
C ALA C 244 28.43 -19.30 -8.98
N SER C 245 27.80 -20.40 -9.38
CA SER C 245 28.41 -21.43 -10.21
C SER C 245 28.85 -20.95 -11.60
N THR C 246 28.24 -19.86 -12.11
CA THR C 246 28.65 -19.30 -13.42
C THR C 246 30.14 -18.97 -13.41
N GLU C 247 30.65 -18.66 -12.21
CA GLU C 247 32.08 -18.31 -12.04
C GLU C 247 33.00 -19.48 -12.25
N PHE C 248 32.50 -20.70 -12.20
CA PHE C 248 33.38 -21.82 -12.51
C PHE C 248 32.83 -22.78 -13.57
N PHE C 249 31.98 -22.23 -14.43
CA PHE C 249 31.41 -22.97 -15.56
C PHE C 249 32.22 -22.65 -16.82
N LYS C 250 32.72 -23.70 -17.46
CA LYS C 250 33.62 -23.55 -18.60
C LYS C 250 33.53 -24.84 -19.42
N ASP C 251 33.20 -24.70 -20.70
CA ASP C 251 33.22 -25.83 -21.60
C ASP C 251 32.21 -26.89 -21.20
N GLY C 252 31.05 -26.43 -20.77
CA GLY C 252 29.96 -27.32 -20.40
C GLY C 252 30.17 -28.08 -19.09
N LYS C 253 31.21 -27.74 -18.34
CA LYS C 253 31.48 -28.38 -17.08
C LYS C 253 31.75 -27.39 -15.95
N TYR C 254 31.52 -27.84 -14.73
CA TYR C 254 31.80 -27.08 -13.55
C TYR C 254 33.09 -27.51 -12.88
N HIS C 255 34.03 -26.59 -12.75
CA HIS C 255 35.38 -26.85 -12.21
C HIS C 255 35.53 -26.43 -10.74
N MET C 256 35.33 -27.39 -9.86
CA MET C 256 35.39 -27.18 -8.41
C MET C 256 35.87 -28.46 -7.73
N GLU C 257 36.28 -28.34 -6.46
CA GLU C 257 36.81 -29.46 -5.69
C GLU C 257 37.82 -30.29 -6.48
N GLY C 258 38.66 -29.63 -7.26
CA GLY C 258 39.70 -30.27 -8.06
C GLY C 258 39.24 -31.11 -9.23
N LYS C 259 37.98 -31.00 -9.59
CA LYS C 259 37.33 -31.86 -10.58
C LYS C 259 36.49 -31.03 -11.59
N ALA C 260 36.04 -31.69 -12.66
CA ALA C 260 35.17 -31.11 -13.68
C ALA C 260 33.81 -31.83 -13.67
N PHE C 261 32.79 -31.21 -13.09
CA PHE C 261 31.49 -31.86 -12.95
C PHE C 261 30.59 -31.59 -14.15
N SER C 262 29.89 -32.62 -14.59
CA SER C 262 28.71 -32.39 -15.38
C SER C 262 27.64 -31.64 -14.53
N SER C 263 26.69 -31.00 -15.23
CA SER C 263 25.50 -30.39 -14.61
C SER C 263 24.81 -31.37 -13.68
N GLU C 264 24.61 -32.58 -14.20
CA GLU C 264 23.96 -33.67 -13.45
C GLU C 264 24.76 -34.08 -12.19
N ALA C 265 26.09 -34.13 -12.32
CA ALA C 265 26.96 -34.54 -11.25
C ALA C 265 26.96 -33.47 -10.17
N LEU C 266 26.92 -32.21 -10.60
CA LEU C 266 26.86 -31.10 -9.64
C LEU C 266 25.55 -31.10 -8.88
N ILE C 267 24.46 -31.39 -9.58
CA ILE C 267 23.17 -31.53 -8.91
C ILE C 267 23.24 -32.62 -7.80
N GLU C 268 23.90 -33.73 -8.12
CA GLU C 268 24.03 -34.82 -7.14
C GLU C 268 24.87 -34.45 -5.92
N ARG C 269 25.90 -33.63 -6.10
CA ARG C 269 26.62 -33.05 -5.00
C ARG C 269 25.66 -32.23 -4.10
N TYR C 270 24.80 -31.40 -4.68
CA TYR C 270 23.77 -30.70 -3.86
C TYR C 270 22.79 -31.66 -3.14
N VAL C 271 22.41 -32.76 -3.79
CA VAL C 271 21.58 -33.76 -3.08
C VAL C 271 22.32 -34.28 -1.83
N GLU C 272 23.60 -34.64 -1.97
CA GLU C 272 24.41 -35.17 -0.86
CA GLU C 272 24.30 -35.21 -0.84
C GLU C 272 24.54 -34.12 0.22
N LEU C 273 24.85 -32.90 -0.19
CA LEU C 273 25.05 -31.81 0.78
C LEU C 273 23.78 -31.58 1.62
N CYS C 274 22.66 -31.53 0.91
CA CYS C 274 21.38 -31.31 1.54
C CYS C 274 20.96 -32.44 2.47
N ALA C 275 21.40 -33.67 2.15
CA ALA C 275 21.06 -34.83 2.98
C ALA C 275 21.86 -34.77 4.31
N LYS C 276 23.11 -34.31 4.23
CA LYS C 276 23.97 -34.20 5.42
C LYS C 276 23.78 -32.95 6.31
N TYR C 277 23.44 -31.79 5.73
CA TYR C 277 23.37 -30.52 6.45
C TYR C 277 22.01 -29.87 6.30
N PRO C 278 21.56 -29.06 7.29
CA PRO C 278 20.30 -28.33 7.15
C PRO C 278 20.39 -27.09 6.20
N ILE C 279 20.64 -27.35 4.91
CA ILE C 279 20.71 -26.33 3.86
C ILE C 279 19.29 -26.14 3.35
N CYS C 280 18.73 -24.94 3.47
CA CYS C 280 17.35 -24.67 3.05
C CYS C 280 17.28 -23.95 1.69
N SER C 281 18.39 -23.46 1.19
CA SER C 281 18.40 -22.59 0.03
C SER C 281 19.73 -22.64 -0.69
N ILE C 282 19.67 -22.71 -2.02
CA ILE C 282 20.85 -22.68 -2.79
C ILE C 282 20.63 -21.74 -3.96
N GLU C 283 21.50 -20.76 -4.06
CA GLU C 283 21.46 -19.77 -5.08
C GLU C 283 22.47 -20.08 -6.20
N ASP C 284 22.04 -19.95 -7.44
CA ASP C 284 22.87 -20.19 -8.61
C ASP C 284 23.72 -21.45 -8.53
N GLY C 285 23.05 -22.52 -8.13
CA GLY C 285 23.60 -23.85 -8.16
C GLY C 285 24.07 -24.27 -9.53
N LEU C 286 23.45 -23.75 -10.59
CA LEU C 286 23.94 -23.95 -11.94
C LEU C 286 24.05 -22.60 -12.68
N ALA C 287 24.75 -22.62 -13.80
CA ALA C 287 25.17 -21.41 -14.50
C ALA C 287 23.99 -20.69 -15.11
N GLU C 288 24.19 -19.42 -15.40
CA GLU C 288 23.13 -18.53 -15.84
C GLU C 288 22.57 -18.93 -17.20
N ASN C 289 23.35 -19.68 -17.96
CA ASN C 289 22.90 -20.18 -19.25
C ASN C 289 22.72 -21.72 -19.35
N ASP C 290 22.74 -22.42 -18.21
CA ASP C 290 22.67 -23.91 -18.21
C ASP C 290 21.22 -24.31 -18.06
N PHE C 291 20.45 -24.06 -19.11
CA PHE C 291 18.98 -24.14 -18.98
C PHE C 291 18.47 -25.55 -18.67
N GLU C 292 19.06 -26.53 -19.35
CA GLU C 292 18.62 -27.91 -19.19
CA GLU C 292 18.68 -27.94 -19.21
C GLU C 292 18.99 -28.41 -17.79
N GLY C 293 20.15 -27.99 -17.29
CA GLY C 293 20.53 -28.34 -15.94
C GLY C 293 19.57 -27.80 -14.89
N TRP C 294 19.20 -26.50 -15.03
CA TRP C 294 18.27 -25.89 -14.07
C TRP C 294 16.97 -26.64 -14.03
N ILE C 295 16.48 -27.06 -15.20
CA ILE C 295 15.21 -27.83 -15.29
C ILE C 295 15.36 -29.14 -14.53
N LYS C 296 16.49 -29.81 -14.69
CA LYS C 296 16.80 -31.01 -13.91
C LYS C 296 16.95 -30.79 -12.41
N LEU C 297 17.69 -29.78 -12.03
CA LEU C 297 17.88 -29.40 -10.62
C LEU C 297 16.55 -29.12 -9.94
N THR C 298 15.72 -28.36 -10.63
CA THR C 298 14.43 -28.00 -10.09
C THR C 298 13.55 -29.26 -9.94
N GLU C 299 13.59 -30.20 -10.92
CA GLU C 299 12.87 -31.51 -10.80
C GLU C 299 13.39 -32.28 -9.58
N LYS C 300 14.69 -32.28 -9.40
CA LYS C 300 15.29 -33.08 -8.34
C LYS C 300 15.09 -32.54 -6.94
N LEU C 301 15.28 -31.23 -6.73
CA LEU C 301 15.31 -30.66 -5.38
C LEU C 301 14.25 -29.62 -5.09
N GLY C 302 13.49 -29.20 -6.11
CA GLY C 302 12.61 -28.02 -6.00
C GLY C 302 11.41 -28.16 -5.06
N ASN C 303 11.12 -29.38 -4.67
CA ASN C 303 10.06 -29.72 -3.72
CA ASN C 303 10.05 -29.68 -3.72
C ASN C 303 10.61 -29.81 -2.31
N LYS C 304 11.93 -29.73 -2.16
CA LYS C 304 12.58 -29.90 -0.86
C LYS C 304 13.37 -28.69 -0.39
N ILE C 305 13.89 -27.88 -1.31
CA ILE C 305 14.67 -26.76 -0.90
C ILE C 305 14.45 -25.61 -1.84
N GLN C 306 14.77 -24.43 -1.34
CA GLN C 306 14.68 -23.25 -2.13
C GLN C 306 15.85 -23.19 -3.10
N LEU C 307 15.56 -22.87 -4.35
CA LEU C 307 16.52 -22.80 -5.44
C LEU C 307 16.43 -21.39 -6.04
N VAL C 308 17.37 -20.54 -5.66
CA VAL C 308 17.29 -19.11 -5.98
C VAL C 308 18.06 -18.82 -7.26
N GLY C 309 17.40 -18.18 -8.22
CA GLY C 309 18.09 -17.69 -9.42
C GLY C 309 18.51 -16.25 -9.16
N ASP C 310 19.80 -15.95 -9.31
CA ASP C 310 20.36 -14.62 -9.19
C ASP C 310 20.81 -14.21 -10.60
N ASP C 311 21.99 -14.64 -11.03
CA ASP C 311 22.45 -14.43 -12.39
C ASP C 311 21.45 -14.99 -13.41
N LEU C 312 20.69 -16.01 -13.00
CA LEU C 312 19.74 -16.68 -13.88
C LEU C 312 18.66 -15.71 -14.42
N PHE C 313 18.17 -14.85 -13.53
CA PHE C 313 17.00 -14.01 -13.78
C PHE C 313 17.28 -12.50 -13.84
N VAL C 314 18.41 -12.09 -13.23
CA VAL C 314 18.80 -10.67 -13.07
C VAL C 314 17.65 -9.72 -12.84
N THR C 315 16.78 -10.11 -11.91
CA THR C 315 15.62 -9.38 -11.53
C THR C 315 14.69 -9.01 -12.70
N ASN C 316 14.83 -9.68 -13.83
CA ASN C 316 14.14 -9.29 -15.06
C ASN C 316 12.84 -10.09 -15.23
N GLU C 317 11.71 -9.39 -15.29
CA GLU C 317 10.40 -10.02 -15.35
C GLU C 317 10.26 -10.95 -16.57
N ASP C 318 10.74 -10.52 -17.74
CA ASP C 318 10.66 -11.33 -18.97
C ASP C 318 11.49 -12.59 -18.91
N ILE C 319 12.70 -12.50 -18.37
CA ILE C 319 13.52 -13.69 -18.19
C ILE C 319 12.88 -14.58 -17.10
N LEU C 320 12.38 -13.97 -16.03
CA LEU C 320 11.70 -14.78 -14.99
C LEU C 320 10.49 -15.51 -15.57
N ARG C 321 9.73 -14.84 -16.42
CA ARG C 321 8.53 -15.46 -16.96
CA ARG C 321 8.52 -15.42 -17.02
C ARG C 321 8.85 -16.71 -17.77
N GLU C 322 9.94 -16.67 -18.55
CA GLU C 322 10.38 -17.83 -19.31
C GLU C 322 10.84 -18.94 -18.36
N GLY C 323 11.55 -18.57 -17.30
CA GLY C 323 11.91 -19.49 -16.25
C GLY C 323 10.74 -20.18 -15.58
N ILE C 324 9.68 -19.44 -15.33
CA ILE C 324 8.41 -20.03 -14.80
C ILE C 324 7.84 -21.06 -15.77
N ILE C 325 7.74 -20.70 -17.04
CA ILE C 325 7.15 -21.55 -18.04
C ILE C 325 8.00 -22.82 -18.22
N LYS C 326 9.31 -22.67 -18.18
CA LYS C 326 10.28 -23.78 -18.34
C LYS C 326 10.57 -24.54 -17.04
N LYS C 327 9.92 -24.17 -15.94
CA LYS C 327 10.14 -24.80 -14.63
C LYS C 327 11.59 -24.82 -14.14
N MET C 328 12.22 -23.65 -14.16
CA MET C 328 13.57 -23.47 -13.66
C MET C 328 13.51 -22.63 -12.39
N ALA C 329 14.06 -23.17 -11.29
CA ALA C 329 14.20 -22.49 -10.00
C ALA C 329 12.86 -22.42 -9.36
N ASN C 330 12.82 -22.05 -8.06
CA ASN C 330 11.57 -21.69 -7.39
C ASN C 330 11.65 -20.40 -6.53
N ALA C 331 12.69 -19.62 -6.72
CA ALA C 331 12.87 -18.36 -6.01
C ALA C 331 13.71 -17.43 -6.87
N VAL C 332 13.65 -16.13 -6.56
CA VAL C 332 14.33 -15.14 -7.33
C VAL C 332 14.89 -14.07 -6.40
N LEU C 333 16.16 -13.72 -6.65
CA LEU C 333 16.85 -12.69 -5.92
C LEU C 333 16.45 -11.35 -6.55
N ILE C 334 16.11 -10.38 -5.72
CA ILE C 334 15.58 -9.11 -6.20
C ILE C 334 16.57 -7.98 -5.86
N LYS C 335 17.20 -7.50 -6.93
CA LYS C 335 18.18 -6.46 -6.90
C LYS C 335 17.67 -5.30 -7.75
N PRO C 336 17.06 -4.30 -7.10
CA PRO C 336 16.36 -3.23 -7.79
C PRO C 336 17.21 -2.51 -8.81
N ASN C 337 18.47 -2.25 -8.47
CA ASN C 337 19.33 -1.54 -9.37
C ASN C 337 19.67 -2.35 -10.64
N GLN C 338 19.44 -3.66 -10.60
CA GLN C 338 19.63 -4.54 -11.77
C GLN C 338 18.58 -4.33 -12.86
N ILE C 339 17.45 -3.75 -12.46
CA ILE C 339 16.34 -3.56 -13.37
C ILE C 339 16.02 -2.07 -13.59
N GLY C 340 16.28 -1.23 -12.58
CA GLY C 340 16.37 0.19 -12.76
C GLY C 340 15.27 1.13 -12.22
N THR C 341 14.08 0.58 -11.93
CA THR C 341 13.02 1.40 -11.32
C THR C 341 12.36 0.54 -10.25
N ILE C 342 11.70 1.20 -9.33
CA ILE C 342 10.93 0.53 -8.29
CA ILE C 342 10.97 0.48 -8.30
C ILE C 342 9.69 -0.19 -8.85
N THR C 343 9.04 0.42 -9.86
CA THR C 343 7.91 -0.23 -10.54
C THR C 343 8.37 -1.54 -11.22
N GLN C 344 9.46 -1.49 -11.98
CA GLN C 344 9.93 -2.73 -12.66
C GLN C 344 10.31 -3.78 -11.61
N THR C 345 10.85 -3.36 -10.50
CA THR C 345 11.10 -4.28 -9.38
C THR C 345 9.79 -4.91 -8.88
N MET C 346 8.78 -4.11 -8.61
CA MET C 346 7.53 -4.63 -8.12
C MET C 346 6.86 -5.60 -9.11
N ARG C 347 6.98 -5.33 -10.42
CA ARG C 347 6.44 -6.21 -11.45
CA ARG C 347 6.40 -6.20 -11.42
C ARG C 347 7.10 -7.59 -11.39
N THR C 348 8.41 -7.61 -11.18
CA THR C 348 9.13 -8.88 -11.17
C THR C 348 8.68 -9.61 -9.92
N VAL C 349 8.59 -8.90 -8.81
CA VAL C 349 8.11 -9.57 -7.56
C VAL C 349 6.66 -10.08 -7.69
N ARG C 350 5.76 -9.29 -8.28
CA ARG C 350 4.38 -9.74 -8.39
C ARG C 350 4.28 -10.99 -9.27
N LEU C 351 5.01 -10.99 -10.37
CA LEU C 351 5.04 -12.15 -11.27
C LEU C 351 5.49 -13.40 -10.52
N ALA C 352 6.54 -13.25 -9.74
CA ALA C 352 7.09 -14.33 -8.94
C ALA C 352 6.02 -14.83 -7.98
N GLN C 353 5.46 -13.95 -7.18
CA GLN C 353 4.50 -14.34 -6.13
C GLN C 353 3.18 -14.91 -6.70
N ARG C 354 2.76 -14.55 -7.93
CA ARG C 354 1.61 -15.18 -8.60
C ARG C 354 1.92 -16.60 -9.04
N ASN C 355 3.20 -16.95 -9.17
CA ASN C 355 3.56 -18.26 -9.73
C ASN C 355 4.36 -19.13 -8.79
N ASN C 356 4.17 -18.93 -7.51
CA ASN C 356 4.77 -19.79 -6.50
C ASN C 356 6.29 -19.72 -6.46
N TYR C 357 6.88 -18.54 -6.72
CA TYR C 357 8.30 -18.32 -6.54
C TYR C 357 8.49 -17.41 -5.33
N LYS C 358 9.38 -17.77 -4.44
CA LYS C 358 9.74 -16.90 -3.31
C LYS C 358 10.69 -15.78 -3.76
N CYS C 359 10.57 -14.60 -3.16
CA CYS C 359 11.43 -13.44 -3.45
C CYS C 359 12.35 -13.11 -2.29
N VAL C 360 13.64 -12.97 -2.60
CA VAL C 360 14.63 -12.59 -1.63
C VAL C 360 15.10 -11.19 -2.00
N MET C 361 14.71 -10.21 -1.17
CA MET C 361 15.10 -8.82 -1.36
C MET C 361 16.60 -8.73 -1.05
N SER C 362 17.39 -8.20 -1.98
CA SER C 362 18.83 -8.29 -1.88
C SER C 362 19.63 -6.98 -1.95
N HIS C 363 20.76 -7.01 -1.24
CA HIS C 363 21.81 -6.01 -1.35
C HIS C 363 22.69 -6.21 -2.58
N ARG C 364 23.66 -5.33 -2.77
CA ARG C 364 24.75 -5.52 -3.73
C ARG C 364 26.07 -5.50 -2.94
N SER C 365 27.17 -5.89 -3.57
CA SER C 365 28.50 -5.83 -2.96
C SER C 365 28.85 -4.40 -2.57
N GLY C 366 28.64 -3.46 -3.48
CA GLY C 366 28.76 -2.05 -3.18
C GLY C 366 27.45 -1.41 -2.73
N GLU C 367 27.27 -1.29 -1.43
CA GLU C 367 26.06 -0.80 -0.87
C GLU C 367 26.27 0.64 -0.35
N SER C 368 25.25 1.19 0.32
CA SER C 368 25.39 2.46 1.01
C SER C 368 24.64 2.43 2.34
N GLU C 369 24.69 3.54 3.05
CA GLU C 369 23.90 3.75 4.24
C GLU C 369 22.37 3.72 3.95
N ASP C 370 21.98 3.68 2.68
CA ASP C 370 20.56 3.72 2.31
C ASP C 370 19.87 2.40 2.61
N ALA C 371 18.82 2.41 3.46
CA ALA C 371 18.13 1.22 3.90
C ALA C 371 16.82 0.92 3.16
N PHE C 372 16.71 1.44 1.93
CA PHE C 372 15.51 1.31 1.14
C PHE C 372 15.02 -0.11 1.03
N ILE C 373 15.95 -1.05 0.82
CA ILE C 373 15.59 -2.47 0.61
C ILE C 373 14.98 -3.08 1.88
N ALA C 374 15.27 -2.56 3.06
CA ALA C 374 14.51 -3.02 4.25
C ALA C 374 13.01 -2.65 4.15
N ASP C 375 12.69 -1.37 3.90
CA ASP C 375 11.31 -0.98 3.70
C ASP C 375 10.69 -1.75 2.54
N PHE C 376 11.45 -1.97 1.48
CA PHE C 376 10.94 -2.61 0.27
C PHE C 376 10.54 -4.09 0.56
N ALA C 377 11.37 -4.79 1.30
CA ALA C 377 11.09 -6.19 1.69
C ALA C 377 9.79 -6.30 2.47
N VAL C 378 9.56 -5.35 3.38
CA VAL C 378 8.33 -5.37 4.23
C VAL C 378 7.13 -4.92 3.37
N ALA C 379 7.34 -3.92 2.50
CA ALA C 379 6.26 -3.41 1.66
C ALA C 379 5.67 -4.54 0.88
N LEU C 380 6.52 -5.41 0.36
CA LEU C 380 6.06 -6.44 -0.59
C LEU C 380 5.94 -7.78 0.08
N ASN C 381 6.01 -7.80 1.41
CA ASN C 381 5.95 -9.06 2.12
C ASN C 381 6.79 -10.17 1.47
N THR C 382 8.05 -9.88 1.14
CA THR C 382 8.89 -10.89 0.49
C THR C 382 9.11 -12.08 1.42
N GLY C 383 9.20 -11.82 2.73
CA GLY C 383 9.44 -12.86 3.72
C GLY C 383 10.90 -13.24 3.89
N GLN C 384 11.77 -12.78 2.97
CA GLN C 384 13.20 -12.99 3.03
C GLN C 384 14.01 -11.77 2.56
N ILE C 385 15.23 -11.64 3.09
CA ILE C 385 16.12 -10.54 2.72
C ILE C 385 17.55 -11.05 2.84
N LYS C 386 18.39 -10.60 1.90
CA LYS C 386 19.83 -10.86 1.94
C LYS C 386 20.53 -9.54 1.97
N THR C 387 21.04 -9.16 3.14
CA THR C 387 21.63 -7.83 3.23
C THR C 387 22.95 -7.81 4.02
N GLY C 388 23.63 -8.96 4.05
CA GLY C 388 24.96 -9.03 4.61
C GLY C 388 25.18 -9.66 5.99
N ALA C 389 26.45 -9.67 6.34
CA ALA C 389 26.88 -10.12 7.64
C ALA C 389 26.41 -9.08 8.64
N LEU C 390 26.63 -9.34 9.93
CA LEU C 390 26.17 -8.48 11.00
C LEU C 390 27.20 -7.44 11.42
N ALA C 391 27.85 -6.83 10.42
CA ALA C 391 28.79 -5.76 10.60
C ALA C 391 28.97 -4.98 9.25
N ARG C 392 29.61 -3.81 9.35
CA ARG C 392 29.72 -2.80 8.32
C ARG C 392 28.37 -2.04 8.27
N GLY C 393 28.44 -0.73 8.47
CA GLY C 393 27.27 0.14 8.55
C GLY C 393 26.34 0.06 7.35
N GLU C 394 26.83 -0.26 6.16
CA GLU C 394 25.97 -0.38 5.01
C GLU C 394 25.13 -1.65 5.04
N ARG C 395 25.45 -2.55 5.97
CA ARG C 395 24.64 -3.76 6.20
C ARG C 395 23.81 -3.54 7.40
N THR C 396 24.44 -3.06 8.46
CA THR C 396 23.71 -2.84 9.70
C THR C 396 22.64 -1.76 9.60
N ALA C 397 22.77 -0.80 8.68
CA ALA C 397 21.72 0.18 8.45
C ALA C 397 20.43 -0.55 8.06
N LYS C 398 20.49 -1.68 7.38
CA LYS C 398 19.24 -2.35 6.96
C LYS C 398 18.60 -3.08 8.13
N TYR C 399 19.43 -3.72 8.93
CA TYR C 399 18.97 -4.43 10.11
C TYR C 399 18.36 -3.45 11.08
N ASN C 400 19.02 -2.32 11.29
CA ASN C 400 18.47 -1.28 12.13
C ASN C 400 17.12 -0.73 11.63
N ARG C 401 17.00 -0.49 10.32
CA ARG C 401 15.72 -0.11 9.79
C ARG C 401 14.62 -1.16 10.06
N LEU C 402 14.92 -2.45 9.93
CA LEU C 402 13.96 -3.48 10.20
C LEU C 402 13.61 -3.49 11.72
N LEU C 403 14.56 -3.14 12.59
CA LEU C 403 14.27 -3.07 14.01
C LEU C 403 13.30 -1.90 14.26
N GLU C 404 13.31 -0.89 13.41
CA GLU C 404 12.44 0.29 13.55
C GLU C 404 11.06 -0.06 13.03
N ILE C 405 11.03 -0.70 11.88
CA ILE C 405 9.74 -1.13 11.35
C ILE C 405 9.06 -2.05 12.39
N GLU C 406 9.81 -2.89 13.08
CA GLU C 406 9.24 -3.85 14.05
C GLU C 406 8.38 -3.24 15.17
N PHE C 407 8.64 -1.97 15.52
CA PHE C 407 7.79 -1.28 16.50
C PHE C 407 6.38 -1.00 15.97
N GLU C 408 6.20 -0.96 14.66
CA GLU C 408 4.90 -0.71 14.04
C GLU C 408 4.22 -1.99 13.53
N SER C 409 4.96 -2.87 12.87
CA SER C 409 4.46 -4.20 12.50
CA SER C 409 4.47 -4.17 12.47
C SER C 409 5.50 -5.22 12.87
N ASP C 410 5.16 -6.09 13.80
CA ASP C 410 6.10 -7.04 14.35
C ASP C 410 5.93 -8.46 13.82
N GLU C 411 5.10 -8.65 12.83
CA GLU C 411 4.86 -10.00 12.36
C GLU C 411 6.12 -10.64 11.76
N TYR C 412 6.60 -11.69 12.41
CA TYR C 412 7.73 -12.46 11.90
C TYR C 412 7.22 -13.87 11.75
N LEU C 413 7.28 -14.40 10.54
CA LEU C 413 6.70 -15.71 10.26
C LEU C 413 7.54 -16.84 10.84
N GLY C 414 8.86 -16.68 10.81
CA GLY C 414 9.77 -17.74 11.25
C GLY C 414 9.52 -19.03 10.47
N GLU C 415 9.14 -20.07 11.18
CA GLU C 415 8.83 -21.38 10.58
C GLU C 415 7.35 -21.53 10.14
N LYS C 416 6.52 -20.50 10.36
CA LYS C 416 5.10 -20.61 10.06
C LYS C 416 4.83 -20.54 8.56
N LEU C 417 3.77 -21.22 8.12
CA LEU C 417 3.32 -21.12 6.72
C LEU C 417 2.76 -19.73 6.36
N ALA D 3 8.67 30.08 24.67
CA ALA D 3 9.29 28.99 23.84
C ALA D 3 8.48 28.73 22.54
N MET D 4 9.10 28.93 21.37
CA MET D 4 8.49 28.67 20.06
C MET D 4 7.96 27.24 19.95
N LEU D 5 8.79 26.28 20.34
CA LEU D 5 8.44 24.85 20.33
C LEU D 5 8.98 24.22 21.59
N VAL D 6 8.36 23.13 22.01
CA VAL D 6 8.86 22.36 23.16
C VAL D 6 9.05 20.89 22.81
N ILE D 7 9.79 20.18 23.64
CA ILE D 7 10.00 18.76 23.45
C ILE D 7 8.72 18.02 23.88
N GLU D 8 8.13 17.29 22.95
CA GLU D 8 6.83 16.66 23.16
CA GLU D 8 6.83 16.67 23.20
C GLU D 8 6.95 15.17 23.45
N ASP D 9 7.99 14.53 22.91
CA ASP D 9 8.23 13.09 23.13
C ASP D 9 9.69 12.71 22.97
N VAL D 10 10.10 11.76 23.80
CA VAL D 10 11.47 11.26 23.79
C VAL D 10 11.53 9.74 23.91
N ARG D 11 12.20 9.08 22.98
CA ARG D 11 12.38 7.64 23.11
C ARG D 11 13.70 7.12 22.62
N ALA D 12 14.02 5.92 23.07
CA ALA D 12 15.21 5.26 22.58
C ALA D 12 14.92 3.79 22.36
N TYR D 13 15.80 3.15 21.58
CA TYR D 13 15.74 1.71 21.33
C TYR D 13 17.13 1.19 20.92
N GLU D 14 17.29 -0.14 20.92
CA GLU D 14 18.59 -0.78 20.63
C GLU D 14 18.72 -0.91 19.14
N VAL D 15 19.84 -0.48 18.57
CA VAL D 15 20.17 -0.82 17.22
C VAL D 15 21.59 -1.42 17.22
N LEU D 16 22.15 -1.65 16.04
CA LEU D 16 23.45 -2.28 15.92
C LEU D 16 24.46 -1.26 15.47
N ASP D 17 25.65 -1.26 16.08
CA ASP D 17 26.74 -0.45 15.54
C ASP D 17 27.44 -1.20 14.39
N SER D 18 28.49 -0.60 13.86
CA SER D 18 29.13 -1.13 12.64
C SER D 18 30.02 -2.35 12.92
N ARG D 19 30.21 -2.71 14.18
CA ARG D 19 30.91 -3.94 14.52
C ARG D 19 29.93 -5.01 14.90
N GLY D 20 28.65 -4.67 14.92
CA GLY D 20 27.64 -5.61 15.21
C GLY D 20 27.26 -5.72 16.66
N ASN D 21 27.62 -4.74 17.49
CA ASN D 21 27.22 -4.68 18.92
C ASN D 21 26.06 -3.70 19.13
N PRO D 22 25.25 -3.89 20.17
CA PRO D 22 24.15 -2.96 20.38
C PRO D 22 24.67 -1.54 20.64
N THR D 23 23.88 -0.54 20.25
CA THR D 23 24.09 0.82 20.74
C THR D 23 22.74 1.48 20.86
N VAL D 24 22.70 2.71 21.34
CA VAL D 24 21.44 3.45 21.46
C VAL D 24 21.08 4.36 20.24
N LYS D 25 19.86 4.20 19.73
CA LYS D 25 19.24 5.17 18.88
C LYS D 25 18.14 5.93 19.66
N ALA D 26 18.22 7.26 19.65
CA ALA D 26 17.31 8.13 20.36
C ALA D 26 16.48 8.87 19.34
N GLU D 27 15.24 9.15 19.69
CA GLU D 27 14.33 9.89 18.83
C GLU D 27 13.59 10.93 19.64
N VAL D 28 13.58 12.15 19.12
CA VAL D 28 12.92 13.24 19.80
C VAL D 28 11.92 13.89 18.86
N THR D 29 10.73 14.11 19.40
CA THR D 29 9.65 14.76 18.64
C THR D 29 9.26 16.07 19.32
N LEU D 30 9.12 17.13 18.54
CA LEU D 30 8.70 18.43 19.10
C LEU D 30 7.20 18.63 18.97
N SER D 31 6.73 19.74 19.55
CA SER D 31 5.31 20.04 19.59
C SER D 31 4.69 20.49 18.26
N ASP D 32 5.51 20.79 17.25
CA ASP D 32 4.99 20.92 15.87
C ASP D 32 4.95 19.59 15.13
N GLY D 33 5.37 18.51 15.79
CA GLY D 33 5.52 17.21 15.14
C GLY D 33 6.86 16.95 14.48
N SER D 34 7.81 17.92 14.53
CA SER D 34 9.11 17.74 13.88
C SER D 34 9.87 16.67 14.65
N VAL D 35 10.51 15.76 13.91
CA VAL D 35 11.23 14.63 14.49
C VAL D 35 12.73 14.69 14.22
N GLY D 36 13.51 14.44 15.25
CA GLY D 36 14.95 14.22 15.10
C GLY D 36 15.38 12.89 15.71
N ALA D 37 16.40 12.30 15.12
CA ALA D 37 16.88 11.01 15.64
C ALA D 37 18.42 10.94 15.57
N ALA D 38 19.04 10.14 16.41
CA ALA D 38 20.51 10.08 16.47
C ALA D 38 20.97 8.72 16.95
N ILE D 39 22.04 8.18 16.38
CA ILE D 39 22.63 6.91 16.87
C ILE D 39 23.97 7.24 17.54
N VAL D 40 24.12 6.76 18.77
CA VAL D 40 25.36 6.89 19.52
C VAL D 40 26.41 5.85 19.06
N PRO D 41 27.64 6.31 18.81
CA PRO D 41 28.72 5.36 18.62
C PRO D 41 29.12 4.74 19.96
N SER D 42 29.87 3.64 19.88
CA SER D 42 30.28 2.89 21.06
CA SER D 42 30.22 2.93 21.10
C SER D 42 31.43 3.59 21.74
N GLY D 43 31.48 3.47 23.09
CA GLY D 43 32.53 4.10 23.94
C GLY D 43 33.13 3.10 24.94
N ALA D 44 33.18 3.46 26.21
CA ALA D 44 33.74 2.62 27.28
C ALA D 44 32.72 2.53 28.44
N SER D 45 32.42 1.32 28.90
CA SER D 45 31.56 1.14 30.07
C SER D 45 32.31 1.27 31.39
N THR D 46 33.64 1.18 31.34
CA THR D 46 34.50 1.28 32.52
C THR D 46 35.64 2.27 32.26
N GLY D 47 36.35 2.63 33.34
CA GLY D 47 37.43 3.62 33.25
C GLY D 47 37.17 4.78 34.20
N SER D 48 38.23 5.50 34.53
CA SER D 48 38.13 6.55 35.52
C SER D 48 38.30 7.95 34.91
N LYS D 49 38.32 8.07 33.58
CA LYS D 49 38.59 9.37 32.96
C LYS D 49 37.47 9.81 32.01
N GLU D 50 37.10 8.92 31.10
CA GLU D 50 35.98 9.09 30.16
C GLU D 50 34.62 9.05 30.84
N ALA D 51 33.66 9.76 30.24
CA ALA D 51 32.27 9.54 30.56
C ALA D 51 31.90 8.12 30.15
N LEU D 52 31.09 7.46 30.95
CA LEU D 52 30.87 6.06 30.73
C LEU D 52 29.57 5.79 30.01
N GLU D 53 29.61 4.75 29.15
CA GLU D 53 28.40 4.23 28.50
C GLU D 53 27.93 3.09 29.36
N LEU D 54 26.63 2.98 29.55
CA LEU D 54 26.01 1.88 30.27
C LEU D 54 25.86 0.66 29.38
N ARG D 55 26.31 -0.48 29.89
CA ARG D 55 26.16 -1.79 29.25
C ARG D 55 25.45 -2.76 30.19
N ASP D 56 24.63 -3.64 29.64
CA ASP D 56 23.76 -4.49 30.47
C ASP D 56 24.52 -5.56 31.26
N ASN D 57 25.57 -6.14 30.67
CA ASN D 57 26.34 -7.23 31.26
C ASN D 57 25.52 -8.48 31.58
N ASP D 58 24.58 -8.83 30.70
CA ASP D 58 23.87 -10.10 30.88
C ASP D 58 24.06 -11.03 29.69
N GLU D 59 23.25 -12.08 29.61
CA GLU D 59 23.43 -13.12 28.60
CA GLU D 59 23.37 -13.13 28.59
C GLU D 59 23.24 -12.63 27.15
N ARG D 60 22.52 -11.53 26.93
CA ARG D 60 22.32 -10.94 25.57
C ARG D 60 23.57 -10.33 24.95
N PHE D 61 23.86 -10.63 23.69
CA PHE D 61 24.88 -9.90 22.93
C PHE D 61 26.26 -9.89 23.66
N GLY D 62 26.67 -11.04 24.18
CA GLY D 62 27.94 -11.15 24.93
C GLY D 62 28.10 -10.11 26.03
N GLY D 63 27.01 -9.75 26.70
CA GLY D 63 27.04 -8.75 27.74
C GLY D 63 27.00 -7.30 27.31
N LYS D 64 26.87 -7.07 25.99
CA LYS D 64 26.86 -5.73 25.43
C LYS D 64 25.48 -5.09 25.15
N GLY D 65 24.38 -5.65 25.67
CA GLY D 65 23.10 -4.98 25.50
C GLY D 65 23.06 -3.55 26.04
N VAL D 66 22.25 -2.69 25.45
CA VAL D 66 22.07 -1.34 26.04
C VAL D 66 20.63 -1.06 26.50
N LEU D 67 19.98 -2.11 27.00
CA LEU D 67 18.61 -1.97 27.47
C LEU D 67 18.52 -1.01 28.64
N LYS D 68 19.53 -0.95 29.51
CA LYS D 68 19.45 -0.01 30.64
C LYS D 68 19.58 1.44 30.17
N ALA D 69 20.46 1.69 29.19
CA ALA D 69 20.59 3.04 28.63
C ALA D 69 19.26 3.49 28.03
N VAL D 70 18.65 2.55 27.31
CA VAL D 70 17.41 2.78 26.60
C VAL D 70 16.34 3.15 27.60
N ALA D 71 16.19 2.34 28.63
CA ALA D 71 15.28 2.65 29.72
C ALA D 71 15.55 4.01 30.34
N ASN D 72 16.82 4.35 30.55
CA ASN D 72 17.11 5.66 31.13
C ASN D 72 16.62 6.81 30.24
N VAL D 73 16.63 6.63 28.90
CA VAL D 73 16.06 7.60 28.02
C VAL D 73 14.55 7.57 28.12
N ASN D 74 13.93 6.39 28.01
CA ASN D 74 12.44 6.36 27.91
C ASN D 74 11.76 6.79 29.24
N GLU D 75 12.45 6.68 30.37
CA GLU D 75 11.84 6.92 31.69
CA GLU D 75 11.84 6.93 31.71
C GLU D 75 12.44 8.16 32.40
N THR D 76 13.64 8.06 32.93
CA THR D 76 14.24 9.18 33.64
C THR D 76 14.40 10.44 32.80
N ILE D 77 15.00 10.34 31.62
CA ILE D 77 15.26 11.54 30.86
C ILE D 77 13.98 12.15 30.37
N ALA D 78 13.17 11.35 29.66
CA ALA D 78 11.88 11.76 29.14
C ALA D 78 11.12 12.54 30.19
N ASP D 79 11.05 11.99 31.40
CA ASP D 79 10.25 12.54 32.47
C ASP D 79 10.78 13.90 32.84
N GLU D 80 12.08 14.12 32.68
CA GLU D 80 12.68 15.39 33.04
C GLU D 80 12.64 16.46 31.93
N ILE D 81 12.78 16.08 30.68
CA ILE D 81 12.91 17.08 29.60
C ILE D 81 11.66 17.35 28.79
N LEU D 82 10.60 16.59 28.97
CA LEU D 82 9.38 16.88 28.23
C LEU D 82 8.89 18.27 28.62
N GLY D 83 8.68 19.14 27.63
CA GLY D 83 8.20 20.48 27.88
C GLY D 83 9.27 21.57 27.95
N LEU D 84 10.53 21.18 27.84
CA LEU D 84 11.61 22.13 27.74
C LEU D 84 11.65 22.75 26.33
N ASP D 85 12.10 23.99 26.27
CA ASP D 85 12.28 24.73 25.01
C ASP D 85 13.16 23.92 24.04
N ALA D 86 12.63 23.58 22.86
CA ALA D 86 13.38 22.78 21.87
C ALA D 86 14.68 23.42 21.42
N PHE D 87 14.77 24.75 21.51
CA PHE D 87 15.85 25.51 20.90
C PHE D 87 16.94 25.94 21.87
N ASN D 88 16.75 25.65 23.16
CA ASN D 88 17.74 25.98 24.15
C ASN D 88 18.58 24.72 24.37
N GLN D 89 19.54 24.51 23.50
CA GLN D 89 20.40 23.35 23.54
C GLN D 89 21.22 23.30 24.84
N THR D 90 21.66 24.46 25.33
CA THR D 90 22.47 24.58 26.52
C THR D 90 21.66 24.17 27.75
N GLN D 91 20.43 24.64 27.85
CA GLN D 91 19.53 24.22 28.93
C GLN D 91 19.25 22.71 28.94
N LEU D 92 18.97 22.14 27.78
CA LEU D 92 18.74 20.69 27.67
C LEU D 92 19.96 19.93 28.19
N ASP D 93 21.13 20.29 27.68
CA ASP D 93 22.36 19.56 28.01
C ASP D 93 22.76 19.72 29.49
N ASP D 94 22.48 20.89 30.08
CA ASP D 94 22.75 21.13 31.49
C ASP D 94 21.80 20.38 32.40
N THR D 95 20.57 20.24 31.93
CA THR D 95 19.56 19.49 32.62
C THR D 95 19.94 18.02 32.62
N LEU D 96 20.41 17.51 31.49
CA LEU D 96 20.91 16.13 31.46
C LEU D 96 22.04 15.91 32.47
N ARG D 97 22.98 16.85 32.53
CA ARG D 97 24.13 16.73 33.40
CA ARG D 97 24.15 16.72 33.42
C ARG D 97 23.70 16.76 34.87
N GLU D 98 22.75 17.63 35.19
CA GLU D 98 22.20 17.77 36.52
CA GLU D 98 22.27 17.76 36.56
C GLU D 98 21.39 16.56 36.94
N LEU D 99 20.59 16.06 36.02
CA LEU D 99 19.75 14.90 36.29
C LEU D 99 20.67 13.70 36.59
N ASP D 100 21.71 13.54 35.79
CA ASP D 100 22.70 12.50 36.05
C ASP D 100 23.43 12.67 37.40
N GLY D 101 23.83 13.90 37.72
CA GLY D 101 24.46 14.20 39.01
C GLY D 101 25.86 13.66 39.29
N THR D 102 26.50 13.05 38.32
CA THR D 102 27.91 12.68 38.39
C THR D 102 28.75 13.57 37.45
N ASN D 103 30.07 13.39 37.53
CA ASN D 103 31.02 14.09 36.69
CA ASN D 103 31.03 14.09 36.70
C ASN D 103 31.39 13.29 35.44
N ASN D 104 30.77 12.12 35.25
CA ASN D 104 31.16 11.22 34.13
C ASN D 104 30.00 10.36 33.57
N TYR D 105 28.77 10.85 33.72
CA TYR D 105 27.55 10.16 33.28
C TYR D 105 27.45 8.69 33.67
N SER D 106 27.97 8.37 34.86
CA SER D 106 27.97 6.99 35.41
C SER D 106 26.59 6.55 35.84
N ASN D 107 25.72 7.51 36.03
CA ASN D 107 24.30 7.29 36.27
C ASN D 107 23.44 6.96 35.04
N LEU D 108 23.23 7.95 34.17
CA LEU D 108 22.32 7.81 33.07
C LEU D 108 23.01 7.03 31.96
N GLY D 109 24.33 7.16 31.91
CA GLY D 109 25.14 6.64 30.82
C GLY D 109 25.25 7.67 29.68
N ALA D 110 26.46 7.96 29.26
CA ALA D 110 26.75 8.87 28.13
C ALA D 110 26.11 8.44 26.82
N ASN D 111 25.86 7.15 26.64
CA ASN D 111 25.11 6.64 25.50
C ASN D 111 23.61 7.00 25.58
N ALA D 112 23.05 7.17 26.78
CA ALA D 112 21.69 7.70 26.95
C ALA D 112 21.64 9.21 26.68
N THR D 113 22.58 9.97 27.23
CA THR D 113 22.49 11.42 27.15
C THR D 113 22.94 11.93 25.76
N LEU D 114 23.96 11.36 25.16
CA LEU D 114 24.40 11.95 23.87
C LEU D 114 23.33 11.78 22.82
N GLY D 115 22.71 10.60 22.80
CA GLY D 115 21.61 10.32 21.84
C GLY D 115 20.54 11.39 21.85
N VAL D 116 20.10 11.71 23.05
CA VAL D 116 19.05 12.71 23.30
C VAL D 116 19.52 14.11 22.90
N SER D 117 20.77 14.39 23.23
CA SER D 117 21.37 15.65 22.91
C SER D 117 21.40 15.87 21.39
N MET D 118 21.87 14.87 20.64
CA MET D 118 21.95 14.97 19.20
C MET D 118 20.58 14.97 18.57
N ALA D 119 19.70 14.13 19.10
CA ALA D 119 18.38 13.98 18.54
C ALA D 119 17.61 15.28 18.68
N THR D 120 17.73 15.94 19.83
CA THR D 120 17.03 17.21 20.01
C THR D 120 17.49 18.29 19.02
N ALA D 121 18.79 18.40 18.84
CA ALA D 121 19.42 19.30 17.88
C ALA D 121 18.92 19.04 16.46
N ARG D 122 18.88 17.77 16.05
CA ARG D 122 18.36 17.46 14.73
C ARG D 122 16.89 17.81 14.57
N ALA D 123 16.11 17.59 15.62
CA ALA D 123 14.66 17.93 15.62
C ALA D 123 14.37 19.43 15.54
N ALA D 124 15.18 20.23 16.23
CA ALA D 124 15.14 21.70 16.16
C ALA D 124 15.54 22.16 14.76
N ALA D 125 16.61 21.59 14.21
CA ALA D 125 17.05 21.98 12.85
C ALA D 125 15.92 21.70 11.82
N ALA D 126 15.35 20.49 11.89
CA ALA D 126 14.22 20.05 11.07
C ALA D 126 13.02 20.98 11.20
N ALA D 127 12.66 21.35 12.43
CA ALA D 127 11.58 22.30 12.63
C ALA D 127 11.84 23.65 11.95
N LEU D 128 13.08 24.07 11.83
CA LEU D 128 13.42 25.34 11.23
C LEU D 128 13.65 25.20 9.72
N GLY D 129 13.66 23.98 9.20
CA GLY D 129 13.98 23.75 7.80
C GLY D 129 15.45 23.97 7.50
N MET D 130 16.31 23.87 8.51
CA MET D 130 17.72 24.13 8.28
CA MET D 130 17.74 24.17 8.35
C MET D 130 18.62 22.90 8.47
N PRO D 131 19.70 22.83 7.72
CA PRO D 131 20.71 21.78 7.90
C PRO D 131 21.30 21.84 9.29
N LEU D 132 21.63 20.67 9.84
CA LEU D 132 22.14 20.58 11.19
C LEU D 132 23.39 21.49 11.41
N TYR D 133 24.31 21.52 10.45
CA TYR D 133 25.50 22.33 10.61
C TYR D 133 25.17 23.81 10.77
N ARG D 134 24.07 24.27 10.17
CA ARG D 134 23.65 25.68 10.32
C ARG D 134 23.02 25.89 11.69
N TYR D 135 22.31 24.89 12.17
CA TYR D 135 21.68 24.99 13.48
C TYR D 135 22.77 25.15 14.55
N LEU D 136 23.83 24.40 14.40
CA LEU D 136 24.86 24.34 15.39
C LEU D 136 25.87 25.47 15.25
N GLY D 137 26.16 25.93 14.02
CA GLY D 137 27.18 26.94 13.79
C GLY D 137 26.77 28.19 13.05
N GLY D 138 25.51 28.27 12.60
CA GLY D 138 24.99 29.49 12.05
C GLY D 138 25.60 29.72 10.65
N ALA D 139 25.38 30.89 10.08
CA ALA D 139 25.99 31.29 8.79
C ALA D 139 27.54 31.25 8.86
N ASN D 140 28.11 31.33 10.07
CA ASN D 140 29.58 31.29 10.21
C ASN D 140 30.14 29.89 9.99
N ALA D 141 29.26 28.88 9.92
CA ALA D 141 29.65 27.51 9.69
C ALA D 141 30.03 27.31 8.24
N SER D 142 31.26 27.01 7.95
CA SER D 142 31.74 27.18 6.58
C SER D 142 32.77 26.18 6.09
N ILE D 143 33.70 25.81 6.97
CA ILE D 143 34.91 25.14 6.56
C ILE D 143 34.67 23.66 6.37
N LEU D 144 34.89 23.17 5.16
CA LEU D 144 34.90 21.69 5.01
C LEU D 144 36.27 21.12 5.52
N PRO D 145 36.25 20.13 6.45
CA PRO D 145 37.49 19.71 7.07
C PRO D 145 38.40 18.89 6.16
N VAL D 146 39.71 19.00 6.42
CA VAL D 146 40.70 18.13 5.85
C VAL D 146 40.60 16.86 6.62
N PRO D 147 40.32 15.76 5.88
CA PRO D 147 40.25 14.45 6.51
C PRO D 147 41.61 13.78 6.74
N MET D 148 41.75 13.09 7.87
CA MET D 148 42.89 12.20 8.09
C MET D 148 42.33 10.77 8.01
N CYS D 149 42.77 10.04 6.98
CA CYS D 149 42.14 8.73 6.60
C CYS D 149 43.00 7.51 6.95
N ASN D 150 42.54 6.72 7.92
CA ASN D 150 43.25 5.61 8.53
C ASN D 150 43.22 4.43 7.60
N ILE D 151 44.27 4.27 6.80
CA ILE D 151 44.25 3.25 5.76
C ILE D 151 45.18 2.07 5.98
N ILE D 152 46.12 2.20 6.92
CA ILE D 152 46.87 1.05 7.43
C ILE D 152 46.86 1.03 8.97
N ASN D 153 46.62 -0.14 9.52
CA ASN D 153 46.32 -0.30 10.94
C ASN D 153 47.38 -1.12 11.55
N GLY D 154 47.62 -0.89 12.83
CA GLY D 154 48.52 -1.72 13.60
C GLY D 154 48.07 -1.70 15.03
N GLY D 155 48.97 -2.10 15.93
CA GLY D 155 48.75 -2.01 17.36
C GLY D 155 47.62 -2.88 17.81
N ALA D 156 46.81 -2.35 18.72
CA ALA D 156 45.59 -3.02 19.19
C ALA D 156 44.49 -3.18 18.09
N HIS D 157 44.54 -2.39 17.02
CA HIS D 157 43.60 -2.46 15.85
C HIS D 157 43.90 -3.57 14.83
N ALA D 158 44.96 -4.35 15.10
CA ALA D 158 45.32 -5.48 14.26
C ALA D 158 46.02 -6.53 15.11
N ASN D 159 46.58 -7.53 14.46
CA ASN D 159 47.43 -8.46 15.16
C ASN D 159 48.65 -8.69 14.31
N ASN D 160 49.47 -7.64 14.17
CA ASN D 160 50.67 -7.72 13.36
C ASN D 160 51.91 -7.42 14.23
N ASN D 161 53.06 -7.16 13.62
CA ASN D 161 54.22 -6.69 14.38
C ASN D 161 54.34 -5.16 14.29
N VAL D 162 53.21 -4.49 14.01
CA VAL D 162 53.18 -3.04 13.94
C VAL D 162 52.64 -2.52 15.26
N ASP D 163 53.37 -1.60 15.86
CA ASP D 163 53.04 -1.05 17.17
C ASP D 163 52.04 0.10 17.13
N PHE D 164 52.27 1.04 16.22
CA PHE D 164 51.41 2.22 16.11
C PHE D 164 50.04 1.77 15.63
N GLN D 165 49.02 2.55 15.95
CA GLN D 165 47.63 2.10 15.77
C GLN D 165 47.07 2.49 14.40
N GLU D 166 47.28 3.72 13.99
CA GLU D 166 46.68 4.26 12.78
C GLU D 166 47.72 4.95 11.93
N PHE D 167 47.72 4.65 10.63
CA PHE D 167 48.56 5.30 9.65
C PHE D 167 47.67 5.96 8.59
N MET D 168 47.69 7.28 8.55
CA MET D 168 46.64 8.04 7.90
C MET D 168 47.20 8.90 6.82
N ILE D 169 46.40 9.14 5.77
CA ILE D 169 46.76 10.14 4.74
C ILE D 169 45.84 11.39 4.88
N MET D 170 46.41 12.56 4.60
CA MET D 170 45.73 13.86 4.71
C MET D 170 45.96 14.69 3.45
N PRO D 171 44.89 14.97 2.71
CA PRO D 171 44.98 15.67 1.42
C PRO D 171 44.88 17.22 1.55
N PHE D 172 46.02 17.87 1.75
CA PHE D 172 46.09 19.33 1.95
C PHE D 172 46.17 20.07 0.61
N GLY D 173 46.88 19.51 -0.36
CA GLY D 173 47.19 20.16 -1.64
C GLY D 173 46.10 20.17 -2.69
N PHE D 174 44.94 20.72 -2.32
CA PHE D 174 43.73 20.78 -3.15
C PHE D 174 42.91 22.02 -2.82
N THR D 175 42.21 22.56 -3.80
CA THR D 175 41.38 23.73 -3.55
C THR D 175 39.90 23.42 -3.35
N SER D 176 39.53 22.13 -3.47
CA SER D 176 38.20 21.71 -3.15
C SER D 176 38.22 20.41 -2.35
N PHE D 177 37.20 20.25 -1.55
CA PHE D 177 37.05 19.04 -0.75
C PHE D 177 36.88 17.81 -1.64
N LYS D 178 36.02 17.92 -2.64
CA LYS D 178 35.78 16.81 -3.55
CA LYS D 178 35.78 16.76 -3.50
C LYS D 178 37.06 16.34 -4.21
N GLU D 179 37.90 17.26 -4.64
CA GLU D 179 39.15 16.79 -5.23
C GLU D 179 40.08 16.14 -4.18
N ALA D 180 40.08 16.67 -2.96
CA ALA D 180 40.86 16.06 -1.87
C ALA D 180 40.35 14.65 -1.59
N LEU D 181 39.04 14.52 -1.56
CA LEU D 181 38.43 13.23 -1.24
C LEU D 181 38.76 12.27 -2.37
N ARG D 182 38.66 12.73 -3.61
CA ARG D 182 39.03 11.86 -4.71
C ARG D 182 40.51 11.34 -4.62
N SER D 183 41.44 12.23 -4.28
CA SER D 183 42.84 11.82 -4.14
C SER D 183 42.97 10.69 -3.14
N VAL D 184 42.40 10.83 -1.95
CA VAL D 184 42.45 9.74 -0.96
C VAL D 184 41.72 8.44 -1.45
N CYS D 185 40.63 8.56 -2.20
CA CYS D 185 39.97 7.37 -2.71
C CYS D 185 40.89 6.65 -3.69
N GLU D 186 41.58 7.40 -4.54
CA GLU D 186 42.47 6.85 -5.54
C GLU D 186 43.70 6.22 -4.91
N ILE D 187 44.31 6.92 -3.95
CA ILE D 187 45.37 6.33 -3.15
C ILE D 187 44.96 4.99 -2.42
N TYR D 188 43.79 4.98 -1.82
CA TYR D 188 43.33 3.77 -1.19
C TYR D 188 43.16 2.63 -2.22
N ALA D 189 42.71 2.94 -3.44
CA ALA D 189 42.52 1.90 -4.44
C ALA D 189 43.88 1.35 -4.86
N ILE D 190 44.88 2.24 -4.97
CA ILE D 190 46.21 1.81 -5.36
C ILE D 190 46.84 0.96 -4.26
N LEU D 191 46.65 1.35 -3.00
CA LEU D 191 47.11 0.54 -1.85
C LEU D 191 46.53 -0.85 -1.87
N LYS D 192 45.24 -0.95 -2.15
CA LYS D 192 44.57 -2.24 -2.23
C LYS D 192 45.25 -3.14 -3.26
N LYS D 193 45.49 -2.61 -4.46
CA LYS D 193 46.18 -3.37 -5.53
C LYS D 193 47.59 -3.81 -5.12
N GLU D 194 48.35 -2.89 -4.52
CA GLU D 194 49.71 -3.19 -4.08
C GLU D 194 49.75 -4.34 -3.09
N LEU D 195 48.77 -4.39 -2.19
CA LEU D 195 48.76 -5.44 -1.20
C LEU D 195 48.36 -6.77 -1.85
N ALA D 196 47.37 -6.71 -2.75
CA ALA D 196 46.94 -7.92 -3.43
C ALA D 196 48.07 -8.51 -4.31
N ASN D 197 48.90 -7.68 -4.96
CA ASN D 197 49.97 -8.19 -5.82
C ASN D 197 51.18 -8.69 -5.05
N SER D 198 51.36 -8.26 -3.82
CA SER D 198 52.47 -8.78 -3.01
C SER D 198 51.99 -9.87 -2.03
N GLY D 199 50.80 -10.45 -2.28
CA GLY D 199 50.29 -11.57 -1.46
C GLY D 199 49.66 -11.25 -0.12
N HIS D 200 49.41 -9.97 0.17
CA HIS D 200 48.79 -9.60 1.42
C HIS D 200 47.25 -9.65 1.31
N SER D 201 46.56 -9.84 2.45
CA SER D 201 45.10 -9.78 2.52
C SER D 201 44.56 -8.37 2.21
N THR D 202 43.42 -8.29 1.52
CA THR D 202 42.72 -7.02 1.31
C THR D 202 41.46 -6.89 2.18
N ALA D 203 41.29 -7.79 3.13
CA ALA D 203 40.17 -7.69 4.05
C ALA D 203 40.39 -6.49 4.99
N LEU D 204 39.31 -5.94 5.54
CA LEU D 204 39.35 -4.70 6.22
C LEU D 204 39.23 -4.85 7.73
N GLY D 205 39.91 -3.94 8.44
CA GLY D 205 39.67 -3.72 9.87
C GLY D 205 38.45 -2.85 10.15
N ASP D 206 38.20 -2.61 11.42
CA ASP D 206 37.04 -1.91 11.88
C ASP D 206 36.73 -0.57 11.28
N GLU D 207 37.77 0.19 10.97
CA GLU D 207 37.62 1.51 10.35
C GLU D 207 37.80 1.51 8.85
N GLY D 208 37.92 0.33 8.25
CA GLY D 208 38.01 0.22 6.76
C GLY D 208 39.42 0.20 6.16
N GLY D 209 40.44 0.25 7.01
CA GLY D 209 41.80 0.17 6.55
C GLY D 209 42.26 -1.29 6.50
N PHE D 210 43.48 -1.50 6.01
CA PHE D 210 44.05 -2.84 5.96
C PHE D 210 45.03 -3.08 7.12
N ALA D 211 45.18 -4.32 7.54
CA ALA D 211 46.12 -4.70 8.63
C ALA D 211 47.13 -5.74 8.17
N PRO D 212 47.90 -5.44 7.13
CA PRO D 212 48.88 -6.42 6.68
C PRO D 212 49.97 -6.65 7.71
N ASN D 213 50.50 -7.87 7.76
CA ASN D 213 51.58 -8.18 8.70
CA ASN D 213 51.58 -8.20 8.68
C ASN D 213 52.90 -7.59 8.22
N LEU D 214 53.11 -6.31 8.51
CA LEU D 214 54.35 -5.65 8.13
C LEU D 214 55.39 -5.81 9.26
N ALA D 215 56.64 -5.40 9.03
CA ALA D 215 57.73 -5.74 9.95
C ALA D 215 57.92 -4.75 11.08
N ASN D 216 57.61 -3.49 10.84
CA ASN D 216 57.79 -2.48 11.86
C ASN D 216 56.84 -1.28 11.64
N ASN D 217 57.17 -0.14 12.23
CA ASN D 217 56.34 1.05 12.16
C ASN D 217 56.73 2.00 11.05
N THR D 218 57.83 1.73 10.35
CA THR D 218 58.18 2.59 9.23
C THR D 218 57.79 1.98 7.90
N GLU D 219 57.72 0.65 7.83
CA GLU D 219 57.30 -0.01 6.60
C GLU D 219 55.91 0.46 6.12
N PRO D 220 54.90 0.52 7.02
CA PRO D 220 53.61 1.16 6.63
C PRO D 220 53.75 2.59 6.04
N ILE D 221 54.65 3.42 6.60
CA ILE D 221 54.77 4.79 6.10
C ILE D 221 55.35 4.77 4.68
N ASP D 222 56.36 3.91 4.49
CA ASP D 222 56.98 3.70 3.19
C ASP D 222 55.96 3.31 2.14
N LEU D 223 55.08 2.39 2.51
CA LEU D 223 54.00 1.96 1.64
C LEU D 223 53.04 3.13 1.34
N LEU D 224 52.66 3.93 2.35
CA LEU D 224 51.82 5.09 2.05
C LEU D 224 52.50 6.02 1.05
N MET D 225 53.82 6.25 1.17
CA MET D 225 54.50 7.18 0.28
C MET D 225 54.49 6.69 -1.16
N THR D 226 54.64 5.38 -1.32
CA THR D 226 54.67 4.74 -2.63
C THR D 226 53.35 4.91 -3.31
N CYS D 227 52.28 4.65 -2.57
CA CYS D 227 50.91 4.83 -3.07
C CYS D 227 50.54 6.28 -3.40
N ILE D 228 50.98 7.22 -2.57
CA ILE D 228 50.78 8.66 -2.85
C ILE D 228 51.45 9.03 -4.16
N LYS D 229 52.69 8.58 -4.34
CA LYS D 229 53.41 8.92 -5.56
C LYS D 229 52.86 8.19 -6.80
N LYS D 230 52.56 6.90 -6.66
CA LYS D 230 51.96 6.14 -7.78
C LYS D 230 50.63 6.74 -8.19
N ALA D 231 49.84 7.23 -7.23
CA ALA D 231 48.54 7.84 -7.57
C ALA D 231 48.68 9.21 -8.23
N GLY D 232 49.86 9.82 -8.16
CA GLY D 232 50.10 11.09 -8.83
C GLY D 232 49.90 12.28 -7.92
N TYR D 233 49.96 12.06 -6.61
CA TYR D 233 49.66 13.12 -5.66
C TYR D 233 50.83 13.51 -4.72
N GLU D 234 52.05 13.28 -5.20
CA GLU D 234 53.26 13.56 -4.43
C GLU D 234 53.35 15.01 -3.93
N ASN D 235 53.67 15.18 -2.65
CA ASN D 235 53.73 16.50 -2.00
C ASN D 235 52.36 17.13 -1.67
N ARG D 236 51.25 16.58 -2.17
CA ARG D 236 49.92 17.15 -1.94
C ARG D 236 49.16 16.42 -0.87
N VAL D 237 49.65 15.24 -0.50
CA VAL D 237 49.05 14.42 0.52
C VAL D 237 50.13 14.17 1.57
N LYS D 238 49.81 14.36 2.84
CA LYS D 238 50.73 14.13 3.94
C LYS D 238 50.30 12.96 4.84
N ILE D 239 51.13 12.66 5.85
CA ILE D 239 50.94 11.49 6.66
C ILE D 239 50.65 11.93 8.07
N ALA D 240 49.67 11.29 8.70
CA ALA D 240 49.31 11.60 10.08
C ALA D 240 49.34 10.28 10.78
N LEU D 241 49.74 10.27 12.04
CA LEU D 241 49.83 9.03 12.76
C LEU D 241 48.99 9.14 14.01
N ASP D 242 48.38 8.01 14.41
CA ASP D 242 47.95 7.79 15.80
C ASP D 242 48.76 6.66 16.37
N VAL D 243 49.68 7.01 17.25
CA VAL D 243 50.53 6.03 17.91
C VAL D 243 49.80 5.25 19.02
N ALA D 244 48.84 5.90 19.68
CA ALA D 244 48.10 5.33 20.83
C ALA D 244 49.08 4.72 21.77
N SER D 245 50.10 5.49 22.11
CA SER D 245 51.20 4.98 22.90
C SER D 245 50.82 4.49 24.29
N THR D 246 49.68 4.95 24.84
CA THR D 246 49.22 4.45 26.15
C THR D 246 49.06 2.92 26.11
N GLU D 247 48.70 2.37 24.95
CA GLU D 247 48.54 0.93 24.82
C GLU D 247 49.80 0.15 25.09
N PHE D 248 50.97 0.74 24.83
CA PHE D 248 52.23 0.02 25.07
C PHE D 248 53.15 0.63 26.10
N PHE D 249 52.58 1.44 26.98
CA PHE D 249 53.33 2.12 28.03
C PHE D 249 53.14 1.33 29.31
N LYS D 250 54.23 0.99 29.96
CA LYS D 250 54.18 0.13 31.14
C LYS D 250 55.47 0.27 31.91
N ASP D 251 55.35 0.43 33.22
CA ASP D 251 56.51 0.59 34.09
C ASP D 251 57.47 1.63 33.54
N GLY D 252 56.93 2.80 33.20
CA GLY D 252 57.74 3.96 32.88
C GLY D 252 58.21 4.05 31.46
N LYS D 253 58.00 3.00 30.67
CA LYS D 253 58.64 2.92 29.37
C LYS D 253 57.66 2.46 28.32
N TYR D 254 58.06 2.60 27.06
CA TYR D 254 57.19 2.33 25.91
C TYR D 254 57.70 1.13 25.13
N HIS D 255 56.96 0.02 25.19
CA HIS D 255 57.40 -1.24 24.63
C HIS D 255 56.99 -1.38 23.17
N MET D 256 57.94 -1.10 22.29
CA MET D 256 57.72 -1.16 20.84
C MET D 256 59.00 -1.60 20.11
N GLU D 257 58.82 -2.28 18.99
CA GLU D 257 59.92 -2.75 18.15
C GLU D 257 60.99 -3.49 18.96
N GLY D 258 60.58 -4.44 19.80
CA GLY D 258 61.47 -5.24 20.63
C GLY D 258 62.23 -4.52 21.74
N LYS D 259 61.92 -3.27 21.99
CA LYS D 259 62.68 -2.44 22.94
C LYS D 259 61.76 -1.79 23.97
N ALA D 260 62.34 -1.33 25.07
CA ALA D 260 61.66 -0.44 26.02
C ALA D 260 62.22 0.96 25.83
N PHE D 261 61.42 1.85 25.24
CA PHE D 261 61.89 3.21 25.01
C PHE D 261 61.59 4.12 26.19
N SER D 262 62.58 4.92 26.56
CA SER D 262 62.33 6.08 27.42
CA SER D 262 62.31 6.08 27.43
C SER D 262 61.40 7.05 26.70
N SER D 263 60.80 7.95 27.44
CA SER D 263 60.05 9.06 26.85
C SER D 263 60.94 9.82 25.87
N GLU D 264 62.14 10.19 26.33
CA GLU D 264 63.03 11.02 25.54
C GLU D 264 63.45 10.28 24.27
N ALA D 265 63.71 8.98 24.36
CA ALA D 265 64.02 8.20 23.15
C ALA D 265 62.86 8.09 22.18
N LEU D 266 61.64 8.03 22.68
CA LEU D 266 60.48 7.98 21.78
C LEU D 266 60.30 9.31 21.07
N ILE D 267 60.51 10.39 21.81
CA ILE D 267 60.50 11.75 21.23
C ILE D 267 61.54 11.88 20.11
N GLU D 268 62.79 11.41 20.38
CA GLU D 268 63.83 11.45 19.36
C GLU D 268 63.44 10.58 18.19
N ARG D 269 62.76 9.47 18.42
CA ARG D 269 62.23 8.72 17.29
C ARG D 269 61.24 9.54 16.44
N TYR D 270 60.38 10.34 17.08
CA TYR D 270 59.43 11.16 16.30
C TYR D 270 60.17 12.20 15.48
N VAL D 271 61.18 12.79 16.13
CA VAL D 271 62.03 13.75 15.48
C VAL D 271 62.66 13.16 14.22
N GLU D 272 63.21 11.95 14.32
CA GLU D 272 63.80 11.27 13.18
C GLU D 272 62.75 11.03 12.12
N LEU D 273 61.61 10.48 12.54
CA LEU D 273 60.54 10.17 11.59
C LEU D 273 60.07 11.42 10.86
N CYS D 274 59.95 12.54 11.58
CA CYS D 274 59.48 13.77 10.96
C CYS D 274 60.54 14.40 10.09
N ALA D 275 61.83 14.14 10.36
CA ALA D 275 62.90 14.61 9.47
C ALA D 275 62.81 13.90 8.13
N LYS D 276 62.51 12.61 8.15
CA LYS D 276 62.57 11.79 6.93
C LYS D 276 61.29 11.72 6.10
N TYR D 277 60.13 11.80 6.76
CA TYR D 277 58.83 11.72 6.06
C TYR D 277 57.97 12.96 6.30
N PRO D 278 56.96 13.19 5.44
CA PRO D 278 56.06 14.34 5.60
C PRO D 278 54.91 14.02 6.56
N ILE D 279 55.27 13.71 7.80
CA ILE D 279 54.34 13.52 8.90
C ILE D 279 53.95 14.91 9.34
N CYS D 280 52.65 15.24 9.31
CA CYS D 280 52.23 16.56 9.77
C CYS D 280 51.56 16.50 11.11
N SER D 281 51.21 15.30 11.60
CA SER D 281 50.50 15.20 12.87
C SER D 281 50.78 13.87 13.55
N ILE D 282 50.88 13.93 14.88
CA ILE D 282 51.02 12.74 15.69
C ILE D 282 50.11 12.82 16.88
N GLU D 283 49.27 11.79 17.01
CA GLU D 283 48.30 11.70 18.09
C GLU D 283 48.78 10.71 19.09
N ASP D 284 48.69 11.10 20.36
CA ASP D 284 49.10 10.30 21.51
C ASP D 284 50.50 9.68 21.41
N GLY D 285 51.46 10.48 20.93
CA GLY D 285 52.86 10.08 20.84
C GLY D 285 53.43 9.62 22.18
N LEU D 286 52.94 10.22 23.25
CA LEU D 286 53.27 9.79 24.61
C LEU D 286 52.00 9.43 25.36
N ALA D 287 52.13 8.74 26.48
CA ALA D 287 50.98 8.16 27.18
C ALA D 287 50.17 9.20 27.95
N GLU D 288 48.96 8.81 28.34
CA GLU D 288 47.94 9.71 28.88
C GLU D 288 48.31 10.30 30.23
N ASN D 289 49.21 9.63 30.96
CA ASN D 289 49.70 10.16 32.23
C ASN D 289 51.18 10.50 32.24
N ASP D 290 51.81 10.51 31.05
CA ASP D 290 53.23 10.88 30.96
C ASP D 290 53.36 12.40 30.82
N PHE D 291 53.08 13.13 31.89
CA PHE D 291 52.93 14.57 31.78
C PHE D 291 54.24 15.28 31.44
N GLU D 292 55.32 14.87 32.11
CA GLU D 292 56.62 15.49 31.88
C GLU D 292 57.07 15.22 30.44
N GLY D 293 56.85 14.01 29.97
CA GLY D 293 57.11 13.67 28.58
C GLY D 293 56.38 14.55 27.56
N TRP D 294 55.07 14.73 27.74
CA TRP D 294 54.25 15.57 26.86
C TRP D 294 54.81 17.00 26.81
N ILE D 295 55.23 17.51 27.97
CA ILE D 295 55.82 18.84 28.04
C ILE D 295 57.06 18.93 27.16
N LYS D 296 57.96 17.93 27.25
CA LYS D 296 59.15 17.90 26.40
C LYS D 296 58.84 17.67 24.92
N LEU D 297 57.89 16.77 24.63
CA LEU D 297 57.52 16.52 23.25
C LEU D 297 56.97 17.80 22.63
N THR D 298 56.15 18.50 23.40
CA THR D 298 55.51 19.71 22.90
C THR D 298 56.57 20.79 22.65
N GLU D 299 57.49 20.97 23.59
CA GLU D 299 58.64 21.90 23.42
C GLU D 299 59.46 21.56 22.19
N LYS D 300 59.68 20.26 21.99
CA LYS D 300 60.58 19.84 20.92
C LYS D 300 59.97 19.99 19.53
N LEU D 301 58.75 19.48 19.34
CA LEU D 301 58.17 19.37 18.00
C LEU D 301 56.90 20.20 17.80
N GLY D 302 56.40 20.84 18.87
CA GLY D 302 55.14 21.58 18.85
C GLY D 302 55.01 22.78 17.93
N ASN D 303 56.13 23.35 17.53
CA ASN D 303 56.12 24.43 16.58
C ASN D 303 56.37 23.90 15.16
N LYS D 304 56.51 22.59 15.00
CA LYS D 304 56.77 22.00 13.68
C LYS D 304 55.65 21.12 13.20
N ILE D 305 55.07 20.33 14.10
CA ILE D 305 54.00 19.41 13.74
C ILE D 305 52.85 19.49 14.72
N GLN D 306 51.72 18.96 14.29
CA GLN D 306 50.53 18.93 15.12
C GLN D 306 50.75 17.80 16.10
N LEU D 307 50.34 18.02 17.34
CA LEU D 307 50.46 17.02 18.38
C LEU D 307 49.12 16.90 19.05
N VAL D 308 48.41 15.82 18.75
CA VAL D 308 47.04 15.66 19.15
C VAL D 308 46.93 14.84 20.46
N GLY D 309 46.28 15.39 21.49
CA GLY D 309 45.79 14.61 22.63
C GLY D 309 44.45 13.93 22.33
N ASP D 310 44.40 12.60 22.50
CA ASP D 310 43.17 11.78 22.41
C ASP D 310 42.96 11.27 23.87
N ASP D 311 43.62 10.21 24.27
CA ASP D 311 43.48 9.67 25.63
C ASP D 311 43.97 10.70 26.68
N LEU D 312 44.86 11.60 26.25
CA LEU D 312 45.36 12.65 27.13
C LEU D 312 44.25 13.57 27.63
N PHE D 313 43.31 13.93 26.74
CA PHE D 313 42.28 14.91 27.09
C PHE D 313 40.86 14.36 27.15
N VAL D 314 40.59 13.20 26.54
CA VAL D 314 39.26 12.60 26.50
C VAL D 314 38.12 13.63 26.29
N THR D 315 38.35 14.60 25.39
CA THR D 315 37.35 15.60 25.02
C THR D 315 36.83 16.39 26.24
N ASN D 316 37.58 16.41 27.31
CA ASN D 316 37.10 16.97 28.56
C ASN D 316 37.72 18.35 28.78
N GLU D 317 36.83 19.33 28.96
CA GLU D 317 37.19 20.73 29.06
C GLU D 317 38.17 20.99 30.17
N ASP D 318 37.88 20.47 31.38
CA ASP D 318 38.78 20.64 32.52
C ASP D 318 40.12 20.00 32.33
N ILE D 319 40.18 18.82 31.72
CA ILE D 319 41.48 18.22 31.49
C ILE D 319 42.25 19.00 30.44
N LEU D 320 41.56 19.45 29.39
CA LEU D 320 42.24 20.23 28.37
C LEU D 320 42.75 21.54 28.95
N ARG D 321 41.98 22.15 29.85
CA ARG D 321 42.37 23.46 30.39
C ARG D 321 43.70 23.33 31.09
N GLU D 322 43.88 22.30 31.93
CA GLU D 322 45.19 22.06 32.58
C GLU D 322 46.31 21.78 31.59
N GLY D 323 45.98 21.10 30.51
CA GLY D 323 46.95 20.84 29.45
C GLY D 323 47.42 22.13 28.83
N ILE D 324 46.48 23.02 28.59
CA ILE D 324 46.80 24.32 28.01
C ILE D 324 47.77 25.05 28.92
N ILE D 325 47.43 25.09 30.22
CA ILE D 325 48.26 25.78 31.22
C ILE D 325 49.67 25.21 31.30
N LYS D 326 49.81 23.88 31.17
CA LYS D 326 51.10 23.20 31.32
C LYS D 326 51.78 23.01 29.98
N LYS D 327 51.23 23.50 28.90
CA LYS D 327 51.88 23.41 27.59
C LYS D 327 52.08 21.97 27.05
N MET D 328 51.01 21.19 27.12
CA MET D 328 50.99 19.82 26.61
C MET D 328 50.14 19.78 25.37
N ALA D 329 50.72 19.35 24.23
CA ALA D 329 50.01 19.16 22.96
C ALA D 329 49.70 20.49 22.32
N ASN D 330 49.31 20.47 21.04
CA ASN D 330 48.75 21.64 20.41
C ASN D 330 47.44 21.34 19.64
N ALA D 331 46.78 20.23 19.98
CA ALA D 331 45.54 19.83 19.31
C ALA D 331 44.82 18.79 20.14
N VAL D 332 43.51 18.66 19.94
CA VAL D 332 42.69 17.75 20.73
C VAL D 332 41.75 16.98 19.79
N LEU D 333 41.70 15.67 19.99
CA LEU D 333 40.74 14.84 19.31
C LEU D 333 39.39 15.05 19.98
N ILE D 334 38.34 15.22 19.19
CA ILE D 334 37.01 15.53 19.75
C ILE D 334 36.03 14.36 19.49
N LYS D 335 35.68 13.63 20.55
CA LYS D 335 34.80 12.47 20.46
C LYS D 335 33.58 12.73 21.31
N PRO D 336 32.47 13.19 20.69
CA PRO D 336 31.32 13.66 21.46
C PRO D 336 30.79 12.68 22.50
N ASN D 337 30.82 11.38 22.20
CA ASN D 337 30.26 10.39 23.13
C ASN D 337 31.13 10.16 24.37
N GLN D 338 32.37 10.62 24.26
CA GLN D 338 33.33 10.54 25.33
C GLN D 338 33.02 11.50 26.48
N ILE D 339 32.31 12.57 26.15
CA ILE D 339 31.98 13.63 27.07
C ILE D 339 30.50 13.72 27.37
N GLY D 340 29.63 13.35 26.41
CA GLY D 340 28.22 13.01 26.72
C GLY D 340 27.09 13.92 26.30
N THR D 341 27.40 15.16 25.94
CA THR D 341 26.45 16.04 25.31
C THR D 341 27.11 16.92 24.24
N ILE D 342 26.29 17.43 23.37
CA ILE D 342 26.72 18.40 22.33
C ILE D 342 27.27 19.74 22.94
N THR D 343 26.62 20.25 24.00
CA THR D 343 27.02 21.51 24.60
C THR D 343 28.43 21.36 25.22
N GLN D 344 28.62 20.28 25.96
CA GLN D 344 29.94 19.94 26.55
C GLN D 344 31.01 19.74 25.49
N THR D 345 30.68 19.07 24.39
CA THR D 345 31.60 18.95 23.26
C THR D 345 31.97 20.36 22.79
N MET D 346 30.96 21.20 22.61
CA MET D 346 31.15 22.60 22.16
C MET D 346 32.03 23.43 23.10
N ARG D 347 31.86 23.23 24.39
CA ARG D 347 32.66 23.89 25.41
CA ARG D 347 32.67 23.89 25.41
C ARG D 347 34.15 23.53 25.26
N THR D 348 34.41 22.26 24.97
CA THR D 348 35.77 21.78 24.85
C THR D 348 36.37 22.37 23.59
N VAL D 349 35.61 22.39 22.50
CA VAL D 349 36.14 22.96 21.26
C VAL D 349 36.39 24.46 21.39
N ARG D 350 35.46 25.22 21.98
CA ARG D 350 35.69 26.65 22.13
C ARG D 350 36.90 26.94 23.00
N LEU D 351 37.08 26.20 24.08
CA LEU D 351 38.28 26.37 24.90
C LEU D 351 39.54 26.24 24.07
N ALA D 352 39.54 25.24 23.21
CA ALA D 352 40.73 24.89 22.46
C ALA D 352 40.98 26.00 21.44
N GLN D 353 39.92 26.46 20.80
CA GLN D 353 40.09 27.40 19.69
C GLN D 353 40.48 28.76 20.21
N ARG D 354 40.16 29.07 21.47
CA ARG D 354 40.61 30.31 22.09
C ARG D 354 42.09 30.28 22.45
N ASN D 355 42.67 29.09 22.55
CA ASN D 355 44.02 28.95 23.06
C ASN D 355 44.96 28.30 22.05
N ASN D 356 44.67 28.47 20.77
CA ASN D 356 45.53 28.01 19.68
C ASN D 356 45.72 26.49 19.68
N TYR D 357 44.69 25.73 20.08
CA TYR D 357 44.67 24.28 19.92
C TYR D 357 43.75 23.90 18.75
N LYS D 358 44.26 23.11 17.80
CA LYS D 358 43.44 22.64 16.72
C LYS D 358 42.57 21.49 17.20
N CYS D 359 41.38 21.37 16.61
CA CYS D 359 40.40 20.35 16.99
C CYS D 359 40.18 19.43 15.80
N VAL D 360 40.21 18.13 16.09
CA VAL D 360 40.00 17.10 15.09
C VAL D 360 38.71 16.37 15.49
N MET D 361 37.65 16.64 14.74
CA MET D 361 36.37 16.00 14.99
C MET D 361 36.54 14.52 14.67
N SER D 362 36.15 13.66 15.60
CA SER D 362 36.48 12.25 15.48
C SER D 362 35.37 11.20 15.51
N HIS D 363 35.55 10.14 14.71
CA HIS D 363 34.76 8.91 14.85
C HIS D 363 35.17 8.05 16.05
N ARG D 364 34.41 6.98 16.27
CA ARG D 364 34.81 5.90 17.19
C ARG D 364 34.91 4.64 16.35
N SER D 365 35.53 3.59 16.90
CA SER D 365 35.71 2.38 16.07
C SER D 365 34.43 1.60 15.88
N GLY D 366 33.56 1.67 16.88
CA GLY D 366 32.16 1.26 16.76
C GLY D 366 31.31 2.46 16.36
N GLU D 367 31.12 2.65 15.04
CA GLU D 367 30.31 3.75 14.48
C GLU D 367 28.93 3.28 14.03
N SER D 368 28.17 4.19 13.44
CA SER D 368 26.93 3.84 12.80
C SER D 368 26.80 4.59 11.48
N GLU D 369 25.67 4.39 10.81
CA GLU D 369 25.28 5.15 9.62
C GLU D 369 25.03 6.65 9.90
N ASP D 370 24.96 7.04 11.17
CA ASP D 370 24.71 8.42 11.55
C ASP D 370 25.95 9.27 11.22
N ALA D 371 25.73 10.35 10.42
CA ALA D 371 26.80 11.27 10.04
C ALA D 371 26.82 12.60 10.81
N PHE D 372 26.34 12.62 12.05
CA PHE D 372 26.30 13.85 12.88
C PHE D 372 27.64 14.55 12.88
N ILE D 373 28.74 13.79 12.97
CA ILE D 373 30.05 14.40 13.19
C ILE D 373 30.53 15.17 11.95
N ALA D 374 30.01 14.84 10.78
CA ALA D 374 30.32 15.64 9.57
C ALA D 374 29.70 17.04 9.71
N ASP D 375 28.41 17.11 10.08
CA ASP D 375 27.79 18.41 10.35
C ASP D 375 28.54 19.13 11.46
N PHE D 376 28.94 18.39 12.51
CA PHE D 376 29.50 18.98 13.68
C PHE D 376 30.85 19.60 13.34
N ALA D 377 31.63 18.92 12.51
CA ALA D 377 32.94 19.45 12.09
C ALA D 377 32.77 20.75 11.38
N VAL D 378 31.80 20.81 10.46
CA VAL D 378 31.58 22.05 9.65
C VAL D 378 31.02 23.13 10.59
N ALA D 379 30.10 22.77 11.50
CA ALA D 379 29.43 23.74 12.39
C ALA D 379 30.47 24.53 13.15
N LEU D 380 31.53 23.85 13.60
CA LEU D 380 32.47 24.43 14.53
C LEU D 380 33.72 24.86 13.81
N ASN D 381 33.73 24.76 12.47
CA ASN D 381 34.89 25.11 11.70
C ASN D 381 36.16 24.45 12.27
N THR D 382 36.07 23.15 12.58
CA THR D 382 37.25 22.45 13.13
C THR D 382 38.40 22.44 12.15
N GLY D 383 38.11 22.35 10.84
CA GLY D 383 39.16 22.32 9.82
C GLY D 383 39.75 20.92 9.62
N GLN D 384 39.48 19.99 10.55
CA GLN D 384 39.97 18.60 10.47
C GLN D 384 38.95 17.62 11.00
N ILE D 385 38.98 16.43 10.41
CA ILE D 385 38.10 15.34 10.74
C ILE D 385 38.82 14.01 10.59
N LYS D 386 38.53 13.10 11.51
CA LYS D 386 39.06 11.75 11.42
C LYS D 386 37.89 10.79 11.44
N THR D 387 37.56 10.25 10.28
CA THR D 387 36.35 9.44 10.22
C THR D 387 36.52 8.17 9.40
N GLY D 388 37.75 7.70 9.26
CA GLY D 388 38.07 6.36 8.73
C GLY D 388 38.69 6.28 7.34
N ALA D 389 38.86 5.04 6.91
CA ALA D 389 39.26 4.74 5.54
C ALA D 389 38.14 5.08 4.56
N LEU D 390 38.42 4.88 3.29
CA LEU D 390 37.49 5.23 2.24
C LEU D 390 36.60 4.00 1.86
N ALA D 391 36.10 3.33 2.88
CA ALA D 391 35.32 2.11 2.71
C ALA D 391 34.62 1.85 4.04
N ARG D 392 33.56 1.08 3.94
CA ARG D 392 32.60 0.76 4.98
C ARG D 392 31.61 1.89 5.20
N GLY D 393 30.32 1.52 5.14
CA GLY D 393 29.24 2.51 5.19
C GLY D 393 29.22 3.48 6.33
N GLU D 394 29.58 3.02 7.54
CA GLU D 394 29.63 3.89 8.71
C GLU D 394 30.73 4.98 8.61
N ARG D 395 31.63 4.83 7.66
CA ARG D 395 32.67 5.82 7.36
C ARG D 395 32.27 6.65 6.16
N THR D 396 31.92 5.98 5.08
CA THR D 396 31.57 6.70 3.88
C THR D 396 30.32 7.55 4.06
N ALA D 397 29.46 7.20 5.05
CA ALA D 397 28.29 8.07 5.34
C ALA D 397 28.70 9.50 5.73
N LYS D 398 29.86 9.65 6.39
CA LYS D 398 30.34 10.96 6.78
C LYS D 398 30.91 11.70 5.60
N TYR D 399 31.72 11.01 4.82
CA TYR D 399 32.30 11.62 3.63
C TYR D 399 31.19 12.11 2.73
N ASN D 400 30.14 11.28 2.57
CA ASN D 400 29.00 11.62 1.69
C ASN D 400 28.25 12.84 2.22
N ARG D 401 28.07 12.92 3.54
CA ARG D 401 27.42 14.04 4.10
C ARG D 401 28.22 15.33 3.84
N LEU D 402 29.54 15.27 3.91
CA LEU D 402 30.40 16.40 3.62
C LEU D 402 30.31 16.78 2.12
N LEU D 403 30.23 15.79 1.25
CA LEU D 403 29.98 16.03 -0.19
C LEU D 403 28.63 16.73 -0.43
N GLU D 404 27.64 16.45 0.42
CA GLU D 404 26.37 17.15 0.32
C GLU D 404 26.47 18.60 0.76
N ILE D 405 27.05 18.79 1.95
CA ILE D 405 27.30 20.14 2.52
C ILE D 405 28.11 21.00 1.55
N GLU D 406 29.06 20.39 0.85
CA GLU D 406 29.87 21.10 -0.17
C GLU D 406 29.08 21.87 -1.27
N PHE D 407 27.85 21.45 -1.60
CA PHE D 407 26.98 22.21 -2.52
C PHE D 407 26.42 23.51 -1.95
N GLU D 408 26.42 23.66 -0.64
CA GLU D 408 25.94 24.86 0.03
C GLU D 408 27.08 25.73 0.54
N SER D 409 28.11 25.08 1.07
CA SER D 409 29.34 25.74 1.50
C SER D 409 30.52 24.91 0.99
N ASP D 410 31.20 25.43 -0.02
CA ASP D 410 32.31 24.73 -0.64
C ASP D 410 33.70 25.16 -0.12
N GLU D 411 33.77 25.89 1.00
CA GLU D 411 35.07 26.42 1.43
C GLU D 411 35.96 25.27 1.98
N TYR D 412 37.11 25.08 1.33
CA TYR D 412 38.09 24.09 1.79
C TYR D 412 39.46 24.75 1.95
N LEU D 413 40.03 24.76 3.14
CA LEU D 413 41.32 25.50 3.34
C LEU D 413 42.51 24.81 2.71
N GLY D 414 42.57 23.50 2.88
CA GLY D 414 43.67 22.75 2.31
C GLY D 414 44.95 23.28 2.94
N GLU D 415 45.83 23.81 2.10
CA GLU D 415 47.10 24.37 2.56
C GLU D 415 47.07 25.84 3.02
N LYS D 416 45.95 26.51 2.93
CA LYS D 416 45.89 27.93 3.30
C LYS D 416 45.82 28.13 4.80
N LEU D 417 46.39 29.23 5.28
CA LEU D 417 46.27 29.61 6.71
C LEU D 417 44.79 29.84 7.15
MG MG E . -44.59 6.70 -15.87
C1 MPD F . -21.73 6.98 -6.40
C2 MPD F . -21.19 8.42 -6.23
O2 MPD F . -21.79 9.27 -7.25
CM MPD F . -19.66 8.47 -6.40
C3 MPD F . -21.57 8.86 -4.81
C4 MPD F . -21.74 10.37 -4.60
O4 MPD F . -20.54 11.06 -4.92
C5 MPD F . -22.15 10.73 -3.16
C1 GOL G . -25.34 7.86 0.59
O1 GOL G . -24.53 7.83 1.75
C2 GOL G . -25.60 6.44 0.14
O2 GOL G . -26.30 6.36 -1.07
C3 GOL G . -26.37 5.70 1.22
O3 GOL G . -25.51 4.67 1.64
MG MG H . -20.36 -20.41 -3.11
C1 MPD I . -21.59 5.81 1.62
C2 MPD I . -21.06 4.55 0.90
O2 MPD I . -22.14 3.89 0.16
CM MPD I . -20.53 3.53 1.92
C3 MPD I . -19.99 5.01 -0.10
C4 MPD I . -18.60 5.16 0.53
O4 MPD I . -18.69 6.09 1.58
C5 MPD I . -17.53 5.60 -0.48
S SO4 J . -4.28 -23.96 -11.95
O1 SO4 J . -3.26 -23.19 -12.65
O2 SO4 J . -4.33 -23.57 -10.53
O3 SO4 J . -5.59 -23.69 -12.53
O4 SO4 J . -3.99 -25.40 -12.07
MG MG K . 24.45 -14.36 -6.18
C1 MPD L . 19.69 8.16 1.04
C2 MPD L . 19.60 8.45 2.53
O2 MPD L . 20.77 7.86 3.19
CM MPD L . 19.64 9.96 2.81
C3 MPD L . 18.39 7.71 3.10
C4 MPD L . 17.08 8.48 3.24
O4 MPD L . 17.30 9.85 3.46
C5 MPD L . 16.28 7.91 4.41
C1 GOL M . 38.07 -24.05 12.88
O1 GOL M . 38.63 -22.79 13.14
C2 GOL M . 39.02 -24.90 12.00
O2 GOL M . 40.02 -24.11 11.37
C3 GOL M . 38.22 -25.63 10.92
O3 GOL M . 37.17 -26.36 11.53
C1 GOL N . 18.22 2.83 10.74
O1 GOL N . 19.12 3.71 11.38
C2 GOL N . 17.97 3.22 9.27
O2 GOL N . 18.94 4.08 8.70
C3 GOL N . 16.59 3.81 9.14
O3 GOL N . 16.31 4.86 10.07
S SO4 O . 10.09 -25.01 -1.25
O1 SO4 O . 11.34 -24.28 -1.03
O2 SO4 O . 9.28 -24.94 -0.03
O3 SO4 O . 9.36 -24.39 -2.35
O4 SO4 O . 10.35 -26.41 -1.58
MG MG P . 43.63 7.65 19.31
C1 MPD Q . 20.70 7.04 10.66
C2 MPD Q . 19.85 8.22 11.11
O2 MPD Q . 20.10 8.58 12.52
CM MPD Q . 18.35 7.91 10.96
C3 MPD Q . 20.32 9.40 10.27
C4 MPD Q . 19.73 10.72 10.80
O4 MPD Q . 18.33 10.52 10.91
C5 MPD Q . 20.05 11.93 9.88
S SO4 R . 51.34 23.49 14.20
O1 SO4 R . 51.20 24.55 13.19
O2 SO4 R . 50.04 22.84 14.47
O3 SO4 R . 51.87 24.08 15.43
O4 SO4 R . 52.30 22.50 13.70
#